data_9JJH
# 
_entry.id   9JJH 
# 
_audit_conform.dict_name       mmcif_pdbx.dic 
_audit_conform.dict_version    5.399 
_audit_conform.dict_location   http://mmcif.pdb.org/dictionaries/ascii/mmcif_pdbx.dic 
# 
loop_
_database_2.database_id 
_database_2.database_code 
_database_2.pdbx_database_accession 
_database_2.pdbx_DOI 
PDB   9JJH         pdb_00009jjh 10.2210/pdb9jjh/pdb 
WWPDB D_1300051456 ?            ?                   
EMDB  EMD-61527    ?            ?                   
# 
loop_
_pdbx_audit_revision_history.ordinal 
_pdbx_audit_revision_history.data_content_type 
_pdbx_audit_revision_history.major_revision 
_pdbx_audit_revision_history.minor_revision 
_pdbx_audit_revision_history.revision_date 
1 'Structure model' 1 0 2024-10-16 
2 'Structure model' 1 1 2024-11-06 
3 'Structure model' 1 2 2024-12-04 
4 'Structure model' 1 3 2025-01-22 
# 
_pdbx_audit_revision_details.ordinal             1 
_pdbx_audit_revision_details.revision_ordinal    1 
_pdbx_audit_revision_details.data_content_type   'Structure model' 
_pdbx_audit_revision_details.provider            repository 
_pdbx_audit_revision_details.type                'Initial release' 
_pdbx_audit_revision_details.description         ? 
_pdbx_audit_revision_details.details             ? 
# 
loop_
_pdbx_audit_revision_group.ordinal 
_pdbx_audit_revision_group.revision_ordinal 
_pdbx_audit_revision_group.data_content_type 
_pdbx_audit_revision_group.group 
1 2 'Structure model' 'Data collection'     
2 2 'Structure model' 'Database references' 
3 3 'Structure model' 'Data collection'     
4 3 'Structure model' 'Database references' 
5 4 'Structure model' 'Data collection'     
6 4 'Structure model' 'Database references' 
# 
loop_
_pdbx_audit_revision_category.ordinal 
_pdbx_audit_revision_category.revision_ordinal 
_pdbx_audit_revision_category.data_content_type 
_pdbx_audit_revision_category.category 
1 2 'Structure model' citation        
2 2 'Structure model' em_admin        
3 3 'Structure model' citation        
4 3 'Structure model' em_admin        
5 4 'Structure model' citation        
6 4 'Structure model' citation_author 
7 4 'Structure model' em_admin        
# 
loop_
_pdbx_audit_revision_item.ordinal 
_pdbx_audit_revision_item.revision_ordinal 
_pdbx_audit_revision_item.data_content_type 
_pdbx_audit_revision_item.item 
1  2 'Structure model' '_citation.pdbx_database_id_PubMed' 
2  2 'Structure model' '_citation.title'                   
3  2 'Structure model' '_citation.year'                    
4  2 'Structure model' '_em_admin.last_update'             
5  3 'Structure model' '_citation.journal_volume'          
6  3 'Structure model' '_em_admin.last_update'             
7  4 'Structure model' '_citation.page_first'              
8  4 'Structure model' '_citation.page_last'               
9  4 'Structure model' '_citation_author.identifier_ORCID' 
10 4 'Structure model' '_em_admin.last_update'             
# 
_pdbx_database_status.status_code                     REL 
_pdbx_database_status.status_code_sf                  ? 
_pdbx_database_status.status_code_mr                  ? 
_pdbx_database_status.entry_id                        9JJH 
_pdbx_database_status.recvd_initial_deposition_date   2024-09-13 
_pdbx_database_status.SG_entry                        N 
_pdbx_database_status.deposit_site                    PDBJ 
_pdbx_database_status.process_site                    PDBC 
_pdbx_database_status.status_code_cs                  ? 
_pdbx_database_status.status_code_nmr_data            ? 
_pdbx_database_status.methods_development_category    ? 
_pdbx_database_status.pdb_format_compatible           Y 
# 
_pdbx_database_related.db_name        EMDB 
_pdbx_database_related.details        'Cryo-EM structure of a T=1 VLP of RHDV GI.2 with N-terminal 1-37 residues truncated' 
_pdbx_database_related.db_id          EMD-61527 
_pdbx_database_related.content_type   'associated EM volume' 
# 
_pdbx_contact_author.id                 2 
_pdbx_contact_author.email              fangqlin3@mail.sysu.edu.cn 
_pdbx_contact_author.name_first         Qianglin 
_pdbx_contact_author.name_last          Fang 
_pdbx_contact_author.name_mi            ? 
_pdbx_contact_author.role               'principal investigator/group leader' 
_pdbx_contact_author.identifier_ORCID   0000-0003-1844-7313 
# 
loop_
_audit_author.name 
_audit_author.pdbx_ordinal 
_audit_author.identifier_ORCID 
'Ruan, Z.' 1 ?                   
'Shao, Q.' 2 0000-0001-9937-0631 
'Song, Y.' 3 ?                   
'Hu, B.'   4 ?                   
'Fan, Z.'  5 ?                   
'Wei, H.'  6 ?                   
'Liu, Y.'  7 ?                   
'Wang, F.' 8 ?                   
'Fang, Q.' 9 0000-0003-1844-7313 
# 
_citation.abstract                  ? 
_citation.abstract_id_CAS           ? 
_citation.book_id_ISBN              ? 
_citation.book_publisher            ? 
_citation.book_publisher_city       ? 
_citation.book_title                ? 
_citation.coordinate_linkage        ? 
_citation.country                   US 
_citation.database_id_Medline       ? 
_citation.details                   ? 
_citation.id                        primary 
_citation.journal_abbrev            J.Virol. 
_citation.journal_id_ASTM           JOVIAM 
_citation.journal_id_CSD            0825 
_citation.journal_id_ISSN           1098-5514 
_citation.journal_full              ? 
_citation.journal_issue             ? 
_citation.journal_volume            98 
_citation.language                  ? 
_citation.page_first                e0127524 
_citation.page_last                 e0127524 
_citation.title                     
'Near-atomic structures of RHDV reveal insights into capsid assembly and different conformations between mature virion and VLP.' 
_citation.year                      2024 
_citation.database_id_CSD           ? 
_citation.pdbx_database_id_DOI      10.1128/jvi.01275-24 
_citation.pdbx_database_id_PubMed   39436094 
_citation.pdbx_database_id_patent   ? 
_citation.unpublished_flag          ? 
# 
loop_
_citation_author.citation_id 
_citation_author.name 
_citation_author.ordinal 
_citation_author.identifier_ORCID 
primary 'Ruan, Z.' 1 0000-0002-2476-0915 
primary 'Shao, Q.' 2 ?                   
primary 'Song, Y.' 3 ?                   
primary 'Hu, B.'   4 ?                   
primary 'Fan, Z.'  5 ?                   
primary 'Wei, H.'  6 ?                   
primary 'Liu, Y.'  7 ?                   
primary 'Wang, F.' 8 0000-0002-8808-8531 
primary 'Fang, Q.' 9 0000-0003-1844-7313 
# 
_entity.id                         1 
_entity.type                       polymer 
_entity.src_method                 man 
_entity.pdbx_description           'Capsid protein' 
_entity.formula_weight             56900.066 
_entity.pdbx_number_of_molecules   1 
_entity.pdbx_ec                    ? 
_entity.pdbx_mutation              ? 
_entity.pdbx_fragment              ? 
_entity.details                    ? 
# 
_entity_poly.entity_id                      1 
_entity_poly.type                           'polypeptide(L)' 
_entity_poly.nstd_linkage                   no 
_entity_poly.nstd_monomer                   no 
_entity_poly.pdbx_seq_one_letter_code       
;TSVVTTENASTSIATAGIGGPPQQMDQQETWRTNFYYNDVFTWSVADAPGNILYTVQHSPQNNPFTAVLSQMYAGWAGGM
QFRFIVAGSGVFGGRLVAAVIPPGIEIGPGLEVRQFPHVVIDARSLEPVTITMPDLRPNMYHPTGNPGLVPTLVLSVYNN
LINPFGGSTSAIQVTVETRPSEDFEFVMIRAPSSKTVDSISPADLLTTPVLTGVGTDNRWNGEIVGLQPVPGGFSTCNRH
WNLNGSTYGWSSPRFAAIDHDRGNASFPGSSSSNVLELWYASAGSAADNPISQIAPDGFPDMSFVPFSGITIPTAGWVGF
GGIWNSSNGAPYVTTMQAYELGFATGVPSNPQPTTTTSGAQIVAKSIYGVANGINQTTAGLFVMASGVISTPNSSATTYT
PQPNRIVNAPGTPAAAPIGKNTPIMFASVVRRTGDINAEAGSTNGTQYGAGSQPLPVTIGLSLNNYSSALMPGQFFVWQL
NFASGFMELGLSVDGYFYAGTGASATLIDLSDLVDIRPVGPRPSTSTLVYNLGGTTNGFSYV
;
_entity_poly.pdbx_seq_one_letter_code_can   
;TSVVTTENASTSIATAGIGGPPQQMDQQETWRTNFYYNDVFTWSVADAPGNILYTVQHSPQNNPFTAVLSQMYAGWAGGM
QFRFIVAGSGVFGGRLVAAVIPPGIEIGPGLEVRQFPHVVIDARSLEPVTITMPDLRPNMYHPTGNPGLVPTLVLSVYNN
LINPFGGSTSAIQVTVETRPSEDFEFVMIRAPSSKTVDSISPADLLTTPVLTGVGTDNRWNGEIVGLQPVPGGFSTCNRH
WNLNGSTYGWSSPRFAAIDHDRGNASFPGSSSSNVLELWYASAGSAADNPISQIAPDGFPDMSFVPFSGITIPTAGWVGF
GGIWNSSNGAPYVTTMQAYELGFATGVPSNPQPTTTTSGAQIVAKSIYGVANGINQTTAGLFVMASGVISTPNSSATTYT
PQPNRIVNAPGTPAAAPIGKNTPIMFASVVRRTGDINAEAGSTNGTQYGAGSQPLPVTIGLSLNNYSSALMPGQFFVWQL
NFASGFMELGLSVDGYFYAGTGASATLIDLSDLVDIRPVGPRPSTSTLVYNLGGTTNGFSYV
;
_entity_poly.pdbx_strand_id                 A 
_entity_poly.pdbx_target_identifier         ? 
# 
loop_
_entity_poly_seq.entity_id 
_entity_poly_seq.num 
_entity_poly_seq.mon_id 
_entity_poly_seq.hetero 
1 1   THR n 
1 2   SER n 
1 3   VAL n 
1 4   VAL n 
1 5   THR n 
1 6   THR n 
1 7   GLU n 
1 8   ASN n 
1 9   ALA n 
1 10  SER n 
1 11  THR n 
1 12  SER n 
1 13  ILE n 
1 14  ALA n 
1 15  THR n 
1 16  ALA n 
1 17  GLY n 
1 18  ILE n 
1 19  GLY n 
1 20  GLY n 
1 21  PRO n 
1 22  PRO n 
1 23  GLN n 
1 24  GLN n 
1 25  MET n 
1 26  ASP n 
1 27  GLN n 
1 28  GLN n 
1 29  GLU n 
1 30  THR n 
1 31  TRP n 
1 32  ARG n 
1 33  THR n 
1 34  ASN n 
1 35  PHE n 
1 36  TYR n 
1 37  TYR n 
1 38  ASN n 
1 39  ASP n 
1 40  VAL n 
1 41  PHE n 
1 42  THR n 
1 43  TRP n 
1 44  SER n 
1 45  VAL n 
1 46  ALA n 
1 47  ASP n 
1 48  ALA n 
1 49  PRO n 
1 50  GLY n 
1 51  ASN n 
1 52  ILE n 
1 53  LEU n 
1 54  TYR n 
1 55  THR n 
1 56  VAL n 
1 57  GLN n 
1 58  HIS n 
1 59  SER n 
1 60  PRO n 
1 61  GLN n 
1 62  ASN n 
1 63  ASN n 
1 64  PRO n 
1 65  PHE n 
1 66  THR n 
1 67  ALA n 
1 68  VAL n 
1 69  LEU n 
1 70  SER n 
1 71  GLN n 
1 72  MET n 
1 73  TYR n 
1 74  ALA n 
1 75  GLY n 
1 76  TRP n 
1 77  ALA n 
1 78  GLY n 
1 79  GLY n 
1 80  MET n 
1 81  GLN n 
1 82  PHE n 
1 83  ARG n 
1 84  PHE n 
1 85  ILE n 
1 86  VAL n 
1 87  ALA n 
1 88  GLY n 
1 89  SER n 
1 90  GLY n 
1 91  VAL n 
1 92  PHE n 
1 93  GLY n 
1 94  GLY n 
1 95  ARG n 
1 96  LEU n 
1 97  VAL n 
1 98  ALA n 
1 99  ALA n 
1 100 VAL n 
1 101 ILE n 
1 102 PRO n 
1 103 PRO n 
1 104 GLY n 
1 105 ILE n 
1 106 GLU n 
1 107 ILE n 
1 108 GLY n 
1 109 PRO n 
1 110 GLY n 
1 111 LEU n 
1 112 GLU n 
1 113 VAL n 
1 114 ARG n 
1 115 GLN n 
1 116 PHE n 
1 117 PRO n 
1 118 HIS n 
1 119 VAL n 
1 120 VAL n 
1 121 ILE n 
1 122 ASP n 
1 123 ALA n 
1 124 ARG n 
1 125 SER n 
1 126 LEU n 
1 127 GLU n 
1 128 PRO n 
1 129 VAL n 
1 130 THR n 
1 131 ILE n 
1 132 THR n 
1 133 MET n 
1 134 PRO n 
1 135 ASP n 
1 136 LEU n 
1 137 ARG n 
1 138 PRO n 
1 139 ASN n 
1 140 MET n 
1 141 TYR n 
1 142 HIS n 
1 143 PRO n 
1 144 THR n 
1 145 GLY n 
1 146 ASN n 
1 147 PRO n 
1 148 GLY n 
1 149 LEU n 
1 150 VAL n 
1 151 PRO n 
1 152 THR n 
1 153 LEU n 
1 154 VAL n 
1 155 LEU n 
1 156 SER n 
1 157 VAL n 
1 158 TYR n 
1 159 ASN n 
1 160 ASN n 
1 161 LEU n 
1 162 ILE n 
1 163 ASN n 
1 164 PRO n 
1 165 PHE n 
1 166 GLY n 
1 167 GLY n 
1 168 SER n 
1 169 THR n 
1 170 SER n 
1 171 ALA n 
1 172 ILE n 
1 173 GLN n 
1 174 VAL n 
1 175 THR n 
1 176 VAL n 
1 177 GLU n 
1 178 THR n 
1 179 ARG n 
1 180 PRO n 
1 181 SER n 
1 182 GLU n 
1 183 ASP n 
1 184 PHE n 
1 185 GLU n 
1 186 PHE n 
1 187 VAL n 
1 188 MET n 
1 189 ILE n 
1 190 ARG n 
1 191 ALA n 
1 192 PRO n 
1 193 SER n 
1 194 SER n 
1 195 LYS n 
1 196 THR n 
1 197 VAL n 
1 198 ASP n 
1 199 SER n 
1 200 ILE n 
1 201 SER n 
1 202 PRO n 
1 203 ALA n 
1 204 ASP n 
1 205 LEU n 
1 206 LEU n 
1 207 THR n 
1 208 THR n 
1 209 PRO n 
1 210 VAL n 
1 211 LEU n 
1 212 THR n 
1 213 GLY n 
1 214 VAL n 
1 215 GLY n 
1 216 THR n 
1 217 ASP n 
1 218 ASN n 
1 219 ARG n 
1 220 TRP n 
1 221 ASN n 
1 222 GLY n 
1 223 GLU n 
1 224 ILE n 
1 225 VAL n 
1 226 GLY n 
1 227 LEU n 
1 228 GLN n 
1 229 PRO n 
1 230 VAL n 
1 231 PRO n 
1 232 GLY n 
1 233 GLY n 
1 234 PHE n 
1 235 SER n 
1 236 THR n 
1 237 CYS n 
1 238 ASN n 
1 239 ARG n 
1 240 HIS n 
1 241 TRP n 
1 242 ASN n 
1 243 LEU n 
1 244 ASN n 
1 245 GLY n 
1 246 SER n 
1 247 THR n 
1 248 TYR n 
1 249 GLY n 
1 250 TRP n 
1 251 SER n 
1 252 SER n 
1 253 PRO n 
1 254 ARG n 
1 255 PHE n 
1 256 ALA n 
1 257 ALA n 
1 258 ILE n 
1 259 ASP n 
1 260 HIS n 
1 261 ASP n 
1 262 ARG n 
1 263 GLY n 
1 264 ASN n 
1 265 ALA n 
1 266 SER n 
1 267 PHE n 
1 268 PRO n 
1 269 GLY n 
1 270 SER n 
1 271 SER n 
1 272 SER n 
1 273 SER n 
1 274 ASN n 
1 275 VAL n 
1 276 LEU n 
1 277 GLU n 
1 278 LEU n 
1 279 TRP n 
1 280 TYR n 
1 281 ALA n 
1 282 SER n 
1 283 ALA n 
1 284 GLY n 
1 285 SER n 
1 286 ALA n 
1 287 ALA n 
1 288 ASP n 
1 289 ASN n 
1 290 PRO n 
1 291 ILE n 
1 292 SER n 
1 293 GLN n 
1 294 ILE n 
1 295 ALA n 
1 296 PRO n 
1 297 ASP n 
1 298 GLY n 
1 299 PHE n 
1 300 PRO n 
1 301 ASP n 
1 302 MET n 
1 303 SER n 
1 304 PHE n 
1 305 VAL n 
1 306 PRO n 
1 307 PHE n 
1 308 SER n 
1 309 GLY n 
1 310 ILE n 
1 311 THR n 
1 312 ILE n 
1 313 PRO n 
1 314 THR n 
1 315 ALA n 
1 316 GLY n 
1 317 TRP n 
1 318 VAL n 
1 319 GLY n 
1 320 PHE n 
1 321 GLY n 
1 322 GLY n 
1 323 ILE n 
1 324 TRP n 
1 325 ASN n 
1 326 SER n 
1 327 SER n 
1 328 ASN n 
1 329 GLY n 
1 330 ALA n 
1 331 PRO n 
1 332 TYR n 
1 333 VAL n 
1 334 THR n 
1 335 THR n 
1 336 MET n 
1 337 GLN n 
1 338 ALA n 
1 339 TYR n 
1 340 GLU n 
1 341 LEU n 
1 342 GLY n 
1 343 PHE n 
1 344 ALA n 
1 345 THR n 
1 346 GLY n 
1 347 VAL n 
1 348 PRO n 
1 349 SER n 
1 350 ASN n 
1 351 PRO n 
1 352 GLN n 
1 353 PRO n 
1 354 THR n 
1 355 THR n 
1 356 THR n 
1 357 THR n 
1 358 SER n 
1 359 GLY n 
1 360 ALA n 
1 361 GLN n 
1 362 ILE n 
1 363 VAL n 
1 364 ALA n 
1 365 LYS n 
1 366 SER n 
1 367 ILE n 
1 368 TYR n 
1 369 GLY n 
1 370 VAL n 
1 371 ALA n 
1 372 ASN n 
1 373 GLY n 
1 374 ILE n 
1 375 ASN n 
1 376 GLN n 
1 377 THR n 
1 378 THR n 
1 379 ALA n 
1 380 GLY n 
1 381 LEU n 
1 382 PHE n 
1 383 VAL n 
1 384 MET n 
1 385 ALA n 
1 386 SER n 
1 387 GLY n 
1 388 VAL n 
1 389 ILE n 
1 390 SER n 
1 391 THR n 
1 392 PRO n 
1 393 ASN n 
1 394 SER n 
1 395 SER n 
1 396 ALA n 
1 397 THR n 
1 398 THR n 
1 399 TYR n 
1 400 THR n 
1 401 PRO n 
1 402 GLN n 
1 403 PRO n 
1 404 ASN n 
1 405 ARG n 
1 406 ILE n 
1 407 VAL n 
1 408 ASN n 
1 409 ALA n 
1 410 PRO n 
1 411 GLY n 
1 412 THR n 
1 413 PRO n 
1 414 ALA n 
1 415 ALA n 
1 416 ALA n 
1 417 PRO n 
1 418 ILE n 
1 419 GLY n 
1 420 LYS n 
1 421 ASN n 
1 422 THR n 
1 423 PRO n 
1 424 ILE n 
1 425 MET n 
1 426 PHE n 
1 427 ALA n 
1 428 SER n 
1 429 VAL n 
1 430 VAL n 
1 431 ARG n 
1 432 ARG n 
1 433 THR n 
1 434 GLY n 
1 435 ASP n 
1 436 ILE n 
1 437 ASN n 
1 438 ALA n 
1 439 GLU n 
1 440 ALA n 
1 441 GLY n 
1 442 SER n 
1 443 THR n 
1 444 ASN n 
1 445 GLY n 
1 446 THR n 
1 447 GLN n 
1 448 TYR n 
1 449 GLY n 
1 450 ALA n 
1 451 GLY n 
1 452 SER n 
1 453 GLN n 
1 454 PRO n 
1 455 LEU n 
1 456 PRO n 
1 457 VAL n 
1 458 THR n 
1 459 ILE n 
1 460 GLY n 
1 461 LEU n 
1 462 SER n 
1 463 LEU n 
1 464 ASN n 
1 465 ASN n 
1 466 TYR n 
1 467 SER n 
1 468 SER n 
1 469 ALA n 
1 470 LEU n 
1 471 MET n 
1 472 PRO n 
1 473 GLY n 
1 474 GLN n 
1 475 PHE n 
1 476 PHE n 
1 477 VAL n 
1 478 TRP n 
1 479 GLN n 
1 480 LEU n 
1 481 ASN n 
1 482 PHE n 
1 483 ALA n 
1 484 SER n 
1 485 GLY n 
1 486 PHE n 
1 487 MET n 
1 488 GLU n 
1 489 LEU n 
1 490 GLY n 
1 491 LEU n 
1 492 SER n 
1 493 VAL n 
1 494 ASP n 
1 495 GLY n 
1 496 TYR n 
1 497 PHE n 
1 498 TYR n 
1 499 ALA n 
1 500 GLY n 
1 501 THR n 
1 502 GLY n 
1 503 ALA n 
1 504 SER n 
1 505 ALA n 
1 506 THR n 
1 507 LEU n 
1 508 ILE n 
1 509 ASP n 
1 510 LEU n 
1 511 SER n 
1 512 ASP n 
1 513 LEU n 
1 514 VAL n 
1 515 ASP n 
1 516 ILE n 
1 517 ARG n 
1 518 PRO n 
1 519 VAL n 
1 520 GLY n 
1 521 PRO n 
1 522 ARG n 
1 523 PRO n 
1 524 SER n 
1 525 THR n 
1 526 SER n 
1 527 THR n 
1 528 LEU n 
1 529 VAL n 
1 530 TYR n 
1 531 ASN n 
1 532 LEU n 
1 533 GLY n 
1 534 GLY n 
1 535 THR n 
1 536 THR n 
1 537 ASN n 
1 538 GLY n 
1 539 PHE n 
1 540 SER n 
1 541 TYR n 
1 542 VAL n 
# 
_entity_src_gen.entity_id                          1 
_entity_src_gen.pdbx_src_id                        1 
_entity_src_gen.pdbx_alt_source_flag               sample 
_entity_src_gen.pdbx_seq_type                      'Biological sequence' 
_entity_src_gen.pdbx_beg_seq_num                   1 
_entity_src_gen.pdbx_end_seq_num                   542 
_entity_src_gen.gene_src_common_name               ? 
_entity_src_gen.gene_src_genus                     ? 
_entity_src_gen.pdbx_gene_src_gene                 ? 
_entity_src_gen.gene_src_species                   ? 
_entity_src_gen.gene_src_strain                    GI.2 
_entity_src_gen.gene_src_tissue                    ? 
_entity_src_gen.gene_src_tissue_fraction           ? 
_entity_src_gen.gene_src_details                   ? 
_entity_src_gen.pdbx_gene_src_fragment             ? 
_entity_src_gen.pdbx_gene_src_scientific_name      'Rabbit hemorrhagic disease virus 2' 
_entity_src_gen.pdbx_gene_src_ncbi_taxonomy_id     1930083 
_entity_src_gen.pdbx_gene_src_variant              ? 
_entity_src_gen.pdbx_gene_src_cell_line            ? 
_entity_src_gen.pdbx_gene_src_atcc                 ? 
_entity_src_gen.pdbx_gene_src_organ                ? 
_entity_src_gen.pdbx_gene_src_organelle            ? 
_entity_src_gen.pdbx_gene_src_cell                 ? 
_entity_src_gen.pdbx_gene_src_cellular_location    ? 
_entity_src_gen.host_org_common_name               ? 
_entity_src_gen.pdbx_host_org_scientific_name      'Spodoptera frugiperda' 
_entity_src_gen.pdbx_host_org_ncbi_taxonomy_id     7108 
_entity_src_gen.host_org_genus                     ? 
_entity_src_gen.pdbx_host_org_gene                 ? 
_entity_src_gen.pdbx_host_org_organ                ? 
_entity_src_gen.host_org_species                   ? 
_entity_src_gen.pdbx_host_org_tissue               ? 
_entity_src_gen.pdbx_host_org_tissue_fraction      ? 
_entity_src_gen.pdbx_host_org_strain               ? 
_entity_src_gen.pdbx_host_org_variant              ? 
_entity_src_gen.pdbx_host_org_cell_line            Sf9 
_entity_src_gen.pdbx_host_org_atcc                 ? 
_entity_src_gen.pdbx_host_org_culture_collection   ? 
_entity_src_gen.pdbx_host_org_cell                 ? 
_entity_src_gen.pdbx_host_org_organelle            ? 
_entity_src_gen.pdbx_host_org_cellular_location    ? 
_entity_src_gen.pdbx_host_org_vector_type          ? 
_entity_src_gen.pdbx_host_org_vector               ? 
_entity_src_gen.host_org_details                   ? 
_entity_src_gen.expression_system_id               ? 
_entity_src_gen.plasmid_name                       ? 
_entity_src_gen.plasmid_details                    ? 
_entity_src_gen.pdbx_description                   ? 
# 
loop_
_chem_comp.id 
_chem_comp.type 
_chem_comp.mon_nstd_flag 
_chem_comp.name 
_chem_comp.pdbx_synonyms 
_chem_comp.formula 
_chem_comp.formula_weight 
ALA 'L-peptide linking' y ALANINE         ? 'C3 H7 N O2'     89.093  
ARG 'L-peptide linking' y ARGININE        ? 'C6 H15 N4 O2 1' 175.209 
ASN 'L-peptide linking' y ASPARAGINE      ? 'C4 H8 N2 O3'    132.118 
ASP 'L-peptide linking' y 'ASPARTIC ACID' ? 'C4 H7 N O4'     133.103 
CYS 'L-peptide linking' y CYSTEINE        ? 'C3 H7 N O2 S'   121.158 
GLN 'L-peptide linking' y GLUTAMINE       ? 'C5 H10 N2 O3'   146.144 
GLU 'L-peptide linking' y 'GLUTAMIC ACID' ? 'C5 H9 N O4'     147.129 
GLY 'peptide linking'   y GLYCINE         ? 'C2 H5 N O2'     75.067  
HIS 'L-peptide linking' y HISTIDINE       ? 'C6 H10 N3 O2 1' 156.162 
ILE 'L-peptide linking' y ISOLEUCINE      ? 'C6 H13 N O2'    131.173 
LEU 'L-peptide linking' y LEUCINE         ? 'C6 H13 N O2'    131.173 
LYS 'L-peptide linking' y LYSINE          ? 'C6 H15 N2 O2 1' 147.195 
MET 'L-peptide linking' y METHIONINE      ? 'C5 H11 N O2 S'  149.211 
PHE 'L-peptide linking' y PHENYLALANINE   ? 'C9 H11 N O2'    165.189 
PRO 'L-peptide linking' y PROLINE         ? 'C5 H9 N O2'     115.130 
SER 'L-peptide linking' y SERINE          ? 'C3 H7 N O3'     105.093 
THR 'L-peptide linking' y THREONINE       ? 'C4 H9 N O3'     119.119 
TRP 'L-peptide linking' y TRYPTOPHAN      ? 'C11 H12 N2 O2'  204.225 
TYR 'L-peptide linking' y TYROSINE        ? 'C9 H11 N O3'    181.189 
VAL 'L-peptide linking' y VALINE          ? 'C5 H11 N O2'    117.146 
# 
loop_
_pdbx_poly_seq_scheme.asym_id 
_pdbx_poly_seq_scheme.entity_id 
_pdbx_poly_seq_scheme.seq_id 
_pdbx_poly_seq_scheme.mon_id 
_pdbx_poly_seq_scheme.ndb_seq_num 
_pdbx_poly_seq_scheme.pdb_seq_num 
_pdbx_poly_seq_scheme.auth_seq_num 
_pdbx_poly_seq_scheme.pdb_mon_id 
_pdbx_poly_seq_scheme.auth_mon_id 
_pdbx_poly_seq_scheme.pdb_strand_id 
_pdbx_poly_seq_scheme.pdb_ins_code 
_pdbx_poly_seq_scheme.hetero 
A 1 1   THR 1   38  ?   ?   ?   A . n 
A 1 2   SER 2   39  ?   ?   ?   A . n 
A 1 3   VAL 3   40  ?   ?   ?   A . n 
A 1 4   VAL 4   41  ?   ?   ?   A . n 
A 1 5   THR 5   42  ?   ?   ?   A . n 
A 1 6   THR 6   43  ?   ?   ?   A . n 
A 1 7   GLU 7   44  ?   ?   ?   A . n 
A 1 8   ASN 8   45  ?   ?   ?   A . n 
A 1 9   ALA 9   46  ?   ?   ?   A . n 
A 1 10  SER 10  47  ?   ?   ?   A . n 
A 1 11  THR 11  48  ?   ?   ?   A . n 
A 1 12  SER 12  49  ?   ?   ?   A . n 
A 1 13  ILE 13  50  ?   ?   ?   A . n 
A 1 14  ALA 14  51  ?   ?   ?   A . n 
A 1 15  THR 15  52  ?   ?   ?   A . n 
A 1 16  ALA 16  53  ?   ?   ?   A . n 
A 1 17  GLY 17  54  ?   ?   ?   A . n 
A 1 18  ILE 18  55  ?   ?   ?   A . n 
A 1 19  GLY 19  56  ?   ?   ?   A . n 
A 1 20  GLY 20  57  ?   ?   ?   A . n 
A 1 21  PRO 21  58  ?   ?   ?   A . n 
A 1 22  PRO 22  59  ?   ?   ?   A . n 
A 1 23  GLN 23  60  ?   ?   ?   A . n 
A 1 24  GLN 24  61  ?   ?   ?   A . n 
A 1 25  MET 25  62  ?   ?   ?   A . n 
A 1 26  ASP 26  63  ?   ?   ?   A . n 
A 1 27  GLN 27  64  ?   ?   ?   A . n 
A 1 28  GLN 28  65  ?   ?   ?   A . n 
A 1 29  GLU 29  66  66  GLU GLU A . n 
A 1 30  THR 30  67  67  THR THR A . n 
A 1 31  TRP 31  68  68  TRP TRP A . n 
A 1 32  ARG 32  69  69  ARG ARG A . n 
A 1 33  THR 33  70  70  THR THR A . n 
A 1 34  ASN 34  71  71  ASN ASN A . n 
A 1 35  PHE 35  72  72  PHE PHE A . n 
A 1 36  TYR 36  73  73  TYR TYR A . n 
A 1 37  TYR 37  74  74  TYR TYR A . n 
A 1 38  ASN 38  75  75  ASN ASN A . n 
A 1 39  ASP 39  76  76  ASP ASP A . n 
A 1 40  VAL 40  77  77  VAL VAL A . n 
A 1 41  PHE 41  78  78  PHE PHE A . n 
A 1 42  THR 42  79  79  THR THR A . n 
A 1 43  TRP 43  80  80  TRP TRP A . n 
A 1 44  SER 44  81  81  SER SER A . n 
A 1 45  VAL 45  82  82  VAL VAL A . n 
A 1 46  ALA 46  83  83  ALA ALA A . n 
A 1 47  ASP 47  84  84  ASP ASP A . n 
A 1 48  ALA 48  85  85  ALA ALA A . n 
A 1 49  PRO 49  86  86  PRO PRO A . n 
A 1 50  GLY 50  87  87  GLY GLY A . n 
A 1 51  ASN 51  88  88  ASN ASN A . n 
A 1 52  ILE 52  89  89  ILE ILE A . n 
A 1 53  LEU 53  90  90  LEU LEU A . n 
A 1 54  TYR 54  91  91  TYR TYR A . n 
A 1 55  THR 55  92  92  THR THR A . n 
A 1 56  VAL 56  93  93  VAL VAL A . n 
A 1 57  GLN 57  94  94  GLN GLN A . n 
A 1 58  HIS 58  95  95  HIS HIS A . n 
A 1 59  SER 59  96  96  SER SER A . n 
A 1 60  PRO 60  97  97  PRO PRO A . n 
A 1 61  GLN 61  98  98  GLN GLN A . n 
A 1 62  ASN 62  99  99  ASN ASN A . n 
A 1 63  ASN 63  100 100 ASN ASN A . n 
A 1 64  PRO 64  101 101 PRO PRO A . n 
A 1 65  PHE 65  102 102 PHE PHE A . n 
A 1 66  THR 66  103 103 THR THR A . n 
A 1 67  ALA 67  104 104 ALA ALA A . n 
A 1 68  VAL 68  105 105 VAL VAL A . n 
A 1 69  LEU 69  106 106 LEU LEU A . n 
A 1 70  SER 70  107 107 SER SER A . n 
A 1 71  GLN 71  108 108 GLN GLN A . n 
A 1 72  MET 72  109 109 MET MET A . n 
A 1 73  TYR 73  110 110 TYR TYR A . n 
A 1 74  ALA 74  111 111 ALA ALA A . n 
A 1 75  GLY 75  112 112 GLY GLY A . n 
A 1 76  TRP 76  113 113 TRP TRP A . n 
A 1 77  ALA 77  114 114 ALA ALA A . n 
A 1 78  GLY 78  115 115 GLY GLY A . n 
A 1 79  GLY 79  116 116 GLY GLY A . n 
A 1 80  MET 80  117 117 MET MET A . n 
A 1 81  GLN 81  118 118 GLN GLN A . n 
A 1 82  PHE 82  119 119 PHE PHE A . n 
A 1 83  ARG 83  120 120 ARG ARG A . n 
A 1 84  PHE 84  121 121 PHE PHE A . n 
A 1 85  ILE 85  122 122 ILE ILE A . n 
A 1 86  VAL 86  123 123 VAL VAL A . n 
A 1 87  ALA 87  124 124 ALA ALA A . n 
A 1 88  GLY 88  125 125 GLY GLY A . n 
A 1 89  SER 89  126 126 SER SER A . n 
A 1 90  GLY 90  127 127 GLY GLY A . n 
A 1 91  VAL 91  128 128 VAL VAL A . n 
A 1 92  PHE 92  129 129 PHE PHE A . n 
A 1 93  GLY 93  130 130 GLY GLY A . n 
A 1 94  GLY 94  131 131 GLY GLY A . n 
A 1 95  ARG 95  132 132 ARG ARG A . n 
A 1 96  LEU 96  133 133 LEU LEU A . n 
A 1 97  VAL 97  134 134 VAL VAL A . n 
A 1 98  ALA 98  135 135 ALA ALA A . n 
A 1 99  ALA 99  136 136 ALA ALA A . n 
A 1 100 VAL 100 137 137 VAL VAL A . n 
A 1 101 ILE 101 138 138 ILE ILE A . n 
A 1 102 PRO 102 139 139 PRO PRO A . n 
A 1 103 PRO 103 140 140 PRO PRO A . n 
A 1 104 GLY 104 141 141 GLY GLY A . n 
A 1 105 ILE 105 142 142 ILE ILE A . n 
A 1 106 GLU 106 143 143 GLU GLU A . n 
A 1 107 ILE 107 144 144 ILE ILE A . n 
A 1 108 GLY 108 145 145 GLY GLY A . n 
A 1 109 PRO 109 146 146 PRO PRO A . n 
A 1 110 GLY 110 147 147 GLY GLY A . n 
A 1 111 LEU 111 148 148 LEU LEU A . n 
A 1 112 GLU 112 149 149 GLU GLU A . n 
A 1 113 VAL 113 150 150 VAL VAL A . n 
A 1 114 ARG 114 151 151 ARG ARG A . n 
A 1 115 GLN 115 152 152 GLN GLN A . n 
A 1 116 PHE 116 153 153 PHE PHE A . n 
A 1 117 PRO 117 154 154 PRO PRO A . n 
A 1 118 HIS 118 155 155 HIS HIS A . n 
A 1 119 VAL 119 156 156 VAL VAL A . n 
A 1 120 VAL 120 157 157 VAL VAL A . n 
A 1 121 ILE 121 158 158 ILE ILE A . n 
A 1 122 ASP 122 159 159 ASP ASP A . n 
A 1 123 ALA 123 160 160 ALA ALA A . n 
A 1 124 ARG 124 161 161 ARG ARG A . n 
A 1 125 SER 125 162 162 SER SER A . n 
A 1 126 LEU 126 163 163 LEU LEU A . n 
A 1 127 GLU 127 164 164 GLU GLU A . n 
A 1 128 PRO 128 165 165 PRO PRO A . n 
A 1 129 VAL 129 166 166 VAL VAL A . n 
A 1 130 THR 130 167 167 THR THR A . n 
A 1 131 ILE 131 168 168 ILE ILE A . n 
A 1 132 THR 132 169 169 THR THR A . n 
A 1 133 MET 133 170 170 MET MET A . n 
A 1 134 PRO 134 171 171 PRO PRO A . n 
A 1 135 ASP 135 172 172 ASP ASP A . n 
A 1 136 LEU 136 173 173 LEU LEU A . n 
A 1 137 ARG 137 174 174 ARG ARG A . n 
A 1 138 PRO 138 175 175 PRO PRO A . n 
A 1 139 ASN 139 176 176 ASN ASN A . n 
A 1 140 MET 140 177 177 MET MET A . n 
A 1 141 TYR 141 178 178 TYR TYR A . n 
A 1 142 HIS 142 179 179 HIS HIS A . n 
A 1 143 PRO 143 180 180 PRO PRO A . n 
A 1 144 THR 144 181 181 THR THR A . n 
A 1 145 GLY 145 182 182 GLY GLY A . n 
A 1 146 ASN 146 183 183 ASN ASN A . n 
A 1 147 PRO 147 184 184 PRO PRO A . n 
A 1 148 GLY 148 185 185 GLY GLY A . n 
A 1 149 LEU 149 186 186 LEU LEU A . n 
A 1 150 VAL 150 187 187 VAL VAL A . n 
A 1 151 PRO 151 188 188 PRO PRO A . n 
A 1 152 THR 152 189 189 THR THR A . n 
A 1 153 LEU 153 190 190 LEU LEU A . n 
A 1 154 VAL 154 191 191 VAL VAL A . n 
A 1 155 LEU 155 192 192 LEU LEU A . n 
A 1 156 SER 156 193 193 SER SER A . n 
A 1 157 VAL 157 194 194 VAL VAL A . n 
A 1 158 TYR 158 195 195 TYR TYR A . n 
A 1 159 ASN 159 196 196 ASN ASN A . n 
A 1 160 ASN 160 197 197 ASN ASN A . n 
A 1 161 LEU 161 198 198 LEU LEU A . n 
A 1 162 ILE 162 199 199 ILE ILE A . n 
A 1 163 ASN 163 200 200 ASN ASN A . n 
A 1 164 PRO 164 201 201 PRO PRO A . n 
A 1 165 PHE 165 202 202 PHE PHE A . n 
A 1 166 GLY 166 203 203 GLY GLY A . n 
A 1 167 GLY 167 204 204 GLY GLY A . n 
A 1 168 SER 168 205 205 SER SER A . n 
A 1 169 THR 169 206 206 THR THR A . n 
A 1 170 SER 170 207 207 SER SER A . n 
A 1 171 ALA 171 208 208 ALA ALA A . n 
A 1 172 ILE 172 209 209 ILE ILE A . n 
A 1 173 GLN 173 210 210 GLN GLN A . n 
A 1 174 VAL 174 211 211 VAL VAL A . n 
A 1 175 THR 175 212 212 THR THR A . n 
A 1 176 VAL 176 213 213 VAL VAL A . n 
A 1 177 GLU 177 214 214 GLU GLU A . n 
A 1 178 THR 178 215 215 THR THR A . n 
A 1 179 ARG 179 216 216 ARG ARG A . n 
A 1 180 PRO 180 217 217 PRO PRO A . n 
A 1 181 SER 181 218 218 SER SER A . n 
A 1 182 GLU 182 219 219 GLU GLU A . n 
A 1 183 ASP 183 220 220 ASP ASP A . n 
A 1 184 PHE 184 221 221 PHE PHE A . n 
A 1 185 GLU 185 222 222 GLU GLU A . n 
A 1 186 PHE 186 223 223 PHE PHE A . n 
A 1 187 VAL 187 224 224 VAL VAL A . n 
A 1 188 MET 188 225 225 MET MET A . n 
A 1 189 ILE 189 226 226 ILE ILE A . n 
A 1 190 ARG 190 227 227 ARG ARG A . n 
A 1 191 ALA 191 228 228 ALA ALA A . n 
A 1 192 PRO 192 229 229 PRO PRO A . n 
A 1 193 SER 193 230 230 SER SER A . n 
A 1 194 SER 194 231 231 SER SER A . n 
A 1 195 LYS 195 232 232 LYS LYS A . n 
A 1 196 THR 196 233 233 THR THR A . n 
A 1 197 VAL 197 234 ?   ?   ?   A . n 
A 1 198 ASP 198 235 ?   ?   ?   A . n 
A 1 199 SER 199 236 ?   ?   ?   A . n 
A 1 200 ILE 200 237 ?   ?   ?   A . n 
A 1 201 SER 201 238 ?   ?   ?   A . n 
A 1 202 PRO 202 239 ?   ?   ?   A . n 
A 1 203 ALA 203 240 ?   ?   ?   A . n 
A 1 204 ASP 204 241 ?   ?   ?   A . n 
A 1 205 LEU 205 242 ?   ?   ?   A . n 
A 1 206 LEU 206 243 ?   ?   ?   A . n 
A 1 207 THR 207 244 ?   ?   ?   A . n 
A 1 208 THR 208 245 ?   ?   ?   A . n 
A 1 209 PRO 209 246 ?   ?   ?   A . n 
A 1 210 VAL 210 247 ?   ?   ?   A . n 
A 1 211 LEU 211 248 ?   ?   ?   A . n 
A 1 212 THR 212 249 ?   ?   ?   A . n 
A 1 213 GLY 213 250 ?   ?   ?   A . n 
A 1 214 VAL 214 251 ?   ?   ?   A . n 
A 1 215 GLY 215 252 ?   ?   ?   A . n 
A 1 216 THR 216 253 ?   ?   ?   A . n 
A 1 217 ASP 217 254 ?   ?   ?   A . n 
A 1 218 ASN 218 255 ?   ?   ?   A . n 
A 1 219 ARG 219 256 ?   ?   ?   A . n 
A 1 220 TRP 220 257 ?   ?   ?   A . n 
A 1 221 ASN 221 258 ?   ?   ?   A . n 
A 1 222 GLY 222 259 ?   ?   ?   A . n 
A 1 223 GLU 223 260 ?   ?   ?   A . n 
A 1 224 ILE 224 261 ?   ?   ?   A . n 
A 1 225 VAL 225 262 ?   ?   ?   A . n 
A 1 226 GLY 226 263 ?   ?   ?   A . n 
A 1 227 LEU 227 264 ?   ?   ?   A . n 
A 1 228 GLN 228 265 ?   ?   ?   A . n 
A 1 229 PRO 229 266 ?   ?   ?   A . n 
A 1 230 VAL 230 267 ?   ?   ?   A . n 
A 1 231 PRO 231 268 ?   ?   ?   A . n 
A 1 232 GLY 232 269 ?   ?   ?   A . n 
A 1 233 GLY 233 270 ?   ?   ?   A . n 
A 1 234 PHE 234 271 ?   ?   ?   A . n 
A 1 235 SER 235 272 ?   ?   ?   A . n 
A 1 236 THR 236 273 ?   ?   ?   A . n 
A 1 237 CYS 237 274 ?   ?   ?   A . n 
A 1 238 ASN 238 275 ?   ?   ?   A . n 
A 1 239 ARG 239 276 ?   ?   ?   A . n 
A 1 240 HIS 240 277 ?   ?   ?   A . n 
A 1 241 TRP 241 278 ?   ?   ?   A . n 
A 1 242 ASN 242 279 ?   ?   ?   A . n 
A 1 243 LEU 243 280 ?   ?   ?   A . n 
A 1 244 ASN 244 281 ?   ?   ?   A . n 
A 1 245 GLY 245 282 ?   ?   ?   A . n 
A 1 246 SER 246 283 ?   ?   ?   A . n 
A 1 247 THR 247 284 ?   ?   ?   A . n 
A 1 248 TYR 248 285 ?   ?   ?   A . n 
A 1 249 GLY 249 286 ?   ?   ?   A . n 
A 1 250 TRP 250 287 ?   ?   ?   A . n 
A 1 251 SER 251 288 ?   ?   ?   A . n 
A 1 252 SER 252 289 ?   ?   ?   A . n 
A 1 253 PRO 253 290 ?   ?   ?   A . n 
A 1 254 ARG 254 291 ?   ?   ?   A . n 
A 1 255 PHE 255 292 ?   ?   ?   A . n 
A 1 256 ALA 256 293 ?   ?   ?   A . n 
A 1 257 ALA 257 294 ?   ?   ?   A . n 
A 1 258 ILE 258 295 ?   ?   ?   A . n 
A 1 259 ASP 259 296 ?   ?   ?   A . n 
A 1 260 HIS 260 297 ?   ?   ?   A . n 
A 1 261 ASP 261 298 ?   ?   ?   A . n 
A 1 262 ARG 262 299 ?   ?   ?   A . n 
A 1 263 GLY 263 300 ?   ?   ?   A . n 
A 1 264 ASN 264 301 ?   ?   ?   A . n 
A 1 265 ALA 265 302 ?   ?   ?   A . n 
A 1 266 SER 266 303 ?   ?   ?   A . n 
A 1 267 PHE 267 304 ?   ?   ?   A . n 
A 1 268 PRO 268 305 ?   ?   ?   A . n 
A 1 269 GLY 269 306 ?   ?   ?   A . n 
A 1 270 SER 270 307 ?   ?   ?   A . n 
A 1 271 SER 271 308 ?   ?   ?   A . n 
A 1 272 SER 272 309 ?   ?   ?   A . n 
A 1 273 SER 273 310 ?   ?   ?   A . n 
A 1 274 ASN 274 311 ?   ?   ?   A . n 
A 1 275 VAL 275 312 ?   ?   ?   A . n 
A 1 276 LEU 276 313 ?   ?   ?   A . n 
A 1 277 GLU 277 314 ?   ?   ?   A . n 
A 1 278 LEU 278 315 ?   ?   ?   A . n 
A 1 279 TRP 279 316 ?   ?   ?   A . n 
A 1 280 TYR 280 317 ?   ?   ?   A . n 
A 1 281 ALA 281 318 ?   ?   ?   A . n 
A 1 282 SER 282 319 ?   ?   ?   A . n 
A 1 283 ALA 283 320 ?   ?   ?   A . n 
A 1 284 GLY 284 321 ?   ?   ?   A . n 
A 1 285 SER 285 322 ?   ?   ?   A . n 
A 1 286 ALA 286 323 ?   ?   ?   A . n 
A 1 287 ALA 287 324 ?   ?   ?   A . n 
A 1 288 ASP 288 325 ?   ?   ?   A . n 
A 1 289 ASN 289 326 ?   ?   ?   A . n 
A 1 290 PRO 290 327 ?   ?   ?   A . n 
A 1 291 ILE 291 328 ?   ?   ?   A . n 
A 1 292 SER 292 329 ?   ?   ?   A . n 
A 1 293 GLN 293 330 ?   ?   ?   A . n 
A 1 294 ILE 294 331 ?   ?   ?   A . n 
A 1 295 ALA 295 332 ?   ?   ?   A . n 
A 1 296 PRO 296 333 ?   ?   ?   A . n 
A 1 297 ASP 297 334 ?   ?   ?   A . n 
A 1 298 GLY 298 335 ?   ?   ?   A . n 
A 1 299 PHE 299 336 ?   ?   ?   A . n 
A 1 300 PRO 300 337 ?   ?   ?   A . n 
A 1 301 ASP 301 338 ?   ?   ?   A . n 
A 1 302 MET 302 339 ?   ?   ?   A . n 
A 1 303 SER 303 340 ?   ?   ?   A . n 
A 1 304 PHE 304 341 ?   ?   ?   A . n 
A 1 305 VAL 305 342 ?   ?   ?   A . n 
A 1 306 PRO 306 343 ?   ?   ?   A . n 
A 1 307 PHE 307 344 ?   ?   ?   A . n 
A 1 308 SER 308 345 ?   ?   ?   A . n 
A 1 309 GLY 309 346 ?   ?   ?   A . n 
A 1 310 ILE 310 347 ?   ?   ?   A . n 
A 1 311 THR 311 348 ?   ?   ?   A . n 
A 1 312 ILE 312 349 ?   ?   ?   A . n 
A 1 313 PRO 313 350 ?   ?   ?   A . n 
A 1 314 THR 314 351 ?   ?   ?   A . n 
A 1 315 ALA 315 352 ?   ?   ?   A . n 
A 1 316 GLY 316 353 ?   ?   ?   A . n 
A 1 317 TRP 317 354 ?   ?   ?   A . n 
A 1 318 VAL 318 355 ?   ?   ?   A . n 
A 1 319 GLY 319 356 ?   ?   ?   A . n 
A 1 320 PHE 320 357 ?   ?   ?   A . n 
A 1 321 GLY 321 358 ?   ?   ?   A . n 
A 1 322 GLY 322 359 ?   ?   ?   A . n 
A 1 323 ILE 323 360 ?   ?   ?   A . n 
A 1 324 TRP 324 361 ?   ?   ?   A . n 
A 1 325 ASN 325 362 ?   ?   ?   A . n 
A 1 326 SER 326 363 ?   ?   ?   A . n 
A 1 327 SER 327 364 ?   ?   ?   A . n 
A 1 328 ASN 328 365 ?   ?   ?   A . n 
A 1 329 GLY 329 366 ?   ?   ?   A . n 
A 1 330 ALA 330 367 ?   ?   ?   A . n 
A 1 331 PRO 331 368 ?   ?   ?   A . n 
A 1 332 TYR 332 369 ?   ?   ?   A . n 
A 1 333 VAL 333 370 ?   ?   ?   A . n 
A 1 334 THR 334 371 ?   ?   ?   A . n 
A 1 335 THR 335 372 ?   ?   ?   A . n 
A 1 336 MET 336 373 ?   ?   ?   A . n 
A 1 337 GLN 337 374 ?   ?   ?   A . n 
A 1 338 ALA 338 375 ?   ?   ?   A . n 
A 1 339 TYR 339 376 ?   ?   ?   A . n 
A 1 340 GLU 340 377 ?   ?   ?   A . n 
A 1 341 LEU 341 378 ?   ?   ?   A . n 
A 1 342 GLY 342 379 ?   ?   ?   A . n 
A 1 343 PHE 343 380 ?   ?   ?   A . n 
A 1 344 ALA 344 381 ?   ?   ?   A . n 
A 1 345 THR 345 382 ?   ?   ?   A . n 
A 1 346 GLY 346 383 ?   ?   ?   A . n 
A 1 347 VAL 347 384 ?   ?   ?   A . n 
A 1 348 PRO 348 385 ?   ?   ?   A . n 
A 1 349 SER 349 386 ?   ?   ?   A . n 
A 1 350 ASN 350 387 ?   ?   ?   A . n 
A 1 351 PRO 351 388 ?   ?   ?   A . n 
A 1 352 GLN 352 389 ?   ?   ?   A . n 
A 1 353 PRO 353 390 ?   ?   ?   A . n 
A 1 354 THR 354 391 ?   ?   ?   A . n 
A 1 355 THR 355 392 ?   ?   ?   A . n 
A 1 356 THR 356 393 ?   ?   ?   A . n 
A 1 357 THR 357 394 ?   ?   ?   A . n 
A 1 358 SER 358 395 ?   ?   ?   A . n 
A 1 359 GLY 359 396 ?   ?   ?   A . n 
A 1 360 ALA 360 397 ?   ?   ?   A . n 
A 1 361 GLN 361 398 ?   ?   ?   A . n 
A 1 362 ILE 362 399 ?   ?   ?   A . n 
A 1 363 VAL 363 400 ?   ?   ?   A . n 
A 1 364 ALA 364 401 ?   ?   ?   A . n 
A 1 365 LYS 365 402 ?   ?   ?   A . n 
A 1 366 SER 366 403 ?   ?   ?   A . n 
A 1 367 ILE 367 404 ?   ?   ?   A . n 
A 1 368 TYR 368 405 ?   ?   ?   A . n 
A 1 369 GLY 369 406 ?   ?   ?   A . n 
A 1 370 VAL 370 407 ?   ?   ?   A . n 
A 1 371 ALA 371 408 ?   ?   ?   A . n 
A 1 372 ASN 372 409 ?   ?   ?   A . n 
A 1 373 GLY 373 410 ?   ?   ?   A . n 
A 1 374 ILE 374 411 ?   ?   ?   A . n 
A 1 375 ASN 375 412 ?   ?   ?   A . n 
A 1 376 GLN 376 413 ?   ?   ?   A . n 
A 1 377 THR 377 414 ?   ?   ?   A . n 
A 1 378 THR 378 415 ?   ?   ?   A . n 
A 1 379 ALA 379 416 ?   ?   ?   A . n 
A 1 380 GLY 380 417 ?   ?   ?   A . n 
A 1 381 LEU 381 418 ?   ?   ?   A . n 
A 1 382 PHE 382 419 ?   ?   ?   A . n 
A 1 383 VAL 383 420 ?   ?   ?   A . n 
A 1 384 MET 384 421 ?   ?   ?   A . n 
A 1 385 ALA 385 422 ?   ?   ?   A . n 
A 1 386 SER 386 423 ?   ?   ?   A . n 
A 1 387 GLY 387 424 ?   ?   ?   A . n 
A 1 388 VAL 388 425 ?   ?   ?   A . n 
A 1 389 ILE 389 426 ?   ?   ?   A . n 
A 1 390 SER 390 427 ?   ?   ?   A . n 
A 1 391 THR 391 428 ?   ?   ?   A . n 
A 1 392 PRO 392 429 ?   ?   ?   A . n 
A 1 393 ASN 393 430 ?   ?   ?   A . n 
A 1 394 SER 394 431 ?   ?   ?   A . n 
A 1 395 SER 395 432 ?   ?   ?   A . n 
A 1 396 ALA 396 433 ?   ?   ?   A . n 
A 1 397 THR 397 434 ?   ?   ?   A . n 
A 1 398 THR 398 435 ?   ?   ?   A . n 
A 1 399 TYR 399 436 ?   ?   ?   A . n 
A 1 400 THR 400 437 ?   ?   ?   A . n 
A 1 401 PRO 401 438 ?   ?   ?   A . n 
A 1 402 GLN 402 439 ?   ?   ?   A . n 
A 1 403 PRO 403 440 ?   ?   ?   A . n 
A 1 404 ASN 404 441 ?   ?   ?   A . n 
A 1 405 ARG 405 442 ?   ?   ?   A . n 
A 1 406 ILE 406 443 ?   ?   ?   A . n 
A 1 407 VAL 407 444 ?   ?   ?   A . n 
A 1 408 ASN 408 445 ?   ?   ?   A . n 
A 1 409 ALA 409 446 ?   ?   ?   A . n 
A 1 410 PRO 410 447 ?   ?   ?   A . n 
A 1 411 GLY 411 448 ?   ?   ?   A . n 
A 1 412 THR 412 449 ?   ?   ?   A . n 
A 1 413 PRO 413 450 ?   ?   ?   A . n 
A 1 414 ALA 414 451 ?   ?   ?   A . n 
A 1 415 ALA 415 452 ?   ?   ?   A . n 
A 1 416 ALA 416 453 ?   ?   ?   A . n 
A 1 417 PRO 417 454 ?   ?   ?   A . n 
A 1 418 ILE 418 455 ?   ?   ?   A . n 
A 1 419 GLY 419 456 ?   ?   ?   A . n 
A 1 420 LYS 420 457 ?   ?   ?   A . n 
A 1 421 ASN 421 458 ?   ?   ?   A . n 
A 1 422 THR 422 459 ?   ?   ?   A . n 
A 1 423 PRO 423 460 ?   ?   ?   A . n 
A 1 424 ILE 424 461 ?   ?   ?   A . n 
A 1 425 MET 425 462 ?   ?   ?   A . n 
A 1 426 PHE 426 463 ?   ?   ?   A . n 
A 1 427 ALA 427 464 ?   ?   ?   A . n 
A 1 428 SER 428 465 ?   ?   ?   A . n 
A 1 429 VAL 429 466 ?   ?   ?   A . n 
A 1 430 VAL 430 467 ?   ?   ?   A . n 
A 1 431 ARG 431 468 ?   ?   ?   A . n 
A 1 432 ARG 432 469 ?   ?   ?   A . n 
A 1 433 THR 433 470 ?   ?   ?   A . n 
A 1 434 GLY 434 471 ?   ?   ?   A . n 
A 1 435 ASP 435 472 ?   ?   ?   A . n 
A 1 436 ILE 436 473 ?   ?   ?   A . n 
A 1 437 ASN 437 474 ?   ?   ?   A . n 
A 1 438 ALA 438 475 ?   ?   ?   A . n 
A 1 439 GLU 439 476 ?   ?   ?   A . n 
A 1 440 ALA 440 477 ?   ?   ?   A . n 
A 1 441 GLY 441 478 ?   ?   ?   A . n 
A 1 442 SER 442 479 ?   ?   ?   A . n 
A 1 443 THR 443 480 ?   ?   ?   A . n 
A 1 444 ASN 444 481 ?   ?   ?   A . n 
A 1 445 GLY 445 482 ?   ?   ?   A . n 
A 1 446 THR 446 483 ?   ?   ?   A . n 
A 1 447 GLN 447 484 ?   ?   ?   A . n 
A 1 448 TYR 448 485 ?   ?   ?   A . n 
A 1 449 GLY 449 486 ?   ?   ?   A . n 
A 1 450 ALA 450 487 ?   ?   ?   A . n 
A 1 451 GLY 451 488 ?   ?   ?   A . n 
A 1 452 SER 452 489 ?   ?   ?   A . n 
A 1 453 GLN 453 490 ?   ?   ?   A . n 
A 1 454 PRO 454 491 ?   ?   ?   A . n 
A 1 455 LEU 455 492 ?   ?   ?   A . n 
A 1 456 PRO 456 493 ?   ?   ?   A . n 
A 1 457 VAL 457 494 ?   ?   ?   A . n 
A 1 458 THR 458 495 ?   ?   ?   A . n 
A 1 459 ILE 459 496 ?   ?   ?   A . n 
A 1 460 GLY 460 497 ?   ?   ?   A . n 
A 1 461 LEU 461 498 ?   ?   ?   A . n 
A 1 462 SER 462 499 ?   ?   ?   A . n 
A 1 463 LEU 463 500 ?   ?   ?   A . n 
A 1 464 ASN 464 501 ?   ?   ?   A . n 
A 1 465 ASN 465 502 ?   ?   ?   A . n 
A 1 466 TYR 466 503 ?   ?   ?   A . n 
A 1 467 SER 467 504 ?   ?   ?   A . n 
A 1 468 SER 468 505 ?   ?   ?   A . n 
A 1 469 ALA 469 506 ?   ?   ?   A . n 
A 1 470 LEU 470 507 ?   ?   ?   A . n 
A 1 471 MET 471 508 ?   ?   ?   A . n 
A 1 472 PRO 472 509 ?   ?   ?   A . n 
A 1 473 GLY 473 510 ?   ?   ?   A . n 
A 1 474 GLN 474 511 ?   ?   ?   A . n 
A 1 475 PHE 475 512 ?   ?   ?   A . n 
A 1 476 PHE 476 513 ?   ?   ?   A . n 
A 1 477 VAL 477 514 ?   ?   ?   A . n 
A 1 478 TRP 478 515 ?   ?   ?   A . n 
A 1 479 GLN 479 516 ?   ?   ?   A . n 
A 1 480 LEU 480 517 ?   ?   ?   A . n 
A 1 481 ASN 481 518 ?   ?   ?   A . n 
A 1 482 PHE 482 519 ?   ?   ?   A . n 
A 1 483 ALA 483 520 ?   ?   ?   A . n 
A 1 484 SER 484 521 ?   ?   ?   A . n 
A 1 485 GLY 485 522 ?   ?   ?   A . n 
A 1 486 PHE 486 523 ?   ?   ?   A . n 
A 1 487 MET 487 524 ?   ?   ?   A . n 
A 1 488 GLU 488 525 ?   ?   ?   A . n 
A 1 489 LEU 489 526 ?   ?   ?   A . n 
A 1 490 GLY 490 527 ?   ?   ?   A . n 
A 1 491 LEU 491 528 ?   ?   ?   A . n 
A 1 492 SER 492 529 ?   ?   ?   A . n 
A 1 493 VAL 493 530 ?   ?   ?   A . n 
A 1 494 ASP 494 531 ?   ?   ?   A . n 
A 1 495 GLY 495 532 ?   ?   ?   A . n 
A 1 496 TYR 496 533 ?   ?   ?   A . n 
A 1 497 PHE 497 534 ?   ?   ?   A . n 
A 1 498 TYR 498 535 ?   ?   ?   A . n 
A 1 499 ALA 499 536 ?   ?   ?   A . n 
A 1 500 GLY 500 537 ?   ?   ?   A . n 
A 1 501 THR 501 538 ?   ?   ?   A . n 
A 1 502 GLY 502 539 ?   ?   ?   A . n 
A 1 503 ALA 503 540 ?   ?   ?   A . n 
A 1 504 SER 504 541 ?   ?   ?   A . n 
A 1 505 ALA 505 542 ?   ?   ?   A . n 
A 1 506 THR 506 543 ?   ?   ?   A . n 
A 1 507 LEU 507 544 ?   ?   ?   A . n 
A 1 508 ILE 508 545 ?   ?   ?   A . n 
A 1 509 ASP 509 546 ?   ?   ?   A . n 
A 1 510 LEU 510 547 ?   ?   ?   A . n 
A 1 511 SER 511 548 ?   ?   ?   A . n 
A 1 512 ASP 512 549 ?   ?   ?   A . n 
A 1 513 LEU 513 550 ?   ?   ?   A . n 
A 1 514 VAL 514 551 ?   ?   ?   A . n 
A 1 515 ASP 515 552 ?   ?   ?   A . n 
A 1 516 ILE 516 553 ?   ?   ?   A . n 
A 1 517 ARG 517 554 ?   ?   ?   A . n 
A 1 518 PRO 518 555 ?   ?   ?   A . n 
A 1 519 VAL 519 556 ?   ?   ?   A . n 
A 1 520 GLY 520 557 ?   ?   ?   A . n 
A 1 521 PRO 521 558 ?   ?   ?   A . n 
A 1 522 ARG 522 559 ?   ?   ?   A . n 
A 1 523 PRO 523 560 ?   ?   ?   A . n 
A 1 524 SER 524 561 ?   ?   ?   A . n 
A 1 525 THR 525 562 ?   ?   ?   A . n 
A 1 526 SER 526 563 ?   ?   ?   A . n 
A 1 527 THR 527 564 ?   ?   ?   A . n 
A 1 528 LEU 528 565 ?   ?   ?   A . n 
A 1 529 VAL 529 566 ?   ?   ?   A . n 
A 1 530 TYR 530 567 ?   ?   ?   A . n 
A 1 531 ASN 531 568 ?   ?   ?   A . n 
A 1 532 LEU 532 569 ?   ?   ?   A . n 
A 1 533 GLY 533 570 ?   ?   ?   A . n 
A 1 534 GLY 534 571 ?   ?   ?   A . n 
A 1 535 THR 535 572 ?   ?   ?   A . n 
A 1 536 THR 536 573 ?   ?   ?   A . n 
A 1 537 ASN 537 574 ?   ?   ?   A . n 
A 1 538 GLY 538 575 ?   ?   ?   A . n 
A 1 539 PHE 539 576 ?   ?   ?   A . n 
A 1 540 SER 540 577 ?   ?   ?   A . n 
A 1 541 TYR 541 578 ?   ?   ?   A . n 
A 1 542 VAL 542 579 ?   ?   ?   A . n 
# 
_exptl.absorpt_coefficient_mu     ? 
_exptl.absorpt_correction_T_max   ? 
_exptl.absorpt_correction_T_min   ? 
_exptl.absorpt_correction_type    ? 
_exptl.absorpt_process_details    ? 
_exptl.entry_id                   9JJH 
_exptl.crystals_number            ? 
_exptl.details                    ? 
_exptl.method                     'ELECTRON MICROSCOPY' 
_exptl.method_details             ? 
# 
_struct.entry_id                     9JJH 
_struct.title                        'Cryo-EM structure of a T=1 VLP of RHDV GI.2 with N-terminal 1-37 residues truncated' 
_struct.pdbx_model_details           ? 
_struct.pdbx_formula_weight          ? 
_struct.pdbx_formula_weight_method   ? 
_struct.pdbx_model_type_details      ? 
_struct.pdbx_CASP_flag               N 
# 
_struct_keywords.entry_id        9JJH 
_struct_keywords.text            
;Calicivirus, viral assembly, rabbit hemorrhagic disease virus (RHDV), major capsid protein, virus-like particle, VIRUS, VIRUS LIKE PARTICLE
;
_struct_keywords.pdbx_keywords   'VIRUS LIKE PARTICLE' 
# 
_struct_asym.id                            A 
_struct_asym.pdbx_blank_PDB_chainid_flag   N 
_struct_asym.pdbx_modified                 N 
_struct_asym.entity_id                     1 
_struct_asym.details                       ? 
# 
_struct_ref.id                         1 
_struct_ref.db_name                    UNP 
_struct_ref.db_code                    A0A3S8Q1D6_RHDV 
_struct_ref.pdbx_db_accession          A0A3S8Q1D6 
_struct_ref.pdbx_db_isoform            ? 
_struct_ref.entity_id                  1 
_struct_ref.pdbx_seq_one_letter_code   
;TSVVTTENASTSIATAGIGGPPQQVDQQETWRTNFYYNDVFTWSVADAPGNILYTVQHSPQNNPFTAVLSQMYAGWAGGM
QFRFIVAGSGVFGGRLVAAVIPPGIEIGPGLEVRQFPHVVIDARSLEPVTITMPDLRPNMYHPTGNPGLVPTLVLSVYNN
LINPFGGSTSAIQVTVETRPSEDFEFVMIRAPSSKTVDSISPADLLTTPVLTGVGTDNRWNGEIVGLQPVPGGFSTCNRH
WNLNGSTYGWSSPRFAAIDHDRGNASFPGSSSSNVLELWYASAGSAADNPISQIAPDGFPDMSFVPFSGTTIPTAGWVGF
GGIWNSSNGAPYVTTMQAYELGFATGVPSNPQPTTTTSGAQIVAKSIYGVANGINQTTAGLFVMASGVISTPNSSATTYT
PQPNRIVNAPGTPAAAPIGKNTPIMFASVVRRTGDINAEAGSTNGTQYGAGSQPLPVTIGLSLNNYSSALMPGQFFVWQL
NFASGFMELGLSVDGYFYAGTGASATLIDLSDLVDIRPVGPRPSTSTLVYNLGGTTNGFSYV
;
_struct_ref.pdbx_align_begin           38 
# 
_struct_ref_seq.align_id                      1 
_struct_ref_seq.ref_id                        1 
_struct_ref_seq.pdbx_PDB_id_code              9JJH 
_struct_ref_seq.pdbx_strand_id                A 
_struct_ref_seq.seq_align_beg                 1 
_struct_ref_seq.pdbx_seq_align_beg_ins_code   ? 
_struct_ref_seq.seq_align_end                 542 
_struct_ref_seq.pdbx_seq_align_end_ins_code   ? 
_struct_ref_seq.pdbx_db_accession             A0A3S8Q1D6 
_struct_ref_seq.db_align_beg                  38 
_struct_ref_seq.pdbx_db_align_beg_ins_code    ? 
_struct_ref_seq.db_align_end                  579 
_struct_ref_seq.pdbx_db_align_end_ins_code    ? 
_struct_ref_seq.pdbx_auth_seq_align_beg       38 
_struct_ref_seq.pdbx_auth_seq_align_end       579 
# 
loop_
_struct_ref_seq_dif.align_id 
_struct_ref_seq_dif.pdbx_pdb_id_code 
_struct_ref_seq_dif.mon_id 
_struct_ref_seq_dif.pdbx_pdb_strand_id 
_struct_ref_seq_dif.seq_num 
_struct_ref_seq_dif.pdbx_pdb_ins_code 
_struct_ref_seq_dif.pdbx_seq_db_name 
_struct_ref_seq_dif.pdbx_seq_db_accession_code 
_struct_ref_seq_dif.db_mon_id 
_struct_ref_seq_dif.pdbx_seq_db_seq_num 
_struct_ref_seq_dif.details 
_struct_ref_seq_dif.pdbx_auth_seq_num 
_struct_ref_seq_dif.pdbx_ordinal 
1 9JJH MET A 25  ? UNP A0A3S8Q1D6 VAL 62  conflict 62  1 
1 9JJH ILE A 310 ? UNP A0A3S8Q1D6 THR 347 conflict 347 2 
# 
_pdbx_struct_assembly.id                   1 
_pdbx_struct_assembly.details              author_defined_assembly 
_pdbx_struct_assembly.method_details       ? 
_pdbx_struct_assembly.oligomeric_details   60-meric 
_pdbx_struct_assembly.oligomeric_count     60 
# 
loop_
_pdbx_struct_assembly_gen.assembly_id 
_pdbx_struct_assembly_gen.oper_expression 
_pdbx_struct_assembly_gen.asym_id_list 
1 1  A 
1 2  A 
1 3  A 
1 4  A 
1 5  A 
1 6  A 
1 7  A 
1 8  A 
1 9  A 
1 10 A 
1 11 A 
1 12 A 
1 13 A 
1 14 A 
1 15 A 
1 16 A 
1 17 A 
1 18 A 
1 19 A 
1 20 A 
1 21 A 
1 22 A 
1 23 A 
1 24 A 
1 25 A 
1 26 A 
1 27 A 
1 28 A 
1 29 A 
1 30 A 
1 31 A 
1 32 A 
1 33 A 
1 34 A 
1 35 A 
1 36 A 
1 37 A 
1 38 A 
1 39 A 
1 40 A 
1 41 A 
1 42 A 
1 43 A 
1 44 A 
1 45 A 
1 46 A 
1 47 A 
1 48 A 
1 49 A 
1 50 A 
1 51 A 
1 52 A 
1 53 A 
1 54 A 
1 55 A 
1 56 A 
1 57 A 
1 58 A 
1 59 A 
1 60 A 
# 
_pdbx_struct_assembly_auth_evidence.id                     1 
_pdbx_struct_assembly_auth_evidence.assembly_id            1 
_pdbx_struct_assembly_auth_evidence.experimental_support   'electron microscopy' 
_pdbx_struct_assembly_auth_evidence.details                'not applicable' 
# 
loop_
_pdbx_struct_oper_list.id 
_pdbx_struct_oper_list.type 
_pdbx_struct_oper_list.name 
_pdbx_struct_oper_list.symmetry_operation 
_pdbx_struct_oper_list.matrix[1][1] 
_pdbx_struct_oper_list.matrix[1][2] 
_pdbx_struct_oper_list.matrix[1][3] 
_pdbx_struct_oper_list.vector[1] 
_pdbx_struct_oper_list.matrix[2][1] 
_pdbx_struct_oper_list.matrix[2][2] 
_pdbx_struct_oper_list.matrix[2][3] 
_pdbx_struct_oper_list.vector[2] 
_pdbx_struct_oper_list.matrix[3][1] 
_pdbx_struct_oper_list.matrix[3][2] 
_pdbx_struct_oper_list.matrix[3][3] 
_pdbx_struct_oper_list.vector[3] 
1  'identity operation'       1_555 x,y,z 1.0         0.0         0.0         0.0       0.0         1.0         0.0         0.0       0.0         0.0         1.0         0.0        
2  'point symmetry operation' ?     ?     -0.17432717 0.87249186  0.45647312  25.03283  0.87244505  -0.07808358 0.48243432  37.62726  0.45656292  0.48234929  -0.74758925 -117.15741 
3  'point symmetry operation' ?     ?     0.63123846  0.77510242  0.02746352  6.76134   0.27461368  -0.25647920 0.92671773  56.94755  0.72534498  -0.57743801 -0.37475326 -99.66739  
4  'point symmetry operation' ?     ?     0.96891271  -0.05099556 0.24209143  17.12970  -0.21174443 0.33516662  0.91805621  55.74255  -0.12795791 -0.94077775 0.31394967  -69.60794  
5  'point symmetry operation' ?     ?     0.35565104  -0.93084901 -0.08385875 -33.65341 -0.16344538 -0.15028796 0.97503843  53.56144  -0.92021656 -0.33306699 -0.20559307 -115.74131 
6  'point symmetry operation' ?     ?     -0.64429611 -0.66579178 0.37630292  -14.28987 -0.32590780 0.68415700  0.65246672  38.53874  -0.69185758 0.29774167  -0.65778690 -136.04685 
7  'point symmetry operation' ?     ?     -0.92790482 0.37209014  0.02327191  -30.90123 0.37209870  0.92043700  0.11974264  15.34762  0.02313473  0.11976922  -0.99253218 -150.16467 
8  'point symmetry operation' ?     ?     -0.10311257 0.74854895  -0.65501342 -60.52307 0.96609955  0.23206622  0.11312130  16.02923  0.23668317  -0.62114395 -0.74710164 -138.57128 
9  'point symmetry operation' ?     ?     0.69035503  -0.05664682 -0.72125011 -62.23540 0.63518826  -0.42978230 0.64173473  39.64924  -0.34633236 -0.90115411 -0.26072073 -117.31200 
10 'point symmetry operation' ?     ?     0.49700741  -0.82744935 -0.26136332 -42.82337 0.79279762  0.31054116  0.52443975  45.26376  -0.35278305 -0.46785889 0.81034143  -28.78131  
11 'point symmetry operation' ?     ?     -0.46666132 -0.82812572 0.31053988  -18.28515 0.57446326  -0.01684198 0.81835708  58.34410  -0.67247244 0.56028934  0.48358730  -44.26311  
12 'point symmetry operation' ?     ?     -0.98082601 0.15017606  0.12420731  -27.66264 0.15025019  0.17680358  0.97271088  64.70097  0.12411703  0.97272145  -0.19597757 -73.99302  
13 'point symmetry operation' ?     ?     -0.33480367 0.75565536  -0.56293163 -58.00022 0.10639056  0.62390427  0.77422572  55.53778  0.93626289  0.19932267  -0.28927960 -76.90388  
14 'point symmetry operation' ?     ?     0.57886336  0.15132716  -0.80126010 -67.38379 0.50357762  0.70651549  0.49723830  43.52705  0.64134828  -0.69132955 0.33277115  -48.97081  
15 'point symmetry operation' ?     ?     -0.29665482 -0.32861277 -0.89666581 -99.54342 0.95161400  -0.02290012 -0.30644149 -20.29952 0.08016683  -0.94418708 0.31950594  -65.07885  
16 'point symmetry operation' ?     ?     -0.49925158 -0.19271077 -0.84475414 -97.51481 0.25883434  0.89726429  -0.35766119 -23.80164 0.82689300  -0.39721493 -0.39808071 -96.65313  
17 'point symmetry operation' ?     ?     -0.64447580 -0.32583489 -0.69172418 -90.75745 -0.66558016 0.68435742  0.29775295  4.62327   0.37636835  0.65229326  -0.65792162 -109.27661 
18 'point symmetry operation' ?     ?     -0.53154054 -0.54416192 -0.64911739 -88.61233 -0.54432781 -0.36770989 0.75398666  25.69572  -0.64897782 0.75410729  -0.10074957 -85.50312  
19 'point symmetry operation' ?     ?     -0.31658430 -0.54588065 -0.77575037 -94.05323 0.45517151  -0.80493352 0.38065995  10.26906  -0.83222146 -0.23258859 0.50329883  -58.17956  
20 'point symmetry operation' ?     ?     0.46064287  -0.62263728 0.63255894  28.02952  0.87921268  0.41774952  -0.22906449 -9.01634  -0.12162700 0.66167089  0.73986361  -12.08880  
21 'point symmetry operation' ?     ?     -0.48773252 -0.87052724 0.06556644  -38.09657 0.84901303  -0.49047818 -0.19649131 -21.16919 0.20320931  -0.04016855 0.97831070  1.77476    
22 'point symmetry operation' ?     ?     -0.41218096 -0.12807562 0.90205505  38.89086  0.80003535  -0.52461081 0.29107929  14.63321  0.43594769  0.84165301  0.31869977  -30.40269  
23 'point symmetry operation' ?     ?     -0.41224177 0.80001233  0.43593263  17.57892  -0.12806933 -0.52461547 0.84165120  38.26224  0.90202830  0.29113410  0.31872524  -29.63960  
24 'point symmetry operation' ?     ?     0.46067617  0.87919685  -0.12161685 -6.44773  -0.62259291 0.41775474  0.66170964  29.21319  0.63257888  -0.22911569 0.73983109  -10.84174  
25 'point symmetry operation' ?     ?     -0.99802967 -0.01645163 -0.06054807 -44.73102 -0.01635047 -0.86347857 0.50412057  9.40735   -0.06057597 0.50411784  0.86150824  -4.00731   
26 'point symmetry operation' ?     ?     -0.46675479 0.57447670  -0.67239608 -71.81117 -0.82806289 -0.01689287 0.56038067  10.62757  0.31056693  0.81834660  0.48358766  -20.66550  
27 'point symmetry operation' ?     ?     0.37200702  0.08549996  -0.92428432 -81.94128 -0.46418826 0.87943437  -0.10547578 -19.19937 0.80382817  0.46827931  0.36684361  -25.19856  
28 'point symmetry operation' ?     ?     0.35883993  -0.80754583 -0.46808523 -61.08701 0.57233811  0.58650974  -0.57309329 -38.86668 0.73733576  -0.06225411 0.67265234  -11.31532  
29 'point symmetry operation' ?     ?     0.35574740  -0.16345369 -0.92017715 -85.79148 -0.93082554 -0.15015491 -0.33319188 -61.85215 -0.08370791 0.97505704  -0.20556449 -78.83476  
30 'point symmetry operation' ?     ?     0.13217940  -0.89863546 -0.41830960 -63.20607 -0.52034019 0.29628409  -0.80091312 -82.56657 0.84366741  0.32352751  -0.42843349 -87.47525  
31 'point symmetry operation' ?     ?     -0.67836990 -0.73445078 -0.01990538 -46.35419 0.11818075  -0.08233681 -0.98957261 -90.12214 0.72515345  -0.67364864 0.14265271  -61.56711  
32 'point symmetry operation' ?     ?     -0.95572981 0.10254751  -0.27579877 -58.50046 0.10237198  -0.76286573 -0.63840055 -74.08861 -0.27586340 -0.63837212 0.71859554  -36.89885  
33 'point symmetry operation' ?     ?     -0.31666859 0.45541039  -0.83205865 -82.87996 -0.54593161 -0.80485232 -0.23274569 -56.62052 -0.77567928 0.38054413  0.50349492  -47.57332  
34 'point symmetry operation' ?     ?     0.96888866  -0.21175480 -0.12812346 -13.68970 -0.05112915 0.33525656  -0.94073889 -83.30583 0.24216006  0.91802134  0.31399878  -33.46609  
35 'point symmetry operation' ?     ?     0.49721217  0.79270527  -0.35270288 -24.75873 -0.82732273 0.31070866  -0.46797053 -62.97215 -0.26137477 0.52447999  0.81031117  -11.60577  
36 'point symmetry operation' ?     ?     -0.48771020 0.84902491  0.20321232  -0.96346  -0.87053394 -0.49047427 -0.04007187 -43.48518 0.06564807  -0.19644637 0.97831446  -3.38443   
37 'point symmetry operation' ?     ?     0.27566316  -0.77643404 0.56670968  16.91525  0.38563882  -0.45070073 -0.80507846 -76.36384 0.88050699  0.44047557  0.17518157  -38.73425  
38 'point symmetry operation' ?     ?     -0.62473745 -0.12074950 0.77144196  24.78030  -0.12093115 -0.96108755 -0.24836743 -51.76424 0.77141351  -0.24845580 0.58582500  -20.15579  
39 'point symmetry operation' ?     ?     0.35902953  0.57215859  0.73738168  52.51200  -0.80741202 0.58670833  -0.06211906 -27.24851 -0.46817069 -0.57306829 0.67261314  -43.25008  
40 'point symmetry operation' ?     ?     0.57865051  0.50346549  0.64162818  48.49016  0.15140361  0.70673130  -0.69109241 -54.41930 -0.80139980 0.49704515  0.33272319  -59.34805  
41 'point symmetry operation' ?     ?     0.63116185  0.27441122  0.72548827  52.40699  0.77515848  -0.25648384 -0.57736070 -48.18405 0.02764177  0.92677642  -0.37459501 -90.31517  
42 'point symmetry operation' ?     ?     0.44387964  0.20162209  0.87310855  58.85541  0.20172547  -0.97183119 0.12186431  -17.16844 0.87308493  0.12203568  -0.47204845 -93.34935  
43 'point symmetry operation' ?     ?     0.27560243  0.38556347  0.88055901  58.91456  -0.77639991 -0.45083004 0.44040302  -4.22793  0.56678555  -0.80504208 0.17510161  -64.27074  
44 'point symmetry operation' ?     ?     -0.67842765 0.11840586  0.72506251  23.87078  -0.73439122 -0.08225918 -0.67372253 -82.95361 -0.02012915 -0.98955199 0.14276282  -81.31782  
45 'point symmetry operation' ?     ?     -0.29668905 0.95159792  0.08023103  -4.98814  -0.32870759 -0.02288094 -0.94415454 -94.63687 -0.89661972 -0.30649286 0.31958599  -74.69077  
46 'point symmetry operation' ?     ?     0.69035165  0.63518840  -0.34633903 -22.84279 -0.05677449 -0.42967548 -0.90119641 -92.22120 -0.72124288 0.64180523  -0.26056416 -100.91604 
47 'point symmetry operation' ?     ?     0.91855325  -0.39374473 0.03500553  -5.03333  -0.29435291 -0.74040858 -0.60427858 -79.02483 0.26384954  0.54475777  -0.79600368 -123.75505 
48 'point symmetry operation' ?     ?     0.07267336  -0.71325183 0.69712999  23.82928  -0.71316794 -0.52579337 -0.46360841 -73.31402 0.69721554  -0.46347830 -0.54687999 -111.62894 
49 'point symmetry operation' ?     ?     -0.77537300 -0.60764062 0.17195668  -31.61042 -0.60767697 0.64383478  -0.46497913 -53.21535 0.17182782  -0.46502681 -0.86846178 -146.75366 
50 'point symmetry operation' ?     ?     -0.91236228 0.34267414  -0.22398417 -49.95878 0.34258829  0.33956562  -0.87597288 -70.43349 -0.22411559 -0.87593879 -0.42720333 -127.23147 
51 'point symmetry operation' ?     ?     -0.09172084 0.56289479  -0.82142375 -75.91085 0.56282176  -0.65119805 -0.50909000 -53.30001 -0.82147387 -0.50900917 -0.25708111 -120.44687 
52 'point symmetry operation' ?     ?     0.55250038  -0.25130063 -0.79472720 -73.60132 -0.25124561 -0.95933129 0.12868223  -25.51107 -0.79474460 0.12857474  -0.59316909 -135.78332 
53 'point symmetry operation' ?     ?     0.13006005  -0.97489813 -0.18071435 -46.25724 -0.97489952 -0.15895756 0.15589215  -25.43393 -0.18070508 0.15590356  -0.97110248 -152.03041 
54 'point symmetry operation' ?     ?     0.13201498  -0.52038668 0.84366449  39.22357  -0.89869705 0.29626904  0.32337019  -4.05619  -0.41822922 -0.80088849 -0.42855802 -130.03168 
55 'point symmetry operation' ?     ?     0.91859337  -0.29434722 0.26371519  14.01203  -0.39365337 -0.74052723 0.54466123  6.88824   0.03496900  -0.60413486 -0.79611414 -146.10105 
56 'point symmetry operation' ?     ?     0.77343977  0.62401170  -0.11135600 -3.39966  0.62401238  -0.78043148 -0.03917831 -18.09863 -0.11135322 -0.03918522 -0.99300829 -155.32831 
57 'point symmetry operation' ?     ?     -0.10290870 0.96611101  0.23672684  11.07667  0.74855636  0.23194390  -0.62118082 -44.51219 -0.65503656 0.11327816  -0.74705720 -144.99442 
58 'point symmetry operation' ?     ?     -0.49922013 0.25868312  0.82695927  37.40026  -0.19274279 0.89733025  -0.39705108 -35.82219 -0.84476586 -0.35760644 -0.39810612 -129.36441 
59 'point symmetry operation' ?     ?     0.37176438  -0.46440793 0.80381407  41.81075  0.08559007  0.87933244  0.46845360  35.67448  -0.92437326 -0.10535554 0.36665318  -68.50780  
60 'point symmetry operation' ?     ?     -0.33469836 0.10650190  0.93628769  46.69852  0.75571851  0.62387077  0.19918514  24.47779  -0.56290868 0.77423634  -0.28929441 -97.90349   
# 
loop_
_struct_conf.conf_type_id 
_struct_conf.id 
_struct_conf.pdbx_PDB_helix_id 
_struct_conf.beg_label_comp_id 
_struct_conf.beg_label_asym_id 
_struct_conf.beg_label_seq_id 
_struct_conf.pdbx_beg_PDB_ins_code 
_struct_conf.end_label_comp_id 
_struct_conf.end_label_asym_id 
_struct_conf.end_label_seq_id 
_struct_conf.pdbx_end_PDB_ins_code 
_struct_conf.beg_auth_comp_id 
_struct_conf.beg_auth_asym_id 
_struct_conf.beg_auth_seq_id 
_struct_conf.end_auth_comp_id 
_struct_conf.end_auth_asym_id 
_struct_conf.end_auth_seq_id 
_struct_conf.pdbx_PDB_helix_class 
_struct_conf.details 
_struct_conf.pdbx_PDB_helix_length 
HELX_P HELX_P1 AA1 GLU A 29  ? THR A 33  ? GLU A 66  THR A 70  5 ? 5 
HELX_P HELX_P2 AA2 SER A 59  ? ASN A 62  ? SER A 96  ASN A 99  5 ? 4 
HELX_P HELX_P3 AA3 ASN A 63  ? SER A 70  ? ASN A 100 SER A 107 1 ? 8 
HELX_P HELX_P4 AA4 GLU A 112 ? PHE A 116 ? GLU A 149 PHE A 153 5 ? 5 
# 
_struct_conf_type.id          HELX_P 
_struct_conf_type.criteria    ? 
_struct_conf_type.reference   ? 
# 
loop_
_struct_sheet.id 
_struct_sheet.type 
_struct_sheet.number_strands 
_struct_sheet.details 
AA1 ? 4 ? 
AA2 ? 4 ? 
AA3 ? 3 ? 
# 
loop_
_struct_sheet_order.sheet_id 
_struct_sheet_order.range_id_1 
_struct_sheet_order.range_id_2 
_struct_sheet_order.offset 
_struct_sheet_order.sense 
AA1 1 2 ? anti-parallel 
AA1 2 3 ? anti-parallel 
AA1 3 4 ? anti-parallel 
AA2 1 2 ? anti-parallel 
AA2 2 3 ? anti-parallel 
AA2 3 4 ? anti-parallel 
AA3 1 2 ? anti-parallel 
AA3 2 3 ? anti-parallel 
# 
loop_
_struct_sheet_range.sheet_id 
_struct_sheet_range.id 
_struct_sheet_range.beg_label_comp_id 
_struct_sheet_range.beg_label_asym_id 
_struct_sheet_range.beg_label_seq_id 
_struct_sheet_range.pdbx_beg_PDB_ins_code 
_struct_sheet_range.end_label_comp_id 
_struct_sheet_range.end_label_asym_id 
_struct_sheet_range.end_label_seq_id 
_struct_sheet_range.pdbx_end_PDB_ins_code 
_struct_sheet_range.beg_auth_comp_id 
_struct_sheet_range.beg_auth_asym_id 
_struct_sheet_range.beg_auth_seq_id 
_struct_sheet_range.end_auth_comp_id 
_struct_sheet_range.end_auth_asym_id 
_struct_sheet_range.end_auth_seq_id 
AA1 1 TYR A 36  ? SER A 44  ? TYR A 73  SER A 81  
AA1 2 ALA A 171 ? PRO A 180 ? ALA A 208 PRO A 217 
AA1 3 MET A 80  ? VAL A 86  ? MET A 117 VAL A 123 
AA1 4 VAL A 129 ? MET A 133 ? VAL A 166 MET A 170 
AA2 1 ILE A 52  ? GLN A 57  ? ILE A 89  GLN A 94  
AA2 2 THR A 152 ? ILE A 162 ? THR A 189 ILE A 199 
AA2 3 GLY A 93  ? ILE A 101 ? GLY A 130 ILE A 138 
AA2 4 HIS A 118 ? ASP A 122 ? HIS A 155 ASP A 159 
AA3 1 HIS A 142 ? PRO A 143 ? HIS A 179 PRO A 180 
AA3 2 TYR A 73  ? ALA A 77  ? TYR A 110 ALA A 114 
AA3 3 GLU A 185 ? ILE A 189 ? GLU A 222 ILE A 226 
# 
loop_
_pdbx_struct_sheet_hbond.sheet_id 
_pdbx_struct_sheet_hbond.range_id_1 
_pdbx_struct_sheet_hbond.range_id_2 
_pdbx_struct_sheet_hbond.range_1_label_atom_id 
_pdbx_struct_sheet_hbond.range_1_label_comp_id 
_pdbx_struct_sheet_hbond.range_1_label_asym_id 
_pdbx_struct_sheet_hbond.range_1_label_seq_id 
_pdbx_struct_sheet_hbond.range_1_PDB_ins_code 
_pdbx_struct_sheet_hbond.range_1_auth_atom_id 
_pdbx_struct_sheet_hbond.range_1_auth_comp_id 
_pdbx_struct_sheet_hbond.range_1_auth_asym_id 
_pdbx_struct_sheet_hbond.range_1_auth_seq_id 
_pdbx_struct_sheet_hbond.range_2_label_atom_id 
_pdbx_struct_sheet_hbond.range_2_label_comp_id 
_pdbx_struct_sheet_hbond.range_2_label_asym_id 
_pdbx_struct_sheet_hbond.range_2_label_seq_id 
_pdbx_struct_sheet_hbond.range_2_PDB_ins_code 
_pdbx_struct_sheet_hbond.range_2_auth_atom_id 
_pdbx_struct_sheet_hbond.range_2_auth_comp_id 
_pdbx_struct_sheet_hbond.range_2_auth_asym_id 
_pdbx_struct_sheet_hbond.range_2_auth_seq_id 
AA1 1 2 N TRP A 43  ? N TRP A 80  O ILE A 172 ? O ILE A 209 
AA1 2 3 O ARG A 179 ? O ARG A 216 N GLN A 81  ? N GLN A 118 
AA1 3 4 N MET A 80  ? N MET A 117 O MET A 133 ? O MET A 170 
AA2 1 2 N TYR A 54  ? N TYR A 91  O LEU A 155 ? O LEU A 192 
AA2 2 3 O THR A 152 ? O THR A 189 N ILE A 101 ? N ILE A 138 
AA2 3 4 N LEU A 96  ? N LEU A 133 O ILE A 121 ? O ILE A 158 
AA3 1 2 O HIS A 142 ? O HIS A 179 N TRP A 76  ? N TRP A 113 
AA3 2 3 N ALA A 77  ? N ALA A 114 O GLU A 185 ? O GLU A 222 
# 
_pdbx_entry_details.entry_id                   9JJH 
_pdbx_entry_details.compound_details           ? 
_pdbx_entry_details.source_details             ? 
_pdbx_entry_details.nonpolymer_details         ? 
_pdbx_entry_details.sequence_details           ? 
_pdbx_entry_details.has_ligand_of_interest     ? 
_pdbx_entry_details.has_protein_modification   N 
# 
loop_
_pdbx_validate_torsion.id 
_pdbx_validate_torsion.PDB_model_num 
_pdbx_validate_torsion.auth_comp_id 
_pdbx_validate_torsion.auth_asym_id 
_pdbx_validate_torsion.auth_seq_id 
_pdbx_validate_torsion.PDB_ins_code 
_pdbx_validate_torsion.label_alt_id 
_pdbx_validate_torsion.phi 
_pdbx_validate_torsion.psi 
1 1 ALA A 124 ? ? -95.22  56.96 
2 1 ASN A 183 ? ? -151.19 69.99 
# 
_em_3d_fitting.id                1 
_em_3d_fitting.entry_id          9JJH 
_em_3d_fitting.method            ? 
_em_3d_fitting.target_criteria   ? 
_em_3d_fitting.details           ? 
_em_3d_fitting.overall_b_value   ? 
_em_3d_fitting.ref_space         ? 
_em_3d_fitting.ref_protocol      ? 
# 
_em_3d_reconstruction.entry_id                    9JJH 
_em_3d_reconstruction.id                          1 
_em_3d_reconstruction.method                      ? 
_em_3d_reconstruction.algorithm                   ? 
_em_3d_reconstruction.citation_id                 ? 
_em_3d_reconstruction.details                     ? 
_em_3d_reconstruction.resolution                  2.4 
_em_3d_reconstruction.resolution_method           'FSC 0.143 CUT-OFF' 
_em_3d_reconstruction.magnification_calibration   ? 
_em_3d_reconstruction.nominal_pixel_size          ? 
_em_3d_reconstruction.actual_pixel_size           ? 
_em_3d_reconstruction.num_particles               22101 
_em_3d_reconstruction.euler_angles_details        ? 
_em_3d_reconstruction.num_class_averages          ? 
_em_3d_reconstruction.refinement_type             ? 
_em_3d_reconstruction.image_processing_id         1 
_em_3d_reconstruction.symmetry_type               POINT 
# 
_em_buffer.id            1 
_em_buffer.specimen_id   1 
_em_buffer.name          ? 
_em_buffer.details       ? 
_em_buffer.pH            7.2 
# 
_em_entity_assembly.id                   1 
_em_entity_assembly.parent_id            0 
_em_entity_assembly.source               RECOMBINANT 
_em_entity_assembly.type                 VIRUS 
_em_entity_assembly.name                 'Rabbit hemorrhagic disease virus 2' 
_em_entity_assembly.details              ? 
_em_entity_assembly.synonym              ? 
_em_entity_assembly.oligomeric_details   ? 
_em_entity_assembly.entity_id_list       1 
# 
_em_imaging.entry_id                        9JJH 
_em_imaging.id                              1 
_em_imaging.astigmatism                     ? 
_em_imaging.electron_beam_tilt_params       ? 
_em_imaging.residual_tilt                   ? 
_em_imaging.microscope_model                'FEI TITAN KRIOS' 
_em_imaging.specimen_holder_type            ? 
_em_imaging.specimen_holder_model           'FEI TITAN KRIOS AUTOGRID HOLDER' 
_em_imaging.details                         ? 
_em_imaging.date                            ? 
_em_imaging.accelerating_voltage            300 
_em_imaging.illumination_mode               'FLOOD BEAM' 
_em_imaging.mode                            'BRIGHT FIELD' 
_em_imaging.nominal_cs                      2.7 
_em_imaging.nominal_defocus_min             1000 
_em_imaging.nominal_defocus_max             3000 
_em_imaging.calibrated_defocus_min          ? 
_em_imaging.calibrated_defocus_max          ? 
_em_imaging.tilt_angle_min                  ? 
_em_imaging.tilt_angle_max                  ? 
_em_imaging.nominal_magnification           59000 
_em_imaging.calibrated_magnification        ? 
_em_imaging.electron_source                 'FIELD EMISSION GUN' 
_em_imaging.citation_id                     ? 
_em_imaging.temperature                     ? 
_em_imaging.detector_distance               ? 
_em_imaging.recording_temperature_minimum   ? 
_em_imaging.recording_temperature_maximum   ? 
_em_imaging.alignment_procedure             ? 
_em_imaging.c2_aperture_diameter            70 
_em_imaging.specimen_id                     1 
_em_imaging.cryogen                         NITROGEN 
# 
_em_sample_support.id               1 
_em_sample_support.film_material    ? 
_em_sample_support.method           ? 
_em_sample_support.grid_material    COPPER 
_em_sample_support.grid_mesh_size   ? 
_em_sample_support.grid_type        'Quantifoil R2/1' 
_em_sample_support.details          ? 
_em_sample_support.specimen_id      1 
_em_sample_support.citation_id      ? 
# 
_em_virus_entity.id                    1 
_em_virus_entity.virus_host_category   ? 
_em_virus_entity.virus_type            VIRION 
_em_virus_entity.virus_isolate         STRAIN 
_em_virus_entity.entity_assembly_id    1 
_em_virus_entity.enveloped             NO 
_em_virus_entity.empty                 YES 
_em_virus_entity.details               ? 
# 
_em_vitrification.entry_id              9JJH 
_em_vitrification.id                    1 
_em_vitrification.specimen_id           1 
_em_vitrification.cryogen_name          ETHANE 
_em_vitrification.humidity              ? 
_em_vitrification.temp                  ? 
_em_vitrification.chamber_temperature   ? 
_em_vitrification.instrument            'FEI VITROBOT MARK IV' 
_em_vitrification.method                ? 
_em_vitrification.time_resolved_state   ? 
_em_vitrification.citation_id           ? 
_em_vitrification.details               ? 
# 
_em_experiment.entry_id                9JJH 
_em_experiment.id                      1 
_em_experiment.reconstruction_method   'SINGLE PARTICLE' 
_em_experiment.aggregation_state       PARTICLE 
_em_experiment.entity_assembly_id      1 
# 
_em_single_particle_entity.entry_id              9JJH 
_em_single_particle_entity.id                    1 
_em_single_particle_entity.image_processing_id   1 
_em_single_particle_entity.point_symmetry        I 
# 
loop_
_pdbx_unobs_or_zero_occ_residues.id 
_pdbx_unobs_or_zero_occ_residues.PDB_model_num 
_pdbx_unobs_or_zero_occ_residues.polymer_flag 
_pdbx_unobs_or_zero_occ_residues.occupancy_flag 
_pdbx_unobs_or_zero_occ_residues.auth_asym_id 
_pdbx_unobs_or_zero_occ_residues.auth_comp_id 
_pdbx_unobs_or_zero_occ_residues.auth_seq_id 
_pdbx_unobs_or_zero_occ_residues.PDB_ins_code 
_pdbx_unobs_or_zero_occ_residues.label_asym_id 
_pdbx_unobs_or_zero_occ_residues.label_comp_id 
_pdbx_unobs_or_zero_occ_residues.label_seq_id 
1   1 Y 1 A THR 38  ? A THR 1   
2   1 Y 1 A SER 39  ? A SER 2   
3   1 Y 1 A VAL 40  ? A VAL 3   
4   1 Y 1 A VAL 41  ? A VAL 4   
5   1 Y 1 A THR 42  ? A THR 5   
6   1 Y 1 A THR 43  ? A THR 6   
7   1 Y 1 A GLU 44  ? A GLU 7   
8   1 Y 1 A ASN 45  ? A ASN 8   
9   1 Y 1 A ALA 46  ? A ALA 9   
10  1 Y 1 A SER 47  ? A SER 10  
11  1 Y 1 A THR 48  ? A THR 11  
12  1 Y 1 A SER 49  ? A SER 12  
13  1 Y 1 A ILE 50  ? A ILE 13  
14  1 Y 1 A ALA 51  ? A ALA 14  
15  1 Y 1 A THR 52  ? A THR 15  
16  1 Y 1 A ALA 53  ? A ALA 16  
17  1 Y 1 A GLY 54  ? A GLY 17  
18  1 Y 1 A ILE 55  ? A ILE 18  
19  1 Y 1 A GLY 56  ? A GLY 19  
20  1 Y 1 A GLY 57  ? A GLY 20  
21  1 Y 1 A PRO 58  ? A PRO 21  
22  1 Y 1 A PRO 59  ? A PRO 22  
23  1 Y 1 A GLN 60  ? A GLN 23  
24  1 Y 1 A GLN 61  ? A GLN 24  
25  1 Y 1 A MET 62  ? A MET 25  
26  1 Y 1 A ASP 63  ? A ASP 26  
27  1 Y 1 A GLN 64  ? A GLN 27  
28  1 Y 1 A GLN 65  ? A GLN 28  
29  1 Y 1 A VAL 234 ? A VAL 197 
30  1 Y 1 A ASP 235 ? A ASP 198 
31  1 Y 1 A SER 236 ? A SER 199 
32  1 Y 1 A ILE 237 ? A ILE 200 
33  1 Y 1 A SER 238 ? A SER 201 
34  1 Y 1 A PRO 239 ? A PRO 202 
35  1 Y 1 A ALA 240 ? A ALA 203 
36  1 Y 1 A ASP 241 ? A ASP 204 
37  1 Y 1 A LEU 242 ? A LEU 205 
38  1 Y 1 A LEU 243 ? A LEU 206 
39  1 Y 1 A THR 244 ? A THR 207 
40  1 Y 1 A THR 245 ? A THR 208 
41  1 Y 1 A PRO 246 ? A PRO 209 
42  1 Y 1 A VAL 247 ? A VAL 210 
43  1 Y 1 A LEU 248 ? A LEU 211 
44  1 Y 1 A THR 249 ? A THR 212 
45  1 Y 1 A GLY 250 ? A GLY 213 
46  1 Y 1 A VAL 251 ? A VAL 214 
47  1 Y 1 A GLY 252 ? A GLY 215 
48  1 Y 1 A THR 253 ? A THR 216 
49  1 Y 1 A ASP 254 ? A ASP 217 
50  1 Y 1 A ASN 255 ? A ASN 218 
51  1 Y 1 A ARG 256 ? A ARG 219 
52  1 Y 1 A TRP 257 ? A TRP 220 
53  1 Y 1 A ASN 258 ? A ASN 221 
54  1 Y 1 A GLY 259 ? A GLY 222 
55  1 Y 1 A GLU 260 ? A GLU 223 
56  1 Y 1 A ILE 261 ? A ILE 224 
57  1 Y 1 A VAL 262 ? A VAL 225 
58  1 Y 1 A GLY 263 ? A GLY 226 
59  1 Y 1 A LEU 264 ? A LEU 227 
60  1 Y 1 A GLN 265 ? A GLN 228 
61  1 Y 1 A PRO 266 ? A PRO 229 
62  1 Y 1 A VAL 267 ? A VAL 230 
63  1 Y 1 A PRO 268 ? A PRO 231 
64  1 Y 1 A GLY 269 ? A GLY 232 
65  1 Y 1 A GLY 270 ? A GLY 233 
66  1 Y 1 A PHE 271 ? A PHE 234 
67  1 Y 1 A SER 272 ? A SER 235 
68  1 Y 1 A THR 273 ? A THR 236 
69  1 Y 1 A CYS 274 ? A CYS 237 
70  1 Y 1 A ASN 275 ? A ASN 238 
71  1 Y 1 A ARG 276 ? A ARG 239 
72  1 Y 1 A HIS 277 ? A HIS 240 
73  1 Y 1 A TRP 278 ? A TRP 241 
74  1 Y 1 A ASN 279 ? A ASN 242 
75  1 Y 1 A LEU 280 ? A LEU 243 
76  1 Y 1 A ASN 281 ? A ASN 244 
77  1 Y 1 A GLY 282 ? A GLY 245 
78  1 Y 1 A SER 283 ? A SER 246 
79  1 Y 1 A THR 284 ? A THR 247 
80  1 Y 1 A TYR 285 ? A TYR 248 
81  1 Y 1 A GLY 286 ? A GLY 249 
82  1 Y 1 A TRP 287 ? A TRP 250 
83  1 Y 1 A SER 288 ? A SER 251 
84  1 Y 1 A SER 289 ? A SER 252 
85  1 Y 1 A PRO 290 ? A PRO 253 
86  1 Y 1 A ARG 291 ? A ARG 254 
87  1 Y 1 A PHE 292 ? A PHE 255 
88  1 Y 1 A ALA 293 ? A ALA 256 
89  1 Y 1 A ALA 294 ? A ALA 257 
90  1 Y 1 A ILE 295 ? A ILE 258 
91  1 Y 1 A ASP 296 ? A ASP 259 
92  1 Y 1 A HIS 297 ? A HIS 260 
93  1 Y 1 A ASP 298 ? A ASP 261 
94  1 Y 1 A ARG 299 ? A ARG 262 
95  1 Y 1 A GLY 300 ? A GLY 263 
96  1 Y 1 A ASN 301 ? A ASN 264 
97  1 Y 1 A ALA 302 ? A ALA 265 
98  1 Y 1 A SER 303 ? A SER 266 
99  1 Y 1 A PHE 304 ? A PHE 267 
100 1 Y 1 A PRO 305 ? A PRO 268 
101 1 Y 1 A GLY 306 ? A GLY 269 
102 1 Y 1 A SER 307 ? A SER 270 
103 1 Y 1 A SER 308 ? A SER 271 
104 1 Y 1 A SER 309 ? A SER 272 
105 1 Y 1 A SER 310 ? A SER 273 
106 1 Y 1 A ASN 311 ? A ASN 274 
107 1 Y 1 A VAL 312 ? A VAL 275 
108 1 Y 1 A LEU 313 ? A LEU 276 
109 1 Y 1 A GLU 314 ? A GLU 277 
110 1 Y 1 A LEU 315 ? A LEU 278 
111 1 Y 1 A TRP 316 ? A TRP 279 
112 1 Y 1 A TYR 317 ? A TYR 280 
113 1 Y 1 A ALA 318 ? A ALA 281 
114 1 Y 1 A SER 319 ? A SER 282 
115 1 Y 1 A ALA 320 ? A ALA 283 
116 1 Y 1 A GLY 321 ? A GLY 284 
117 1 Y 1 A SER 322 ? A SER 285 
118 1 Y 1 A ALA 323 ? A ALA 286 
119 1 Y 1 A ALA 324 ? A ALA 287 
120 1 Y 1 A ASP 325 ? A ASP 288 
121 1 Y 1 A ASN 326 ? A ASN 289 
122 1 Y 1 A PRO 327 ? A PRO 290 
123 1 Y 1 A ILE 328 ? A ILE 291 
124 1 Y 1 A SER 329 ? A SER 292 
125 1 Y 1 A GLN 330 ? A GLN 293 
126 1 Y 1 A ILE 331 ? A ILE 294 
127 1 Y 1 A ALA 332 ? A ALA 295 
128 1 Y 1 A PRO 333 ? A PRO 296 
129 1 Y 1 A ASP 334 ? A ASP 297 
130 1 Y 1 A GLY 335 ? A GLY 298 
131 1 Y 1 A PHE 336 ? A PHE 299 
132 1 Y 1 A PRO 337 ? A PRO 300 
133 1 Y 1 A ASP 338 ? A ASP 301 
134 1 Y 1 A MET 339 ? A MET 302 
135 1 Y 1 A SER 340 ? A SER 303 
136 1 Y 1 A PHE 341 ? A PHE 304 
137 1 Y 1 A VAL 342 ? A VAL 305 
138 1 Y 1 A PRO 343 ? A PRO 306 
139 1 Y 1 A PHE 344 ? A PHE 307 
140 1 Y 1 A SER 345 ? A SER 308 
141 1 Y 1 A GLY 346 ? A GLY 309 
142 1 Y 1 A ILE 347 ? A ILE 310 
143 1 Y 1 A THR 348 ? A THR 311 
144 1 Y 1 A ILE 349 ? A ILE 312 
145 1 Y 1 A PRO 350 ? A PRO 313 
146 1 Y 1 A THR 351 ? A THR 314 
147 1 Y 1 A ALA 352 ? A ALA 315 
148 1 Y 1 A GLY 353 ? A GLY 316 
149 1 Y 1 A TRP 354 ? A TRP 317 
150 1 Y 1 A VAL 355 ? A VAL 318 
151 1 Y 1 A GLY 356 ? A GLY 319 
152 1 Y 1 A PHE 357 ? A PHE 320 
153 1 Y 1 A GLY 358 ? A GLY 321 
154 1 Y 1 A GLY 359 ? A GLY 322 
155 1 Y 1 A ILE 360 ? A ILE 323 
156 1 Y 1 A TRP 361 ? A TRP 324 
157 1 Y 1 A ASN 362 ? A ASN 325 
158 1 Y 1 A SER 363 ? A SER 326 
159 1 Y 1 A SER 364 ? A SER 327 
160 1 Y 1 A ASN 365 ? A ASN 328 
161 1 Y 1 A GLY 366 ? A GLY 329 
162 1 Y 1 A ALA 367 ? A ALA 330 
163 1 Y 1 A PRO 368 ? A PRO 331 
164 1 Y 1 A TYR 369 ? A TYR 332 
165 1 Y 1 A VAL 370 ? A VAL 333 
166 1 Y 1 A THR 371 ? A THR 334 
167 1 Y 1 A THR 372 ? A THR 335 
168 1 Y 1 A MET 373 ? A MET 336 
169 1 Y 1 A GLN 374 ? A GLN 337 
170 1 Y 1 A ALA 375 ? A ALA 338 
171 1 Y 1 A TYR 376 ? A TYR 339 
172 1 Y 1 A GLU 377 ? A GLU 340 
173 1 Y 1 A LEU 378 ? A LEU 341 
174 1 Y 1 A GLY 379 ? A GLY 342 
175 1 Y 1 A PHE 380 ? A PHE 343 
176 1 Y 1 A ALA 381 ? A ALA 344 
177 1 Y 1 A THR 382 ? A THR 345 
178 1 Y 1 A GLY 383 ? A GLY 346 
179 1 Y 1 A VAL 384 ? A VAL 347 
180 1 Y 1 A PRO 385 ? A PRO 348 
181 1 Y 1 A SER 386 ? A SER 349 
182 1 Y 1 A ASN 387 ? A ASN 350 
183 1 Y 1 A PRO 388 ? A PRO 351 
184 1 Y 1 A GLN 389 ? A GLN 352 
185 1 Y 1 A PRO 390 ? A PRO 353 
186 1 Y 1 A THR 391 ? A THR 354 
187 1 Y 1 A THR 392 ? A THR 355 
188 1 Y 1 A THR 393 ? A THR 356 
189 1 Y 1 A THR 394 ? A THR 357 
190 1 Y 1 A SER 395 ? A SER 358 
191 1 Y 1 A GLY 396 ? A GLY 359 
192 1 Y 1 A ALA 397 ? A ALA 360 
193 1 Y 1 A GLN 398 ? A GLN 361 
194 1 Y 1 A ILE 399 ? A ILE 362 
195 1 Y 1 A VAL 400 ? A VAL 363 
196 1 Y 1 A ALA 401 ? A ALA 364 
197 1 Y 1 A LYS 402 ? A LYS 365 
198 1 Y 1 A SER 403 ? A SER 366 
199 1 Y 1 A ILE 404 ? A ILE 367 
200 1 Y 1 A TYR 405 ? A TYR 368 
201 1 Y 1 A GLY 406 ? A GLY 369 
202 1 Y 1 A VAL 407 ? A VAL 370 
203 1 Y 1 A ALA 408 ? A ALA 371 
204 1 Y 1 A ASN 409 ? A ASN 372 
205 1 Y 1 A GLY 410 ? A GLY 373 
206 1 Y 1 A ILE 411 ? A ILE 374 
207 1 Y 1 A ASN 412 ? A ASN 375 
208 1 Y 1 A GLN 413 ? A GLN 376 
209 1 Y 1 A THR 414 ? A THR 377 
210 1 Y 1 A THR 415 ? A THR 378 
211 1 Y 1 A ALA 416 ? A ALA 379 
212 1 Y 1 A GLY 417 ? A GLY 380 
213 1 Y 1 A LEU 418 ? A LEU 381 
214 1 Y 1 A PHE 419 ? A PHE 382 
215 1 Y 1 A VAL 420 ? A VAL 383 
216 1 Y 1 A MET 421 ? A MET 384 
217 1 Y 1 A ALA 422 ? A ALA 385 
218 1 Y 1 A SER 423 ? A SER 386 
219 1 Y 1 A GLY 424 ? A GLY 387 
220 1 Y 1 A VAL 425 ? A VAL 388 
221 1 Y 1 A ILE 426 ? A ILE 389 
222 1 Y 1 A SER 427 ? A SER 390 
223 1 Y 1 A THR 428 ? A THR 391 
224 1 Y 1 A PRO 429 ? A PRO 392 
225 1 Y 1 A ASN 430 ? A ASN 393 
226 1 Y 1 A SER 431 ? A SER 394 
227 1 Y 1 A SER 432 ? A SER 395 
228 1 Y 1 A ALA 433 ? A ALA 396 
229 1 Y 1 A THR 434 ? A THR 397 
230 1 Y 1 A THR 435 ? A THR 398 
231 1 Y 1 A TYR 436 ? A TYR 399 
232 1 Y 1 A THR 437 ? A THR 400 
233 1 Y 1 A PRO 438 ? A PRO 401 
234 1 Y 1 A GLN 439 ? A GLN 402 
235 1 Y 1 A PRO 440 ? A PRO 403 
236 1 Y 1 A ASN 441 ? A ASN 404 
237 1 Y 1 A ARG 442 ? A ARG 405 
238 1 Y 1 A ILE 443 ? A ILE 406 
239 1 Y 1 A VAL 444 ? A VAL 407 
240 1 Y 1 A ASN 445 ? A ASN 408 
241 1 Y 1 A ALA 446 ? A ALA 409 
242 1 Y 1 A PRO 447 ? A PRO 410 
243 1 Y 1 A GLY 448 ? A GLY 411 
244 1 Y 1 A THR 449 ? A THR 412 
245 1 Y 1 A PRO 450 ? A PRO 413 
246 1 Y 1 A ALA 451 ? A ALA 414 
247 1 Y 1 A ALA 452 ? A ALA 415 
248 1 Y 1 A ALA 453 ? A ALA 416 
249 1 Y 1 A PRO 454 ? A PRO 417 
250 1 Y 1 A ILE 455 ? A ILE 418 
251 1 Y 1 A GLY 456 ? A GLY 419 
252 1 Y 1 A LYS 457 ? A LYS 420 
253 1 Y 1 A ASN 458 ? A ASN 421 
254 1 Y 1 A THR 459 ? A THR 422 
255 1 Y 1 A PRO 460 ? A PRO 423 
256 1 Y 1 A ILE 461 ? A ILE 424 
257 1 Y 1 A MET 462 ? A MET 425 
258 1 Y 1 A PHE 463 ? A PHE 426 
259 1 Y 1 A ALA 464 ? A ALA 427 
260 1 Y 1 A SER 465 ? A SER 428 
261 1 Y 1 A VAL 466 ? A VAL 429 
262 1 Y 1 A VAL 467 ? A VAL 430 
263 1 Y 1 A ARG 468 ? A ARG 431 
264 1 Y 1 A ARG 469 ? A ARG 432 
265 1 Y 1 A THR 470 ? A THR 433 
266 1 Y 1 A GLY 471 ? A GLY 434 
267 1 Y 1 A ASP 472 ? A ASP 435 
268 1 Y 1 A ILE 473 ? A ILE 436 
269 1 Y 1 A ASN 474 ? A ASN 437 
270 1 Y 1 A ALA 475 ? A ALA 438 
271 1 Y 1 A GLU 476 ? A GLU 439 
272 1 Y 1 A ALA 477 ? A ALA 440 
273 1 Y 1 A GLY 478 ? A GLY 441 
274 1 Y 1 A SER 479 ? A SER 442 
275 1 Y 1 A THR 480 ? A THR 443 
276 1 Y 1 A ASN 481 ? A ASN 444 
277 1 Y 1 A GLY 482 ? A GLY 445 
278 1 Y 1 A THR 483 ? A THR 446 
279 1 Y 1 A GLN 484 ? A GLN 447 
280 1 Y 1 A TYR 485 ? A TYR 448 
281 1 Y 1 A GLY 486 ? A GLY 449 
282 1 Y 1 A ALA 487 ? A ALA 450 
283 1 Y 1 A GLY 488 ? A GLY 451 
284 1 Y 1 A SER 489 ? A SER 452 
285 1 Y 1 A GLN 490 ? A GLN 453 
286 1 Y 1 A PRO 491 ? A PRO 454 
287 1 Y 1 A LEU 492 ? A LEU 455 
288 1 Y 1 A PRO 493 ? A PRO 456 
289 1 Y 1 A VAL 494 ? A VAL 457 
290 1 Y 1 A THR 495 ? A THR 458 
291 1 Y 1 A ILE 496 ? A ILE 459 
292 1 Y 1 A GLY 497 ? A GLY 460 
293 1 Y 1 A LEU 498 ? A LEU 461 
294 1 Y 1 A SER 499 ? A SER 462 
295 1 Y 1 A LEU 500 ? A LEU 463 
296 1 Y 1 A ASN 501 ? A ASN 464 
297 1 Y 1 A ASN 502 ? A ASN 465 
298 1 Y 1 A TYR 503 ? A TYR 466 
299 1 Y 1 A SER 504 ? A SER 467 
300 1 Y 1 A SER 505 ? A SER 468 
301 1 Y 1 A ALA 506 ? A ALA 469 
302 1 Y 1 A LEU 507 ? A LEU 470 
303 1 Y 1 A MET 508 ? A MET 471 
304 1 Y 1 A PRO 509 ? A PRO 472 
305 1 Y 1 A GLY 510 ? A GLY 473 
306 1 Y 1 A GLN 511 ? A GLN 474 
307 1 Y 1 A PHE 512 ? A PHE 475 
308 1 Y 1 A PHE 513 ? A PHE 476 
309 1 Y 1 A VAL 514 ? A VAL 477 
310 1 Y 1 A TRP 515 ? A TRP 478 
311 1 Y 1 A GLN 516 ? A GLN 479 
312 1 Y 1 A LEU 517 ? A LEU 480 
313 1 Y 1 A ASN 518 ? A ASN 481 
314 1 Y 1 A PHE 519 ? A PHE 482 
315 1 Y 1 A ALA 520 ? A ALA 483 
316 1 Y 1 A SER 521 ? A SER 484 
317 1 Y 1 A GLY 522 ? A GLY 485 
318 1 Y 1 A PHE 523 ? A PHE 486 
319 1 Y 1 A MET 524 ? A MET 487 
320 1 Y 1 A GLU 525 ? A GLU 488 
321 1 Y 1 A LEU 526 ? A LEU 489 
322 1 Y 1 A GLY 527 ? A GLY 490 
323 1 Y 1 A LEU 528 ? A LEU 491 
324 1 Y 1 A SER 529 ? A SER 492 
325 1 Y 1 A VAL 530 ? A VAL 493 
326 1 Y 1 A ASP 531 ? A ASP 494 
327 1 Y 1 A GLY 532 ? A GLY 495 
328 1 Y 1 A TYR 533 ? A TYR 496 
329 1 Y 1 A PHE 534 ? A PHE 497 
330 1 Y 1 A TYR 535 ? A TYR 498 
331 1 Y 1 A ALA 536 ? A ALA 499 
332 1 Y 1 A GLY 537 ? A GLY 500 
333 1 Y 1 A THR 538 ? A THR 501 
334 1 Y 1 A GLY 539 ? A GLY 502 
335 1 Y 1 A ALA 540 ? A ALA 503 
336 1 Y 1 A SER 541 ? A SER 504 
337 1 Y 1 A ALA 542 ? A ALA 505 
338 1 Y 1 A THR 543 ? A THR 506 
339 1 Y 1 A LEU 544 ? A LEU 507 
340 1 Y 1 A ILE 545 ? A ILE 508 
341 1 Y 1 A ASP 546 ? A ASP 509 
342 1 Y 1 A LEU 547 ? A LEU 510 
343 1 Y 1 A SER 548 ? A SER 511 
344 1 Y 1 A ASP 549 ? A ASP 512 
345 1 Y 1 A LEU 550 ? A LEU 513 
346 1 Y 1 A VAL 551 ? A VAL 514 
347 1 Y 1 A ASP 552 ? A ASP 515 
348 1 Y 1 A ILE 553 ? A ILE 516 
349 1 Y 1 A ARG 554 ? A ARG 517 
350 1 Y 1 A PRO 555 ? A PRO 518 
351 1 Y 1 A VAL 556 ? A VAL 519 
352 1 Y 1 A GLY 557 ? A GLY 520 
353 1 Y 1 A PRO 558 ? A PRO 521 
354 1 Y 1 A ARG 559 ? A ARG 522 
355 1 Y 1 A PRO 560 ? A PRO 523 
356 1 Y 1 A SER 561 ? A SER 524 
357 1 Y 1 A THR 562 ? A THR 525 
358 1 Y 1 A SER 563 ? A SER 526 
359 1 Y 1 A THR 564 ? A THR 527 
360 1 Y 1 A LEU 565 ? A LEU 528 
361 1 Y 1 A VAL 566 ? A VAL 529 
362 1 Y 1 A TYR 567 ? A TYR 530 
363 1 Y 1 A ASN 568 ? A ASN 531 
364 1 Y 1 A LEU 569 ? A LEU 532 
365 1 Y 1 A GLY 570 ? A GLY 533 
366 1 Y 1 A GLY 571 ? A GLY 534 
367 1 Y 1 A THR 572 ? A THR 535 
368 1 Y 1 A THR 573 ? A THR 536 
369 1 Y 1 A ASN 574 ? A ASN 537 
370 1 Y 1 A GLY 575 ? A GLY 538 
371 1 Y 1 A PHE 576 ? A PHE 539 
372 1 Y 1 A SER 577 ? A SER 540 
373 1 Y 1 A TYR 578 ? A TYR 541 
374 1 Y 1 A VAL 579 ? A VAL 542 
# 
loop_
_chem_comp_atom.comp_id 
_chem_comp_atom.atom_id 
_chem_comp_atom.type_symbol 
_chem_comp_atom.pdbx_aromatic_flag 
_chem_comp_atom.pdbx_stereo_config 
_chem_comp_atom.pdbx_ordinal 
ALA N    N N N 1   
ALA CA   C N S 2   
ALA C    C N N 3   
ALA O    O N N 4   
ALA CB   C N N 5   
ALA OXT  O N N 6   
ALA H    H N N 7   
ALA H2   H N N 8   
ALA HA   H N N 9   
ALA HB1  H N N 10  
ALA HB2  H N N 11  
ALA HB3  H N N 12  
ALA HXT  H N N 13  
ARG N    N N N 14  
ARG CA   C N S 15  
ARG C    C N N 16  
ARG O    O N N 17  
ARG CB   C N N 18  
ARG CG   C N N 19  
ARG CD   C N N 20  
ARG NE   N N N 21  
ARG CZ   C N N 22  
ARG NH1  N N N 23  
ARG NH2  N N N 24  
ARG OXT  O N N 25  
ARG H    H N N 26  
ARG H2   H N N 27  
ARG HA   H N N 28  
ARG HB2  H N N 29  
ARG HB3  H N N 30  
ARG HG2  H N N 31  
ARG HG3  H N N 32  
ARG HD2  H N N 33  
ARG HD3  H N N 34  
ARG HE   H N N 35  
ARG HH11 H N N 36  
ARG HH12 H N N 37  
ARG HH21 H N N 38  
ARG HH22 H N N 39  
ARG HXT  H N N 40  
ASN N    N N N 41  
ASN CA   C N S 42  
ASN C    C N N 43  
ASN O    O N N 44  
ASN CB   C N N 45  
ASN CG   C N N 46  
ASN OD1  O N N 47  
ASN ND2  N N N 48  
ASN OXT  O N N 49  
ASN H    H N N 50  
ASN H2   H N N 51  
ASN HA   H N N 52  
ASN HB2  H N N 53  
ASN HB3  H N N 54  
ASN HD21 H N N 55  
ASN HD22 H N N 56  
ASN HXT  H N N 57  
ASP N    N N N 58  
ASP CA   C N S 59  
ASP C    C N N 60  
ASP O    O N N 61  
ASP CB   C N N 62  
ASP CG   C N N 63  
ASP OD1  O N N 64  
ASP OD2  O N N 65  
ASP OXT  O N N 66  
ASP H    H N N 67  
ASP H2   H N N 68  
ASP HA   H N N 69  
ASP HB2  H N N 70  
ASP HB3  H N N 71  
ASP HD2  H N N 72  
ASP HXT  H N N 73  
CYS N    N N N 74  
CYS CA   C N R 75  
CYS C    C N N 76  
CYS O    O N N 77  
CYS CB   C N N 78  
CYS SG   S N N 79  
CYS OXT  O N N 80  
CYS H    H N N 81  
CYS H2   H N N 82  
CYS HA   H N N 83  
CYS HB2  H N N 84  
CYS HB3  H N N 85  
CYS HG   H N N 86  
CYS HXT  H N N 87  
GLN N    N N N 88  
GLN CA   C N S 89  
GLN C    C N N 90  
GLN O    O N N 91  
GLN CB   C N N 92  
GLN CG   C N N 93  
GLN CD   C N N 94  
GLN OE1  O N N 95  
GLN NE2  N N N 96  
GLN OXT  O N N 97  
GLN H    H N N 98  
GLN H2   H N N 99  
GLN HA   H N N 100 
GLN HB2  H N N 101 
GLN HB3  H N N 102 
GLN HG2  H N N 103 
GLN HG3  H N N 104 
GLN HE21 H N N 105 
GLN HE22 H N N 106 
GLN HXT  H N N 107 
GLU N    N N N 108 
GLU CA   C N S 109 
GLU C    C N N 110 
GLU O    O N N 111 
GLU CB   C N N 112 
GLU CG   C N N 113 
GLU CD   C N N 114 
GLU OE1  O N N 115 
GLU OE2  O N N 116 
GLU OXT  O N N 117 
GLU H    H N N 118 
GLU H2   H N N 119 
GLU HA   H N N 120 
GLU HB2  H N N 121 
GLU HB3  H N N 122 
GLU HG2  H N N 123 
GLU HG3  H N N 124 
GLU HE2  H N N 125 
GLU HXT  H N N 126 
GLY N    N N N 127 
GLY CA   C N N 128 
GLY C    C N N 129 
GLY O    O N N 130 
GLY OXT  O N N 131 
GLY H    H N N 132 
GLY H2   H N N 133 
GLY HA2  H N N 134 
GLY HA3  H N N 135 
GLY HXT  H N N 136 
HIS N    N N N 137 
HIS CA   C N S 138 
HIS C    C N N 139 
HIS O    O N N 140 
HIS CB   C N N 141 
HIS CG   C Y N 142 
HIS ND1  N Y N 143 
HIS CD2  C Y N 144 
HIS CE1  C Y N 145 
HIS NE2  N Y N 146 
HIS OXT  O N N 147 
HIS H    H N N 148 
HIS H2   H N N 149 
HIS HA   H N N 150 
HIS HB2  H N N 151 
HIS HB3  H N N 152 
HIS HD1  H N N 153 
HIS HD2  H N N 154 
HIS HE1  H N N 155 
HIS HE2  H N N 156 
HIS HXT  H N N 157 
ILE N    N N N 158 
ILE CA   C N S 159 
ILE C    C N N 160 
ILE O    O N N 161 
ILE CB   C N S 162 
ILE CG1  C N N 163 
ILE CG2  C N N 164 
ILE CD1  C N N 165 
ILE OXT  O N N 166 
ILE H    H N N 167 
ILE H2   H N N 168 
ILE HA   H N N 169 
ILE HB   H N N 170 
ILE HG12 H N N 171 
ILE HG13 H N N 172 
ILE HG21 H N N 173 
ILE HG22 H N N 174 
ILE HG23 H N N 175 
ILE HD11 H N N 176 
ILE HD12 H N N 177 
ILE HD13 H N N 178 
ILE HXT  H N N 179 
LEU N    N N N 180 
LEU CA   C N S 181 
LEU C    C N N 182 
LEU O    O N N 183 
LEU CB   C N N 184 
LEU CG   C N N 185 
LEU CD1  C N N 186 
LEU CD2  C N N 187 
LEU OXT  O N N 188 
LEU H    H N N 189 
LEU H2   H N N 190 
LEU HA   H N N 191 
LEU HB2  H N N 192 
LEU HB3  H N N 193 
LEU HG   H N N 194 
LEU HD11 H N N 195 
LEU HD12 H N N 196 
LEU HD13 H N N 197 
LEU HD21 H N N 198 
LEU HD22 H N N 199 
LEU HD23 H N N 200 
LEU HXT  H N N 201 
LYS N    N N N 202 
LYS CA   C N S 203 
LYS C    C N N 204 
LYS O    O N N 205 
LYS CB   C N N 206 
LYS CG   C N N 207 
LYS CD   C N N 208 
LYS CE   C N N 209 
LYS NZ   N N N 210 
LYS OXT  O N N 211 
LYS H    H N N 212 
LYS H2   H N N 213 
LYS HA   H N N 214 
LYS HB2  H N N 215 
LYS HB3  H N N 216 
LYS HG2  H N N 217 
LYS HG3  H N N 218 
LYS HD2  H N N 219 
LYS HD3  H N N 220 
LYS HE2  H N N 221 
LYS HE3  H N N 222 
LYS HZ1  H N N 223 
LYS HZ2  H N N 224 
LYS HZ3  H N N 225 
LYS HXT  H N N 226 
MET N    N N N 227 
MET CA   C N S 228 
MET C    C N N 229 
MET O    O N N 230 
MET CB   C N N 231 
MET CG   C N N 232 
MET SD   S N N 233 
MET CE   C N N 234 
MET OXT  O N N 235 
MET H    H N N 236 
MET H2   H N N 237 
MET HA   H N N 238 
MET HB2  H N N 239 
MET HB3  H N N 240 
MET HG2  H N N 241 
MET HG3  H N N 242 
MET HE1  H N N 243 
MET HE2  H N N 244 
MET HE3  H N N 245 
MET HXT  H N N 246 
PHE N    N N N 247 
PHE CA   C N S 248 
PHE C    C N N 249 
PHE O    O N N 250 
PHE CB   C N N 251 
PHE CG   C Y N 252 
PHE CD1  C Y N 253 
PHE CD2  C Y N 254 
PHE CE1  C Y N 255 
PHE CE2  C Y N 256 
PHE CZ   C Y N 257 
PHE OXT  O N N 258 
PHE H    H N N 259 
PHE H2   H N N 260 
PHE HA   H N N 261 
PHE HB2  H N N 262 
PHE HB3  H N N 263 
PHE HD1  H N N 264 
PHE HD2  H N N 265 
PHE HE1  H N N 266 
PHE HE2  H N N 267 
PHE HZ   H N N 268 
PHE HXT  H N N 269 
PRO N    N N N 270 
PRO CA   C N S 271 
PRO C    C N N 272 
PRO O    O N N 273 
PRO CB   C N N 274 
PRO CG   C N N 275 
PRO CD   C N N 276 
PRO OXT  O N N 277 
PRO H    H N N 278 
PRO HA   H N N 279 
PRO HB2  H N N 280 
PRO HB3  H N N 281 
PRO HG2  H N N 282 
PRO HG3  H N N 283 
PRO HD2  H N N 284 
PRO HD3  H N N 285 
PRO HXT  H N N 286 
SER N    N N N 287 
SER CA   C N S 288 
SER C    C N N 289 
SER O    O N N 290 
SER CB   C N N 291 
SER OG   O N N 292 
SER OXT  O N N 293 
SER H    H N N 294 
SER H2   H N N 295 
SER HA   H N N 296 
SER HB2  H N N 297 
SER HB3  H N N 298 
SER HG   H N N 299 
SER HXT  H N N 300 
THR N    N N N 301 
THR CA   C N S 302 
THR C    C N N 303 
THR O    O N N 304 
THR CB   C N R 305 
THR OG1  O N N 306 
THR CG2  C N N 307 
THR OXT  O N N 308 
THR H    H N N 309 
THR H2   H N N 310 
THR HA   H N N 311 
THR HB   H N N 312 
THR HG1  H N N 313 
THR HG21 H N N 314 
THR HG22 H N N 315 
THR HG23 H N N 316 
THR HXT  H N N 317 
TRP N    N N N 318 
TRP CA   C N S 319 
TRP C    C N N 320 
TRP O    O N N 321 
TRP CB   C N N 322 
TRP CG   C Y N 323 
TRP CD1  C Y N 324 
TRP CD2  C Y N 325 
TRP NE1  N Y N 326 
TRP CE2  C Y N 327 
TRP CE3  C Y N 328 
TRP CZ2  C Y N 329 
TRP CZ3  C Y N 330 
TRP CH2  C Y N 331 
TRP OXT  O N N 332 
TRP H    H N N 333 
TRP H2   H N N 334 
TRP HA   H N N 335 
TRP HB2  H N N 336 
TRP HB3  H N N 337 
TRP HD1  H N N 338 
TRP HE1  H N N 339 
TRP HE3  H N N 340 
TRP HZ2  H N N 341 
TRP HZ3  H N N 342 
TRP HH2  H N N 343 
TRP HXT  H N N 344 
TYR N    N N N 345 
TYR CA   C N S 346 
TYR C    C N N 347 
TYR O    O N N 348 
TYR CB   C N N 349 
TYR CG   C Y N 350 
TYR CD1  C Y N 351 
TYR CD2  C Y N 352 
TYR CE1  C Y N 353 
TYR CE2  C Y N 354 
TYR CZ   C Y N 355 
TYR OH   O N N 356 
TYR OXT  O N N 357 
TYR H    H N N 358 
TYR H2   H N N 359 
TYR HA   H N N 360 
TYR HB2  H N N 361 
TYR HB3  H N N 362 
TYR HD1  H N N 363 
TYR HD2  H N N 364 
TYR HE1  H N N 365 
TYR HE2  H N N 366 
TYR HH   H N N 367 
TYR HXT  H N N 368 
VAL N    N N N 369 
VAL CA   C N S 370 
VAL C    C N N 371 
VAL O    O N N 372 
VAL CB   C N N 373 
VAL CG1  C N N 374 
VAL CG2  C N N 375 
VAL OXT  O N N 376 
VAL H    H N N 377 
VAL H2   H N N 378 
VAL HA   H N N 379 
VAL HB   H N N 380 
VAL HG11 H N N 381 
VAL HG12 H N N 382 
VAL HG13 H N N 383 
VAL HG21 H N N 384 
VAL HG22 H N N 385 
VAL HG23 H N N 386 
VAL HXT  H N N 387 
# 
loop_
_chem_comp_bond.comp_id 
_chem_comp_bond.atom_id_1 
_chem_comp_bond.atom_id_2 
_chem_comp_bond.value_order 
_chem_comp_bond.pdbx_aromatic_flag 
_chem_comp_bond.pdbx_stereo_config 
_chem_comp_bond.pdbx_ordinal 
ALA N   CA   sing N N 1   
ALA N   H    sing N N 2   
ALA N   H2   sing N N 3   
ALA CA  C    sing N N 4   
ALA CA  CB   sing N N 5   
ALA CA  HA   sing N N 6   
ALA C   O    doub N N 7   
ALA C   OXT  sing N N 8   
ALA CB  HB1  sing N N 9   
ALA CB  HB2  sing N N 10  
ALA CB  HB3  sing N N 11  
ALA OXT HXT  sing N N 12  
ARG N   CA   sing N N 13  
ARG N   H    sing N N 14  
ARG N   H2   sing N N 15  
ARG CA  C    sing N N 16  
ARG CA  CB   sing N N 17  
ARG CA  HA   sing N N 18  
ARG C   O    doub N N 19  
ARG C   OXT  sing N N 20  
ARG CB  CG   sing N N 21  
ARG CB  HB2  sing N N 22  
ARG CB  HB3  sing N N 23  
ARG CG  CD   sing N N 24  
ARG CG  HG2  sing N N 25  
ARG CG  HG3  sing N N 26  
ARG CD  NE   sing N N 27  
ARG CD  HD2  sing N N 28  
ARG CD  HD3  sing N N 29  
ARG NE  CZ   sing N N 30  
ARG NE  HE   sing N N 31  
ARG CZ  NH1  sing N N 32  
ARG CZ  NH2  doub N N 33  
ARG NH1 HH11 sing N N 34  
ARG NH1 HH12 sing N N 35  
ARG NH2 HH21 sing N N 36  
ARG NH2 HH22 sing N N 37  
ARG OXT HXT  sing N N 38  
ASN N   CA   sing N N 39  
ASN N   H    sing N N 40  
ASN N   H2   sing N N 41  
ASN CA  C    sing N N 42  
ASN CA  CB   sing N N 43  
ASN CA  HA   sing N N 44  
ASN C   O    doub N N 45  
ASN C   OXT  sing N N 46  
ASN CB  CG   sing N N 47  
ASN CB  HB2  sing N N 48  
ASN CB  HB3  sing N N 49  
ASN CG  OD1  doub N N 50  
ASN CG  ND2  sing N N 51  
ASN ND2 HD21 sing N N 52  
ASN ND2 HD22 sing N N 53  
ASN OXT HXT  sing N N 54  
ASP N   CA   sing N N 55  
ASP N   H    sing N N 56  
ASP N   H2   sing N N 57  
ASP CA  C    sing N N 58  
ASP CA  CB   sing N N 59  
ASP CA  HA   sing N N 60  
ASP C   O    doub N N 61  
ASP C   OXT  sing N N 62  
ASP CB  CG   sing N N 63  
ASP CB  HB2  sing N N 64  
ASP CB  HB3  sing N N 65  
ASP CG  OD1  doub N N 66  
ASP CG  OD2  sing N N 67  
ASP OD2 HD2  sing N N 68  
ASP OXT HXT  sing N N 69  
CYS N   CA   sing N N 70  
CYS N   H    sing N N 71  
CYS N   H2   sing N N 72  
CYS CA  C    sing N N 73  
CYS CA  CB   sing N N 74  
CYS CA  HA   sing N N 75  
CYS C   O    doub N N 76  
CYS C   OXT  sing N N 77  
CYS CB  SG   sing N N 78  
CYS CB  HB2  sing N N 79  
CYS CB  HB3  sing N N 80  
CYS SG  HG   sing N N 81  
CYS OXT HXT  sing N N 82  
GLN N   CA   sing N N 83  
GLN N   H    sing N N 84  
GLN N   H2   sing N N 85  
GLN CA  C    sing N N 86  
GLN CA  CB   sing N N 87  
GLN CA  HA   sing N N 88  
GLN C   O    doub N N 89  
GLN C   OXT  sing N N 90  
GLN CB  CG   sing N N 91  
GLN CB  HB2  sing N N 92  
GLN CB  HB3  sing N N 93  
GLN CG  CD   sing N N 94  
GLN CG  HG2  sing N N 95  
GLN CG  HG3  sing N N 96  
GLN CD  OE1  doub N N 97  
GLN CD  NE2  sing N N 98  
GLN NE2 HE21 sing N N 99  
GLN NE2 HE22 sing N N 100 
GLN OXT HXT  sing N N 101 
GLU N   CA   sing N N 102 
GLU N   H    sing N N 103 
GLU N   H2   sing N N 104 
GLU CA  C    sing N N 105 
GLU CA  CB   sing N N 106 
GLU CA  HA   sing N N 107 
GLU C   O    doub N N 108 
GLU C   OXT  sing N N 109 
GLU CB  CG   sing N N 110 
GLU CB  HB2  sing N N 111 
GLU CB  HB3  sing N N 112 
GLU CG  CD   sing N N 113 
GLU CG  HG2  sing N N 114 
GLU CG  HG3  sing N N 115 
GLU CD  OE1  doub N N 116 
GLU CD  OE2  sing N N 117 
GLU OE2 HE2  sing N N 118 
GLU OXT HXT  sing N N 119 
GLY N   CA   sing N N 120 
GLY N   H    sing N N 121 
GLY N   H2   sing N N 122 
GLY CA  C    sing N N 123 
GLY CA  HA2  sing N N 124 
GLY CA  HA3  sing N N 125 
GLY C   O    doub N N 126 
GLY C   OXT  sing N N 127 
GLY OXT HXT  sing N N 128 
HIS N   CA   sing N N 129 
HIS N   H    sing N N 130 
HIS N   H2   sing N N 131 
HIS CA  C    sing N N 132 
HIS CA  CB   sing N N 133 
HIS CA  HA   sing N N 134 
HIS C   O    doub N N 135 
HIS C   OXT  sing N N 136 
HIS CB  CG   sing N N 137 
HIS CB  HB2  sing N N 138 
HIS CB  HB3  sing N N 139 
HIS CG  ND1  sing Y N 140 
HIS CG  CD2  doub Y N 141 
HIS ND1 CE1  doub Y N 142 
HIS ND1 HD1  sing N N 143 
HIS CD2 NE2  sing Y N 144 
HIS CD2 HD2  sing N N 145 
HIS CE1 NE2  sing Y N 146 
HIS CE1 HE1  sing N N 147 
HIS NE2 HE2  sing N N 148 
HIS OXT HXT  sing N N 149 
ILE N   CA   sing N N 150 
ILE N   H    sing N N 151 
ILE N   H2   sing N N 152 
ILE CA  C    sing N N 153 
ILE CA  CB   sing N N 154 
ILE CA  HA   sing N N 155 
ILE C   O    doub N N 156 
ILE C   OXT  sing N N 157 
ILE CB  CG1  sing N N 158 
ILE CB  CG2  sing N N 159 
ILE CB  HB   sing N N 160 
ILE CG1 CD1  sing N N 161 
ILE CG1 HG12 sing N N 162 
ILE CG1 HG13 sing N N 163 
ILE CG2 HG21 sing N N 164 
ILE CG2 HG22 sing N N 165 
ILE CG2 HG23 sing N N 166 
ILE CD1 HD11 sing N N 167 
ILE CD1 HD12 sing N N 168 
ILE CD1 HD13 sing N N 169 
ILE OXT HXT  sing N N 170 
LEU N   CA   sing N N 171 
LEU N   H    sing N N 172 
LEU N   H2   sing N N 173 
LEU CA  C    sing N N 174 
LEU CA  CB   sing N N 175 
LEU CA  HA   sing N N 176 
LEU C   O    doub N N 177 
LEU C   OXT  sing N N 178 
LEU CB  CG   sing N N 179 
LEU CB  HB2  sing N N 180 
LEU CB  HB3  sing N N 181 
LEU CG  CD1  sing N N 182 
LEU CG  CD2  sing N N 183 
LEU CG  HG   sing N N 184 
LEU CD1 HD11 sing N N 185 
LEU CD1 HD12 sing N N 186 
LEU CD1 HD13 sing N N 187 
LEU CD2 HD21 sing N N 188 
LEU CD2 HD22 sing N N 189 
LEU CD2 HD23 sing N N 190 
LEU OXT HXT  sing N N 191 
LYS N   CA   sing N N 192 
LYS N   H    sing N N 193 
LYS N   H2   sing N N 194 
LYS CA  C    sing N N 195 
LYS CA  CB   sing N N 196 
LYS CA  HA   sing N N 197 
LYS C   O    doub N N 198 
LYS C   OXT  sing N N 199 
LYS CB  CG   sing N N 200 
LYS CB  HB2  sing N N 201 
LYS CB  HB3  sing N N 202 
LYS CG  CD   sing N N 203 
LYS CG  HG2  sing N N 204 
LYS CG  HG3  sing N N 205 
LYS CD  CE   sing N N 206 
LYS CD  HD2  sing N N 207 
LYS CD  HD3  sing N N 208 
LYS CE  NZ   sing N N 209 
LYS CE  HE2  sing N N 210 
LYS CE  HE3  sing N N 211 
LYS NZ  HZ1  sing N N 212 
LYS NZ  HZ2  sing N N 213 
LYS NZ  HZ3  sing N N 214 
LYS OXT HXT  sing N N 215 
MET N   CA   sing N N 216 
MET N   H    sing N N 217 
MET N   H2   sing N N 218 
MET CA  C    sing N N 219 
MET CA  CB   sing N N 220 
MET CA  HA   sing N N 221 
MET C   O    doub N N 222 
MET C   OXT  sing N N 223 
MET CB  CG   sing N N 224 
MET CB  HB2  sing N N 225 
MET CB  HB3  sing N N 226 
MET CG  SD   sing N N 227 
MET CG  HG2  sing N N 228 
MET CG  HG3  sing N N 229 
MET SD  CE   sing N N 230 
MET CE  HE1  sing N N 231 
MET CE  HE2  sing N N 232 
MET CE  HE3  sing N N 233 
MET OXT HXT  sing N N 234 
PHE N   CA   sing N N 235 
PHE N   H    sing N N 236 
PHE N   H2   sing N N 237 
PHE CA  C    sing N N 238 
PHE CA  CB   sing N N 239 
PHE CA  HA   sing N N 240 
PHE C   O    doub N N 241 
PHE C   OXT  sing N N 242 
PHE CB  CG   sing N N 243 
PHE CB  HB2  sing N N 244 
PHE CB  HB3  sing N N 245 
PHE CG  CD1  doub Y N 246 
PHE CG  CD2  sing Y N 247 
PHE CD1 CE1  sing Y N 248 
PHE CD1 HD1  sing N N 249 
PHE CD2 CE2  doub Y N 250 
PHE CD2 HD2  sing N N 251 
PHE CE1 CZ   doub Y N 252 
PHE CE1 HE1  sing N N 253 
PHE CE2 CZ   sing Y N 254 
PHE CE2 HE2  sing N N 255 
PHE CZ  HZ   sing N N 256 
PHE OXT HXT  sing N N 257 
PRO N   CA   sing N N 258 
PRO N   CD   sing N N 259 
PRO N   H    sing N N 260 
PRO CA  C    sing N N 261 
PRO CA  CB   sing N N 262 
PRO CA  HA   sing N N 263 
PRO C   O    doub N N 264 
PRO C   OXT  sing N N 265 
PRO CB  CG   sing N N 266 
PRO CB  HB2  sing N N 267 
PRO CB  HB3  sing N N 268 
PRO CG  CD   sing N N 269 
PRO CG  HG2  sing N N 270 
PRO CG  HG3  sing N N 271 
PRO CD  HD2  sing N N 272 
PRO CD  HD3  sing N N 273 
PRO OXT HXT  sing N N 274 
SER N   CA   sing N N 275 
SER N   H    sing N N 276 
SER N   H2   sing N N 277 
SER CA  C    sing N N 278 
SER CA  CB   sing N N 279 
SER CA  HA   sing N N 280 
SER C   O    doub N N 281 
SER C   OXT  sing N N 282 
SER CB  OG   sing N N 283 
SER CB  HB2  sing N N 284 
SER CB  HB3  sing N N 285 
SER OG  HG   sing N N 286 
SER OXT HXT  sing N N 287 
THR N   CA   sing N N 288 
THR N   H    sing N N 289 
THR N   H2   sing N N 290 
THR CA  C    sing N N 291 
THR CA  CB   sing N N 292 
THR CA  HA   sing N N 293 
THR C   O    doub N N 294 
THR C   OXT  sing N N 295 
THR CB  OG1  sing N N 296 
THR CB  CG2  sing N N 297 
THR CB  HB   sing N N 298 
THR OG1 HG1  sing N N 299 
THR CG2 HG21 sing N N 300 
THR CG2 HG22 sing N N 301 
THR CG2 HG23 sing N N 302 
THR OXT HXT  sing N N 303 
TRP N   CA   sing N N 304 
TRP N   H    sing N N 305 
TRP N   H2   sing N N 306 
TRP CA  C    sing N N 307 
TRP CA  CB   sing N N 308 
TRP CA  HA   sing N N 309 
TRP C   O    doub N N 310 
TRP C   OXT  sing N N 311 
TRP CB  CG   sing N N 312 
TRP CB  HB2  sing N N 313 
TRP CB  HB3  sing N N 314 
TRP CG  CD1  doub Y N 315 
TRP CG  CD2  sing Y N 316 
TRP CD1 NE1  sing Y N 317 
TRP CD1 HD1  sing N N 318 
TRP CD2 CE2  doub Y N 319 
TRP CD2 CE3  sing Y N 320 
TRP NE1 CE2  sing Y N 321 
TRP NE1 HE1  sing N N 322 
TRP CE2 CZ2  sing Y N 323 
TRP CE3 CZ3  doub Y N 324 
TRP CE3 HE3  sing N N 325 
TRP CZ2 CH2  doub Y N 326 
TRP CZ2 HZ2  sing N N 327 
TRP CZ3 CH2  sing Y N 328 
TRP CZ3 HZ3  sing N N 329 
TRP CH2 HH2  sing N N 330 
TRP OXT HXT  sing N N 331 
TYR N   CA   sing N N 332 
TYR N   H    sing N N 333 
TYR N   H2   sing N N 334 
TYR CA  C    sing N N 335 
TYR CA  CB   sing N N 336 
TYR CA  HA   sing N N 337 
TYR C   O    doub N N 338 
TYR C   OXT  sing N N 339 
TYR CB  CG   sing N N 340 
TYR CB  HB2  sing N N 341 
TYR CB  HB3  sing N N 342 
TYR CG  CD1  doub Y N 343 
TYR CG  CD2  sing Y N 344 
TYR CD1 CE1  sing Y N 345 
TYR CD1 HD1  sing N N 346 
TYR CD2 CE2  doub Y N 347 
TYR CD2 HD2  sing N N 348 
TYR CE1 CZ   doub Y N 349 
TYR CE1 HE1  sing N N 350 
TYR CE2 CZ   sing Y N 351 
TYR CE2 HE2  sing N N 352 
TYR CZ  OH   sing N N 353 
TYR OH  HH   sing N N 354 
TYR OXT HXT  sing N N 355 
VAL N   CA   sing N N 356 
VAL N   H    sing N N 357 
VAL N   H2   sing N N 358 
VAL CA  C    sing N N 359 
VAL CA  CB   sing N N 360 
VAL CA  HA   sing N N 361 
VAL C   O    doub N N 362 
VAL C   OXT  sing N N 363 
VAL CB  CG1  sing N N 364 
VAL CB  CG2  sing N N 365 
VAL CB  HB   sing N N 366 
VAL CG1 HG11 sing N N 367 
VAL CG1 HG12 sing N N 368 
VAL CG1 HG13 sing N N 369 
VAL CG2 HG21 sing N N 370 
VAL CG2 HG22 sing N N 371 
VAL CG2 HG23 sing N N 372 
VAL OXT HXT  sing N N 373 
# 
_em_admin.current_status     REL 
_em_admin.deposition_date    2024-09-13 
_em_admin.deposition_site    PDBJ 
_em_admin.entry_id           9JJH 
_em_admin.last_update        2025-01-22 
_em_admin.map_release_date   2024-10-16 
_em_admin.title              'Cryo-EM structure of a T=1 VLP of RHDV GI.2 with N-terminal 1-37 residues truncated' 
# 
_em_ctf_correction.details                  ? 
_em_ctf_correction.em_image_processing_id   1 
_em_ctf_correction.id                       1 
_em_ctf_correction.type                     'PHASE FLIPPING AND AMPLITUDE CORRECTION' 
# 
_em_entity_assembly_molwt.entity_assembly_id   1 
_em_entity_assembly_molwt.experimental_flag    NO 
_em_entity_assembly_molwt.id                   1 
_em_entity_assembly_molwt.units                ? 
_em_entity_assembly_molwt.value                ? 
# 
_em_entity_assembly_naturalsource.cell                 ? 
_em_entity_assembly_naturalsource.cellular_location    ? 
_em_entity_assembly_naturalsource.entity_assembly_id   1 
_em_entity_assembly_naturalsource.id                   2 
_em_entity_assembly_naturalsource.ncbi_tax_id          1930083 
_em_entity_assembly_naturalsource.organism             'Rabbit hemorrhagic disease virus 2' 
_em_entity_assembly_naturalsource.organelle            ? 
_em_entity_assembly_naturalsource.organ                ? 
_em_entity_assembly_naturalsource.strain               ? 
_em_entity_assembly_naturalsource.tissue               ? 
_em_entity_assembly_naturalsource.details              ? 
# 
_em_entity_assembly_recombinant.cell                 sf9 
_em_entity_assembly_recombinant.entity_assembly_id   1 
_em_entity_assembly_recombinant.id                   2 
_em_entity_assembly_recombinant.ncbi_tax_id          7108 
_em_entity_assembly_recombinant.organism             'Spodoptera frugiperda' 
_em_entity_assembly_recombinant.plasmid              ? 
_em_entity_assembly_recombinant.strain               ? 
# 
_em_image_processing.details              ? 
_em_image_processing.id                   1 
_em_image_processing.image_recording_id   1 
# 
_em_image_recording.average_exposure_time               5.09 
_em_image_recording.avg_electron_dose_per_subtomogram   ? 
_em_image_recording.avg_electron_dose_per_image         26.09 
_em_image_recording.details                             ? 
_em_image_recording.detector_mode                       ? 
_em_image_recording.film_or_detector_model              'FEI FALCON IV (4k x 4k)' 
_em_image_recording.id                                  1 
_em_image_recording.imaging_id                          1 
_em_image_recording.num_diffraction_images              ? 
_em_image_recording.num_grids_imaged                    ? 
_em_image_recording.num_real_images                     112 
# 
_em_particle_selection.details                  ? 
_em_particle_selection.id                       1 
_em_particle_selection.image_processing_id      1 
_em_particle_selection.method                   ? 
_em_particle_selection.num_particles_selected   36676 
_em_particle_selection.reference_model          ? 
# 
loop_
_em_software.category 
_em_software.details 
_em_software.id 
_em_software.image_processing_id 
_em_software.fitting_id 
_em_software.imaging_id 
_em_software.name 
_em_software.version 
'PARTICLE SELECTION'       ? 1  1 ? ? RELION  4.0 
'IMAGE ACQUISITION'        ? 2  ? ? 1 EPU     ?   
MASKING                    ? 3  ? ? ? ?       ?   
'CTF CORRECTION'           ? 4  1 ? ? CTFFIND 4   
'LAYERLINE INDEXING'       ? 5  ? ? ? ?       ?   
'DIFFRACTION INDEXING'     ? 6  ? ? ? ?       ?   
'MODEL FITTING'            ? 7  ? ? ? ?       ?   
'MODEL REFINEMENT'         ? 8  ? ? ? ?       ?   
OTHER                      ? 9  ? ? ? ?       ?   
'INITIAL EULER ASSIGNMENT' ? 10 1 ? ? RELION  4.0 
'FINAL EULER ASSIGNMENT'   ? 11 1 ? ? RELION  4.0 
CLASSIFICATION             ? 12 1 ? ? ?       ?   
RECONSTRUCTION             ? 13 1 ? ? RELION  4.0 
# 
_em_specimen.concentration           ? 
_em_specimen.details                 ? 
_em_specimen.embedding_applied       NO 
_em_specimen.experiment_id           1 
_em_specimen.id                      1 
_em_specimen.shadowing_applied       NO 
_em_specimen.staining_applied        NO 
_em_specimen.vitrification_applied   YES 
# 
_em_virus_shell.diameter             290 
_em_virus_shell.entity_assembly_id   1 
_em_virus_shell.id                   1 
_em_virus_shell.name                 ? 
_em_virus_shell.triangulation        1 
# 
loop_
_pdbx_audit_support.funding_organization 
_pdbx_audit_support.country 
_pdbx_audit_support.grant_number 
_pdbx_audit_support.ordinal 
'100 Talents Plan Foundation of Sun Yat-sen University'  China ?                      1 
'China Agriculture Research System'                      China CARS-43-C-1            2 
'Jiangsu Provincial Agricultural Science and Technology' China 'CX(23)1028'           3 
'Shenzhen Science and Technology Program'                China ZDSYS20230626091203007 4 
# 
_atom_sites.entry_id                    9JJH 
_atom_sites.Cartn_transf_matrix[1][1]   ? 
_atom_sites.Cartn_transf_matrix[1][2]   ? 
_atom_sites.Cartn_transf_matrix[1][3]   ? 
_atom_sites.Cartn_transf_matrix[2][1]   ? 
_atom_sites.Cartn_transf_matrix[2][2]   ? 
_atom_sites.Cartn_transf_matrix[2][3]   ? 
_atom_sites.Cartn_transf_matrix[3][1]   ? 
_atom_sites.Cartn_transf_matrix[3][2]   ? 
_atom_sites.Cartn_transf_matrix[3][3]   ? 
_atom_sites.Cartn_transf_vector[1]      ? 
_atom_sites.Cartn_transf_vector[2]      ? 
_atom_sites.Cartn_transf_vector[3]      ? 
_atom_sites.Cartn_transform_axes        ? 
_atom_sites.fract_transf_matrix[1][1]   1.000000 
_atom_sites.fract_transf_matrix[1][2]   0.000000 
_atom_sites.fract_transf_matrix[1][3]   0.000000 
_atom_sites.fract_transf_matrix[2][1]   0.000000 
_atom_sites.fract_transf_matrix[2][2]   1.000000 
_atom_sites.fract_transf_matrix[2][3]   0.000000 
_atom_sites.fract_transf_matrix[3][1]   0.000000 
_atom_sites.fract_transf_matrix[3][2]   0.000000 
_atom_sites.fract_transf_matrix[3][3]   1.000000 
_atom_sites.fract_transf_vector[1]      0.00000 
_atom_sites.fract_transf_vector[2]      0.00000 
_atom_sites.fract_transf_vector[3]      0.00000 
_atom_sites.solution_primary            ? 
_atom_sites.solution_secondary          ? 
_atom_sites.solution_hydrogens          ? 
_atom_sites.special_details             ? 
# 
loop_
_atom_type.symbol 
C 
N 
O 
S 
# 
loop_
_atom_site.group_PDB 
_atom_site.id 
_atom_site.type_symbol 
_atom_site.label_atom_id 
_atom_site.label_alt_id 
_atom_site.label_comp_id 
_atom_site.label_asym_id 
_atom_site.label_entity_id 
_atom_site.label_seq_id 
_atom_site.pdbx_PDB_ins_code 
_atom_site.Cartn_x 
_atom_site.Cartn_y 
_atom_site.Cartn_z 
_atom_site.occupancy 
_atom_site.B_iso_or_equiv 
_atom_site.pdbx_formal_charge 
_atom_site.auth_seq_id 
_atom_site.auth_comp_id 
_atom_site.auth_asym_id 
_atom_site.auth_atom_id 
_atom_site.pdbx_PDB_model_num 
ATOM 1    N N   . GLU A 1 29  ? -17.366 5.762   -14.142 1.00 26.93 ? 66  GLU A N   1 
ATOM 2    C CA  . GLU A 1 29  ? -17.509 6.211   -12.763 1.00 26.93 ? 66  GLU A CA  1 
ATOM 3    C C   . GLU A 1 29  ? -16.270 6.982   -12.322 1.00 26.93 ? 66  GLU A C   1 
ATOM 4    O O   . GLU A 1 29  ? -15.156 6.464   -12.376 1.00 26.93 ? 66  GLU A O   1 
ATOM 5    C CB  . GLU A 1 29  ? -17.759 5.021   -11.833 1.00 26.93 ? 66  GLU A CB  1 
ATOM 6    C CG  . GLU A 1 29  ? -19.061 4.286   -12.115 1.00 26.93 ? 66  GLU A CG  1 
ATOM 7    C CD  . GLU A 1 29  ? -19.243 3.057   -11.244 1.00 26.93 ? 66  GLU A CD  1 
ATOM 8    O OE1 . GLU A 1 29  ? -19.565 3.215   -10.047 1.00 26.93 ? 66  GLU A OE1 1 
ATOM 9    O OE2 . GLU A 1 29  ? -19.065 1.932   -11.756 1.00 26.93 ? 66  GLU A OE2 1 
ATOM 10   N N   . THR A 1 30  ? -16.471 8.228   -11.888 1.00 24.24 ? 67  THR A N   1 
ATOM 11   C CA  . THR A 1 30  ? -15.341 9.070   -11.511 1.00 24.24 ? 67  THR A CA  1 
ATOM 12   C C   . THR A 1 30  ? -14.680 8.578   -10.230 1.00 24.24 ? 67  THR A C   1 
ATOM 13   O O   . THR A 1 30  ? -13.502 8.864   -9.983  1.00 24.24 ? 67  THR A O   1 
ATOM 14   C CB  . THR A 1 30  ? -15.792 10.522  -11.352 1.00 24.24 ? 67  THR A CB  1 
ATOM 15   O OG1 . THR A 1 30  ? -16.812 10.604  -10.348 1.00 24.24 ? 67  THR A OG1 1 
ATOM 16   C CG2 . THR A 1 30  ? -16.330 11.062  -12.666 1.00 24.24 ? 67  THR A CG2 1 
ATOM 17   N N   . TRP A 1 31  ? -15.413 7.832   -9.401  1.00 23.24 ? 68  TRP A N   1 
ATOM 18   C CA  . TRP A 1 31  ? -14.832 7.372   -8.146  1.00 23.24 ? 68  TRP A CA  1 
ATOM 19   C C   . TRP A 1 31  ? -13.778 6.292   -8.344  1.00 23.24 ? 68  TRP A C   1 
ATOM 20   O O   . TRP A 1 31  ? -13.087 5.948   -7.381  1.00 23.24 ? 68  TRP A O   1 
ATOM 21   C CB  . TRP A 1 31  ? -15.925 6.874   -7.193  1.00 23.24 ? 68  TRP A CB  1 
ATOM 22   C CG  . TRP A 1 31  ? -16.638 5.625   -7.617  1.00 23.24 ? 68  TRP A CG  1 
ATOM 23   C CD1 . TRP A 1 31  ? -17.810 5.547   -8.308  1.00 23.24 ? 68  TRP A CD1 1 
ATOM 24   C CD2 . TRP A 1 31  ? -16.241 4.273   -7.349  1.00 23.24 ? 68  TRP A CD2 1 
ATOM 25   N NE1 . TRP A 1 31  ? -18.161 4.234   -8.499  1.00 23.24 ? 68  TRP A NE1 1 
ATOM 26   C CE2 . TRP A 1 31  ? -17.214 3.431   -7.921  1.00 23.24 ? 68  TRP A CE2 1 
ATOM 27   C CE3 . TRP A 1 31  ? -15.153 3.694   -6.689  1.00 23.24 ? 68  TRP A CE3 1 
ATOM 28   C CZ2 . TRP A 1 31  ? -17.132 2.042   -7.852  1.00 23.24 ? 68  TRP A CZ2 1 
ATOM 29   C CZ3 . TRP A 1 31  ? -15.074 2.315   -6.623  1.00 23.24 ? 68  TRP A CZ3 1 
ATOM 30   C CH2 . TRP A 1 31  ? -16.057 1.505   -7.201  1.00 23.24 ? 68  TRP A CH2 1 
ATOM 31   N N   . ARG A 1 32  ? -13.629 5.757   -9.558  1.00 22.55 ? 69  ARG A N   1 
ATOM 32   C CA  . ARG A 1 32  ? -12.633 4.728   -9.827  1.00 22.55 ? 69  ARG A CA  1 
ATOM 33   C C   . ARG A 1 32  ? -11.693 5.107   -10.969 1.00 22.55 ? 69  ARG A C   1 
ATOM 34   O O   . ARG A 1 32  ? -11.027 4.233   -11.532 1.00 22.55 ? 69  ARG A O   1 
ATOM 35   C CB  . ARG A 1 32  ? -13.313 3.388   -10.114 1.00 22.55 ? 69  ARG A CB  1 
ATOM 36   C CG  . ARG A 1 32  ? -14.111 3.333   -11.402 1.00 22.55 ? 69  ARG A CG  1 
ATOM 37   C CD  . ARG A 1 32  ? -14.973 2.081   -11.432 1.00 22.55 ? 69  ARG A CD  1 
ATOM 38   N NE  . ARG A 1 32  ? -14.157 0.878   -11.327 1.00 22.55 ? 69  ARG A NE  1 
ATOM 39   C CZ  . ARG A 1 32  ? -14.629 -0.330  -11.048 1.00 22.55 ? 69  ARG A CZ  1 
ATOM 40   N NH1 . ARG A 1 32  ? -15.918 -0.539  -10.845 1.00 22.55 ? 69  ARG A NH1 1 
ATOM 41   N NH2 . ARG A 1 32  ? -13.783 -1.352  -10.966 1.00 22.55 ? 69  ARG A NH2 1 
ATOM 42   N N   . THR A 1 33  ? -11.608 6.392   -11.314 1.00 21.42 ? 70  THR A N   1 
ATOM 43   C CA  . THR A 1 33  ? -10.697 6.849   -12.354 1.00 21.42 ? 70  THR A CA  1 
ATOM 44   C C   . THR A 1 33  ? -9.546  7.696   -11.831 1.00 21.42 ? 70  THR A C   1 
ATOM 45   O O   . THR A 1 33  ? -8.584  7.921   -12.573 1.00 21.42 ? 70  THR A O   1 
ATOM 46   C CB  . THR A 1 33  ? -11.456 7.652   -13.422 1.00 21.42 ? 70  THR A CB  1 
ATOM 47   O OG1 . THR A 1 33  ? -12.137 8.751   -12.806 1.00 21.42 ? 70  THR A OG1 1 
ATOM 48   C CG2 . THR A 1 33  ? -12.460 6.770   -14.145 1.00 21.42 ? 70  THR A CG2 1 
ATOM 49   N N   . ASN A 1 34  ? -9.607  8.163   -10.587 1.00 19.07 ? 71  ASN A N   1 
ATOM 50   C CA  . ASN A 1 34  ? -8.595  9.050   -10.038 1.00 19.07 ? 71  ASN A CA  1 
ATOM 51   C C   . ASN A 1 34  ? -7.996  8.457   -8.771  1.00 19.07 ? 71  ASN A C   1 
ATOM 52   O O   . ASN A 1 34  ? -8.631  7.657   -8.078  1.00 19.07 ? 71  ASN A O   1 
ATOM 53   C CB  . ASN A 1 34  ? -9.178  10.435  -9.726  1.00 19.07 ? 71  ASN A CB  1 
ATOM 54   C CG  . ASN A 1 34  ? -9.637  11.168  -10.969 1.00 19.07 ? 71  ASN A CG  1 
ATOM 55   O OD1 . ASN A 1 34  ? -8.838  11.785  -11.671 1.00 19.07 ? 71  ASN A OD1 1 
ATOM 56   N ND2 . ASN A 1 34  ? -10.934 11.110  -11.245 1.00 19.07 ? 71  ASN A ND2 1 
ATOM 57   N N   . PHE A 1 35  ? -6.763  8.859   -8.478  1.00 16.61 ? 72  PHE A N   1 
ATOM 58   C CA  . PHE A 1 35  ? -6.100  8.500   -7.234  1.00 16.61 ? 72  PHE A CA  1 
ATOM 59   C C   . PHE A 1 35  ? -6.538  9.444   -6.123  1.00 16.61 ? 72  PHE A C   1 
ATOM 60   O O   . PHE A 1 35  ? -6.775  10.631  -6.361  1.00 16.61 ? 72  PHE A O   1 
ATOM 61   C CB  . PHE A 1 35  ? -4.581  8.556   -7.398  1.00 16.61 ? 72  PHE A CB  1 
ATOM 62   C CG  . PHE A 1 35  ? -3.998  7.347   -8.066  1.00 16.61 ? 72  PHE A CG  1 
ATOM 63   C CD1 . PHE A 1 35  ? -3.600  6.254   -7.317  1.00 16.61 ? 72  PHE A CD1 1 
ATOM 64   C CD2 . PHE A 1 35  ? -3.844  7.303   -9.441  1.00 16.61 ? 72  PHE A CD2 1 
ATOM 65   C CE1 . PHE A 1 35  ? -3.060  5.140   -7.926  1.00 16.61 ? 72  PHE A CE1 1 
ATOM 66   C CE2 . PHE A 1 35  ? -3.305  6.190   -10.055 1.00 16.61 ? 72  PHE A CE2 1 
ATOM 67   C CZ  . PHE A 1 35  ? -2.913  5.108   -9.297  1.00 16.61 ? 72  PHE A CZ  1 
ATOM 68   N N   . TYR A 1 36  ? -6.643  8.912   -4.907  1.00 16.05 ? 73  TYR A N   1 
ATOM 69   C CA  . TYR A 1 36  ? -7.051  9.694   -3.750  1.00 16.05 ? 73  TYR A CA  1 
ATOM 70   C C   . TYR A 1 36  ? -6.160  9.372   -2.559  1.00 16.05 ? 73  TYR A C   1 
ATOM 71   O O   . TYR A 1 36  ? -5.618  8.271   -2.447  1.00 16.05 ? 73  TYR A O   1 
ATOM 72   C CB  . TYR A 1 36  ? -8.521  9.443   -3.389  1.00 16.05 ? 73  TYR A CB  1 
ATOM 73   C CG  . TYR A 1 36  ? -9.480  9.814   -4.496  1.00 16.05 ? 73  TYR A CG  1 
ATOM 74   C CD1 . TYR A 1 36  ? -9.862  11.133  -4.695  1.00 16.05 ? 73  TYR A CD1 1 
ATOM 75   C CD2 . TYR A 1 36  ? -10.000 8.848   -5.345  1.00 16.05 ? 73  TYR A CD2 1 
ATOM 76   C CE1 . TYR A 1 36  ? -10.733 11.480  -5.706  1.00 16.05 ? 73  TYR A CE1 1 
ATOM 77   C CE2 . TYR A 1 36  ? -10.872 9.184   -6.360  1.00 16.05 ? 73  TYR A CE2 1 
ATOM 78   C CZ  . TYR A 1 36  ? -11.235 10.503  -6.535  1.00 16.05 ? 73  TYR A CZ  1 
ATOM 79   O OH  . TYR A 1 36  ? -12.104 10.845  -7.544  1.00 16.05 ? 73  TYR A OH  1 
ATOM 80   N N   . TYR A 1 37  ? -6.029  10.349  -1.665  1.00 16.26 ? 74  TYR A N   1 
ATOM 81   C CA  . TYR A 1 37  ? -5.142  10.226  -0.515  1.00 16.26 ? 74  TYR A CA  1 
ATOM 82   C C   . TYR A 1 37  ? -5.590  9.100   0.410   1.00 16.26 ? 74  TYR A C   1 
ATOM 83   O O   . TYR A 1 37  ? -6.780  8.944   0.694   1.00 16.26 ? 74  TYR A O   1 
ATOM 84   C CB  . TYR A 1 37  ? -5.100  11.552  0.247   1.00 16.26 ? 74  TYR A CB  1 
ATOM 85   C CG  . TYR A 1 37  ? -4.511  11.461  1.635   1.00 16.26 ? 74  TYR A CG  1 
ATOM 86   C CD1 . TYR A 1 37  ? -3.139  11.455  1.829   1.00 16.26 ? 74  TYR A CD1 1 
ATOM 87   C CD2 . TYR A 1 37  ? -5.331  11.393  2.755   1.00 16.26 ? 74  TYR A CD2 1 
ATOM 88   C CE1 . TYR A 1 37  ? -2.597  11.375  3.096   1.00 16.26 ? 74  TYR A CE1 1 
ATOM 89   C CE2 . TYR A 1 37  ? -4.799  11.312  4.024   1.00 16.26 ? 74  TYR A CE2 1 
ATOM 90   C CZ  . TYR A 1 37  ? -3.432  11.305  4.189   1.00 16.26 ? 74  TYR A CZ  1 
ATOM 91   O OH  . TYR A 1 37  ? -2.897  11.224  5.452   1.00 16.26 ? 74  TYR A OH  1 
ATOM 92   N N   . ASN A 1 38  ? -4.623  8.310   0.879   1.00 16.47 ? 75  ASN A N   1 
ATOM 93   C CA  . ASN A 1 38  ? -4.891  7.235   1.831   1.00 16.47 ? 75  ASN A CA  1 
ATOM 94   C C   . ASN A 1 38  ? -4.151  7.422   3.149   1.00 16.47 ? 75  ASN A C   1 
ATOM 95   O O   . ASN A 1 38  ? -4.785  7.394   4.208   1.00 16.47 ? 75  ASN A O   1 
ATOM 96   C CB  . ASN A 1 38  ? -4.540  5.876   1.209   1.00 16.47 ? 75  ASN A CB  1 
ATOM 97   C CG  . ASN A 1 38  ? -4.832  4.716   2.143   1.00 16.47 ? 75  ASN A CG  1 
ATOM 98   O OD1 . ASN A 1 38  ? -5.904  4.641   2.744   1.00 16.47 ? 75  ASN A OD1 1 
ATOM 99   N ND2 . ASN A 1 38  ? -3.877  3.808   2.272   1.00 16.47 ? 75  ASN A ND2 1 
ATOM 100  N N   . ASP A 1 39  ? -2.831  7.610   3.128   1.00 18.04 ? 76  ASP A N   1 
ATOM 101  C CA  . ASP A 1 39  ? -2.047  7.658   4.355   1.00 18.04 ? 76  ASP A CA  1 
ATOM 102  C C   . ASP A 1 39  ? -0.709  8.338   4.086   1.00 18.04 ? 76  ASP A C   1 
ATOM 103  O O   . ASP A 1 39  ? -0.417  8.766   2.967   1.00 18.04 ? 76  ASP A O   1 
ATOM 104  C CB  . ASP A 1 39  ? -1.838  6.251   4.926   1.00 18.04 ? 76  ASP A CB  1 
ATOM 105  C CG  . ASP A 1 39  ? -1.757  6.242   6.440   1.00 18.04 ? 76  ASP A CG  1 
ATOM 106  O OD1 . ASP A 1 39  ? -1.537  7.317   7.034   1.00 18.04 ? 76  ASP A OD1 1 
ATOM 107  O OD2 . ASP A 1 39  ? -1.915  5.157   7.038   1.00 18.04 ? 76  ASP A OD2 1 
ATOM 108  N N   . VAL A 1 40  ? 0.109   8.428   5.137   1.00 17.85 ? 77  VAL A N   1 
ATOM 109  C CA  . VAL A 1 40  ? 1.432   9.036   5.065   1.00 17.85 ? 77  VAL A CA  1 
ATOM 110  C C   . VAL A 1 40  ? 2.300   8.408   6.149   1.00 17.85 ? 77  VAL A C   1 
ATOM 111  O O   . VAL A 1 40  ? 1.809   8.024   7.213   1.00 17.85 ? 77  VAL A O   1 
ATOM 112  C CB  . VAL A 1 40  ? 1.354   10.577  5.213   1.00 17.85 ? 77  VAL A CB  1 
ATOM 113  C CG1 . VAL A 1 40  ? 0.830   10.964  6.588   1.00 17.85 ? 77  VAL A CG1 1 
ATOM 114  C CG2 . VAL A 1 40  ? 2.705   11.225  4.946   1.00 17.85 ? 77  VAL A CG2 1 
ATOM 115  N N   . PHE A 1 41  ? 3.597   8.281   5.867   1.00 18.36 ? 78  PHE A N   1 
ATOM 116  C CA  . PHE A 1 41  ? 4.544   7.750   6.838   1.00 18.36 ? 78  PHE A CA  1 
ATOM 117  C C   . PHE A 1 41  ? 5.866   8.496   6.723   1.00 18.36 ? 78  PHE A C   1 
ATOM 118  O O   . PHE A 1 41  ? 6.057   9.332   5.835   1.00 18.36 ? 78  PHE A O   1 
ATOM 119  C CB  . PHE A 1 41  ? 4.748   6.233   6.673   1.00 18.36 ? 78  PHE A CB  1 
ATOM 120  C CG  . PHE A 1 41  ? 5.442   5.837   5.401   1.00 18.36 ? 78  PHE A CG  1 
ATOM 121  C CD1 . PHE A 1 41  ? 4.718   5.611   4.243   1.00 18.36 ? 78  PHE A CD1 1 
ATOM 122  C CD2 . PHE A 1 41  ? 6.818   5.662   5.369   1.00 18.36 ? 78  PHE A CD2 1 
ATOM 123  C CE1 . PHE A 1 41  ? 5.351   5.238   3.074   1.00 18.36 ? 78  PHE A CE1 1 
ATOM 124  C CE2 . PHE A 1 41  ? 7.456   5.288   4.202   1.00 18.36 ? 78  PHE A CE2 1 
ATOM 125  C CZ  . PHE A 1 41  ? 6.723   5.075   3.055   1.00 18.36 ? 78  PHE A CZ  1 
ATOM 126  N N   . THR A 1 42  ? 6.781   8.186   7.639   1.00 19.61 ? 79  THR A N   1 
ATOM 127  C CA  . THR A 1 42  ? 8.033   8.917   7.790   1.00 19.61 ? 79  THR A CA  1 
ATOM 128  C C   . THR A 1 42  ? 9.228   8.010   7.522   1.00 19.61 ? 79  THR A C   1 
ATOM 129  O O   . THR A 1 42  ? 9.267   6.864   7.978   1.00 19.61 ? 79  THR A O   1 
ATOM 130  C CB  . THR A 1 42  ? 8.143   9.511   9.197   1.00 19.61 ? 79  THR A CB  1 
ATOM 131  O OG1 . THR A 1 42  ? 7.047   10.404  9.430   1.00 19.61 ? 79  THR A OG1 1 
ATOM 132  C CG2 . THR A 1 42  ? 9.450   10.273  9.368   1.00 19.61 ? 79  THR A CG2 1 
ATOM 133  N N   . TRP A 1 43  ? 10.208  8.537   6.788   1.00 19.74 ? 80  TRP A N   1 
ATOM 134  C CA  . TRP A 1 43  ? 11.454  7.843   6.496   1.00 19.74 ? 80  TRP A CA  1 
ATOM 135  C C   . TRP A 1 43  ? 12.614  8.688   7.005   1.00 19.74 ? 80  TRP A C   1 
ATOM 136  O O   . TRP A 1 43  ? 12.746  9.855   6.627   1.00 19.74 ? 80  TRP A O   1 
ATOM 137  C CB  . TRP A 1 43  ? 11.588  7.582   4.991   1.00 19.74 ? 80  TRP A CB  1 
ATOM 138  C CG  . TRP A 1 43  ? 12.833  6.852   4.581   1.00 19.74 ? 80  TRP A CG  1 
ATOM 139  C CD1 . TRP A 1 43  ? 13.670  6.136   5.384   1.00 19.74 ? 80  TRP A CD1 1 
ATOM 140  C CD2 . TRP A 1 43  ? 13.368  6.754   3.256   1.00 19.74 ? 80  TRP A CD2 1 
ATOM 141  N NE1 . TRP A 1 43  ? 14.699  5.607   4.645   1.00 19.74 ? 80  TRP A NE1 1 
ATOM 142  C CE2 . TRP A 1 43  ? 14.534  5.970   3.334   1.00 19.74 ? 80  TRP A CE2 1 
ATOM 143  C CE3 . TRP A 1 43  ? 12.974  7.255   2.012   1.00 19.74 ? 80  TRP A CE3 1 
ATOM 144  C CZ2 . TRP A 1 43  ? 15.311  5.676   2.218   1.00 19.74 ? 80  TRP A CZ2 1 
ATOM 145  C CZ3 . TRP A 1 43  ? 13.747  6.964   0.905   1.00 19.74 ? 80  TRP A CZ3 1 
ATOM 146  C CH2 . TRP A 1 43  ? 14.900  6.180   1.015   1.00 19.74 ? 80  TRP A CH2 1 
ATOM 147  N N   . SER A 1 44  ? 13.437  8.102   7.863   1.00 23.17 ? 81  SER A N   1 
ATOM 148  C CA  . SER A 1 44  ? 14.533  8.857   8.443   1.00 23.17 ? 81  SER A CA  1 
ATOM 149  C C   . SER A 1 44  ? 15.882  8.239   8.153   1.00 23.17 ? 81  SER A C   1 
ATOM 150  O O   . SER A 1 44  ? 15.971  7.152   7.580   1.00 23.17 ? 81  SER A O   1 
ATOM 151  C CB  . SER A 1 44  ? 14.349  8.972   9.958   1.00 23.17 ? 81  SER A CB  1 
ATOM 152  O OG  . SER A 1 44  ? 14.460  7.704   10.581  1.00 23.17 ? 81  SER A OG  1 
ATOM 153  N N   . VAL A 1 45  ? 16.935  8.932   8.552   1.00 24.46 ? 82  VAL A N   1 
ATOM 154  C CA  . VAL A 1 45  ? 18.295  8.444   8.343   1.00 24.46 ? 82  VAL A CA  1 
ATOM 155  C C   . VAL A 1 45  ? 18.665  7.345   9.328   1.00 24.46 ? 82  VAL A C   1 
ATOM 156  O O   . VAL A 1 45  ? 19.616  6.594   9.086   1.00 24.46 ? 82  VAL A O   1 
ATOM 157  C CB  . VAL A 1 45  ? 19.303  9.610   8.433   1.00 24.46 ? 82  VAL A CB  1 
ATOM 158  C CG1 . VAL A 1 45  ? 18.976  10.684  7.408   1.00 24.46 ? 82  VAL A CG1 1 
ATOM 159  C CG2 . VAL A 1 45  ? 19.325  10.196  9.836   1.00 24.46 ? 82  VAL A CG2 1 
ATOM 160  N N   . ALA A 1 46  ? 17.937  7.230   10.441  1.00 24.62 ? 83  ALA A N   1 
ATOM 161  C CA  . ALA A 1 46  ? 18.295  6.254   11.463  1.00 24.62 ? 83  ALA A CA  1 
ATOM 162  C C   . ALA A 1 46  ? 17.913  4.836   11.051  1.00 24.62 ? 83  ALA A C   1 
ATOM 163  O O   . ALA A 1 46  ? 18.505  3.865   11.536  1.00 24.62 ? 83  ALA A O   1 
ATOM 164  C CB  . ALA A 1 46  ? 17.635  6.623   12.791  1.00 24.62 ? 83  ALA A CB  1 
ATOM 165  N N   . ASP A 1 47  ? 16.929  4.694   10.165  1.00 23.94 ? 84  ASP A N   1 
ATOM 166  C CA  . ASP A 1 47  ? 16.431  3.375   9.788   1.00 23.94 ? 84  ASP A CA  1 
ATOM 167  C C   . ASP A 1 47  ? 17.493  2.571   9.051   1.00 23.94 ? 84  ASP A C   1 
ATOM 168  O O   . ASP A 1 47  ? 17.963  2.972   7.982   1.00 23.94 ? 84  ASP A O   1 
ATOM 169  C CB  . ASP A 1 47  ? 15.180  3.521   8.919   1.00 23.94 ? 84  ASP A CB  1 
ATOM 170  C CG  . ASP A 1 47  ? 14.091  4.329   9.594   1.00 23.94 ? 84  ASP A CG  1 
ATOM 171  O OD1 . ASP A 1 47  ? 13.444  3.798   10.520  1.00 23.94 ? 84  ASP A OD1 1 
ATOM 172  O OD2 . ASP A 1 47  ? 13.879  5.494   9.198   1.00 23.94 ? 84  ASP A OD2 1 
ATOM 173  N N   . ALA A 1 48  ? 17.862  1.426   9.625   1.00 22.46 ? 85  ALA A N   1 
ATOM 174  C CA  . ALA A 1 48  ? 18.842  0.531   9.034   1.00 22.46 ? 85  ALA A CA  1 
ATOM 175  C C   . ALA A 1 48  ? 18.223  -0.257  7.880   1.00 22.46 ? 85  ALA A C   1 
ATOM 176  O O   . ALA A 1 48  ? 17.008  -0.465  7.846   1.00 22.46 ? 85  ALA A O   1 
ATOM 177  C CB  . ALA A 1 48  ? 19.381  -0.432  10.086  1.00 22.46 ? 85  ALA A CB  1 
ATOM 178  N N   . PRO A 1 49  ? 19.037  -0.696  6.919   1.00 22.14 ? 86  PRO A N   1 
ATOM 179  C CA  . PRO A 1 49  ? 18.497  -1.476  5.798   1.00 22.14 ? 86  PRO A CA  1 
ATOM 180  C C   . PRO A 1 49  ? 17.814  -2.747  6.279   1.00 22.14 ? 86  PRO A C   1 
ATOM 181  O O   . PRO A 1 49  ? 18.278  -3.415  7.204   1.00 22.14 ? 86  PRO A O   1 
ATOM 182  C CB  . PRO A 1 49  ? 19.738  -1.788  4.955   1.00 22.14 ? 86  PRO A CB  1 
ATOM 183  C CG  . PRO A 1 49  ? 20.700  -0.704  5.294   1.00 22.14 ? 86  PRO A CG  1 
ATOM 184  C CD  . PRO A 1 49  ? 20.474  -0.421  6.750   1.00 22.14 ? 86  PRO A CD  1 
ATOM 185  N N   . GLY A 1 50  ? 16.701  -3.081  5.628   1.00 21.22 ? 87  GLY A N   1 
ATOM 186  C CA  . GLY A 1 50  ? 15.888  -4.215  5.994   1.00 21.22 ? 87  GLY A CA  1 
ATOM 187  C C   . GLY A 1 50  ? 14.753  -3.898  6.948   1.00 21.22 ? 87  GLY A C   1 
ATOM 188  O O   . GLY A 1 50  ? 13.896  -4.758  7.175   1.00 21.22 ? 87  GLY A O   1 
ATOM 189  N N   . ASN A 1 51  ? 14.726  -2.692  7.510   1.00 20.81 ? 88  ASN A N   1 
ATOM 190  C CA  . ASN A 1 51  ? 13.655  -2.309  8.417   1.00 20.81 ? 88  ASN A CA  1 
ATOM 191  C C   . ASN A 1 51  ? 12.372  -2.021  7.646   1.00 20.81 ? 88  ASN A C   1 
ATOM 192  O O   . ASN A 1 51  ? 12.398  -1.422  6.567   1.00 20.81 ? 88  ASN A O   1 
ATOM 193  C CB  . ASN A 1 51  ? 14.065  -1.082  9.231   1.00 20.81 ? 88  ASN A CB  1 
ATOM 194  C CG  . ASN A 1 51  ? 14.733  -1.447  10.541  1.00 20.81 ? 88  ASN A CG  1 
ATOM 195  O OD1 . ASN A 1 51  ? 15.680  -2.233  10.572  1.00 20.81 ? 88  ASN A OD1 1 
ATOM 196  N ND2 . ASN A 1 51  ? 14.244  -0.874  11.634  1.00 20.81 ? 88  ASN A ND2 1 
ATOM 197  N N   . ILE A 1 52  ? 11.244  -2.442  8.211   1.00 19.44 ? 89  ILE A N   1 
ATOM 198  C CA  . ILE A 1 52  ? 9.938   -2.249  7.591   1.00 19.44 ? 89  ILE A CA  1 
ATOM 199  C C   . ILE A 1 52  ? 9.356   -0.923  8.061   1.00 19.44 ? 89  ILE A C   1 
ATOM 200  O O   . ILE A 1 52  ? 9.300   -0.650  9.265   1.00 19.44 ? 89  ILE A O   1 
ATOM 201  C CB  . ILE A 1 52  ? 8.994   -3.414  7.925   1.00 19.44 ? 89  ILE A CB  1 
ATOM 202  C CG1 . ILE A 1 52  ? 9.492   -4.705  7.273   1.00 19.44 ? 89  ILE A CG1 1 
ATOM 203  C CG2 . ILE A 1 52  ? 7.580   -3.095  7.480   1.00 19.44 ? 89  ILE A CG2 1 
ATOM 204  C CD1 . ILE A 1 52  ? 8.768   -5.943  7.744   1.00 19.44 ? 89  ILE A CD1 1 
ATOM 205  N N   . LEU A 1 53  ? 8.917   -0.098  7.110   1.00 18.69 ? 90  LEU A N   1 
ATOM 206  C CA  . LEU A 1 53  ? 8.384   1.223   7.418   1.00 18.69 ? 90  LEU A CA  1 
ATOM 207  C C   . LEU A 1 53  ? 6.869   1.316   7.304   1.00 18.69 ? 90  LEU A C   1 
ATOM 208  O O   . LEU A 1 53  ? 6.263   2.144   7.990   1.00 18.69 ? 90  LEU A O   1 
ATOM 209  C CB  . LEU A 1 53  ? 9.006   2.276   6.495   1.00 18.69 ? 90  LEU A CB  1 
ATOM 210  C CG  . LEU A 1 53  ? 10.530  2.411   6.487   1.00 18.69 ? 90  LEU A CG  1 
ATOM 211  C CD1 . LEU A 1 53  ? 10.959  3.481   5.498   1.00 18.69 ? 90  LEU A CD1 1 
ATOM 212  C CD2 . LEU A 1 53  ? 11.055  2.725   7.875   1.00 18.69 ? 90  LEU A CD2 1 
ATOM 213  N N   . TYR A 1 54  ? 6.239   0.499   6.461   1.00 17.20 ? 91  TYR A N   1 
ATOM 214  C CA  . TYR A 1 54  ? 4.813   0.649   6.199   1.00 17.20 ? 91  TYR A CA  1 
ATOM 215  C C   . TYR A 1 54  ? 4.246   -0.672  5.701   1.00 17.20 ? 91  TYR A C   1 
ATOM 216  O O   . TYR A 1 54  ? 4.788   -1.264  4.764   1.00 17.20 ? 91  TYR A O   1 
ATOM 217  C CB  . TYR A 1 54  ? 4.573   1.763   5.173   1.00 17.20 ? 91  TYR A CB  1 
ATOM 218  C CG  . TYR A 1 54  ? 3.140   1.914   4.722   1.00 17.20 ? 91  TYR A CG  1 
ATOM 219  C CD1 . TYR A 1 54  ? 2.194   2.519   5.536   1.00 17.20 ? 91  TYR A CD1 1 
ATOM 220  C CD2 . TYR A 1 54  ? 2.736   1.462   3.473   1.00 17.20 ? 91  TYR A CD2 1 
ATOM 221  C CE1 . TYR A 1 54  ? 0.884   2.663   5.124   1.00 17.20 ? 91  TYR A CE1 1 
ATOM 222  C CE2 . TYR A 1 54  ? 1.429   1.602   3.051   1.00 17.20 ? 91  TYR A CE2 1 
ATOM 223  C CZ  . TYR A 1 54  ? 0.508   2.202   3.881   1.00 17.20 ? 91  TYR A CZ  1 
ATOM 224  O OH  . TYR A 1 54  ? -0.795  2.342   3.466   1.00 17.20 ? 91  TYR A OH  1 
ATOM 225  N N   . THR A 1 55  ? 3.165   -1.128  6.332   1.00 17.82 ? 92  THR A N   1 
ATOM 226  C CA  . THR A 1 55  ? 2.446   -2.327  5.919   1.00 17.82 ? 92  THR A CA  1 
ATOM 227  C C   . THR A 1 55  ? 0.951   -2.049  5.945   1.00 17.82 ? 92  THR A C   1 
ATOM 228  O O   . THR A 1 55  ? 0.468   -1.291  6.790   1.00 17.82 ? 92  THR A O   1 
ATOM 229  C CB  . THR A 1 55  ? 2.756   -3.529  6.825   1.00 17.82 ? 92  THR A CB  1 
ATOM 230  O OG1 . THR A 1 55  ? 2.498   -3.186  8.193   1.00 17.82 ? 92  THR A OG1 1 
ATOM 231  C CG2 . THR A 1 55  ? 4.199   -3.963  6.676   1.00 17.82 ? 92  THR A CG2 1 
ATOM 232  N N   . VAL A 1 56  ? 0.221   -2.667  5.021   1.00 17.55 ? 93  VAL A N   1 
ATOM 233  C CA  . VAL A 1 56  ? -1.229  -2.525  4.965   1.00 17.55 ? 93  VAL A CA  1 
ATOM 234  C C   . VAL A 1 56  ? -1.820  -3.787  4.352   1.00 17.55 ? 93  VAL A C   1 
ATOM 235  O O   . VAL A 1 56  ? -1.270  -4.349  3.401   1.00 17.55 ? 93  VAL A O   1 
ATOM 236  C CB  . VAL A 1 56  ? -1.642  -1.254  4.184   1.00 17.55 ? 93  VAL A CB  1 
ATOM 237  C CG1 . VAL A 1 56  ? -1.136  -1.300  2.750   1.00 17.55 ? 93  VAL A CG1 1 
ATOM 238  C CG2 . VAL A 1 56  ? -3.149  -1.065  4.223   1.00 17.55 ? 93  VAL A CG2 1 
ATOM 239  N N   . GLN A 1 57  ? -2.936  -4.240  4.915   1.00 17.79 ? 94  GLN A N   1 
ATOM 240  C CA  . GLN A 1 57  ? -3.651  -5.399  4.403   1.00 17.79 ? 94  GLN A CA  1 
ATOM 241  C C   . GLN A 1 57  ? -4.635  -4.981  3.317   1.00 17.79 ? 94  GLN A C   1 
ATOM 242  O O   . GLN A 1 57  ? -5.207  -3.888  3.357   1.00 17.79 ? 94  GLN A O   1 
ATOM 243  C CB  . GLN A 1 57  ? -4.394  -6.119  5.530   1.00 17.79 ? 94  GLN A CB  1 
ATOM 244  C CG  . GLN A 1 57  ? -3.668  -7.338  6.077   1.00 17.79 ? 94  GLN A CG  1 
ATOM 245  C CD  . GLN A 1 57  ? -4.542  -8.185  6.984   1.00 17.79 ? 94  GLN A CD  1 
ATOM 246  O OE1 . GLN A 1 57  ? -5.570  -7.725  7.482   1.00 17.79 ? 94  GLN A OE1 1 
ATOM 247  N NE2 . GLN A 1 57  ? -4.138  -9.430  7.202   1.00 17.79 ? 94  GLN A NE2 1 
ATOM 248  N N   . HIS A 1 58  ? -4.826  -5.866  2.342   1.00 17.20 ? 95  HIS A N   1 
ATOM 249  C CA  . HIS A 1 58  ? -5.745  -5.594  1.243   1.00 17.20 ? 95  HIS A CA  1 
ATOM 250  C C   . HIS A 1 58  ? -7.176  -5.501  1.754   1.00 17.20 ? 95  HIS A C   1 
ATOM 251  O O   . HIS A 1 58  ? -7.682  -6.427  2.395   1.00 17.20 ? 95  HIS A O   1 
ATOM 252  C CB  . HIS A 1 58  ? -5.630  -6.691  0.185   1.00 17.20 ? 95  HIS A CB  1 
ATOM 253  C CG  . HIS A 1 58  ? -6.347  -6.378  -1.091  1.00 17.20 ? 95  HIS A CG  1 
ATOM 254  N ND1 . HIS A 1 58  ? -6.350  -5.122  -1.656  1.00 17.20 ? 95  HIS A ND1 1 
ATOM 255  C CD2 . HIS A 1 58  ? -7.089  -7.161  -1.909  1.00 17.20 ? 95  HIS A CD2 1 
ATOM 256  C CE1 . HIS A 1 58  ? -7.062  -5.144  -2.769  1.00 17.20 ? 95  HIS A CE1 1 
ATOM 257  N NE2 . HIS A 1 58  ? -7.520  -6.370  -2.946  1.00 17.20 ? 95  HIS A NE2 1 
ATOM 258  N N   . SER A 1 59  ? -7.835  -4.383  1.456   1.00 16.90 ? 96  SER A N   1 
ATOM 259  C CA  . SER A 1 59  ? -9.166  -4.116  1.987   1.00 16.90 ? 96  SER A CA  1 
ATOM 260  C C   . SER A 1 59  ? -9.827  -2.964  1.241   1.00 16.90 ? 96  SER A C   1 
ATOM 261  O O   . SER A 1 59  ? -9.139  -2.052  0.768   1.00 16.90 ? 96  SER A O   1 
ATOM 262  C CB  . SER A 1 59  ? -9.085  -3.795  3.480   1.00 16.90 ? 96  SER A CB  1 
ATOM 263  O OG  . SER A 1 59  ? -10.317 -3.296  3.967   1.00 16.90 ? 96  SER A OG  1 
ATOM 264  N N   . PRO A 1 60  ? -11.158 -2.968  1.113   1.00 16.85 ? 97  PRO A N   1 
ATOM 265  C CA  . PRO A 1 60  ? -11.848 -1.791  0.560   1.00 16.85 ? 97  PRO A CA  1 
ATOM 266  C C   . PRO A 1 60  ? -11.731 -0.550  1.431   1.00 16.85 ? 97  PRO A C   1 
ATOM 267  O O   . PRO A 1 60  ? -12.006 0.552   0.942   1.00 16.85 ? 97  PRO A O   1 
ATOM 268  C CB  . PRO A 1 60  ? -13.305 -2.258  0.444   1.00 16.85 ? 97  PRO A CB  1 
ATOM 269  C CG  . PRO A 1 60  ? -13.422 -3.374  1.429   1.00 16.85 ? 97  PRO A CG  1 
ATOM 270  C CD  . PRO A 1 60  ? -12.094 -4.068  1.394   1.00 16.85 ? 97  PRO A CD  1 
ATOM 271  N N   . GLN A 1 61  ? -11.333 -0.690  2.694   1.00 17.78 ? 98  GLN A N   1 
ATOM 272  C CA  . GLN A 1 61  ? -11.184 0.445   3.596   1.00 17.78 ? 98  GLN A CA  1 
ATOM 273  C C   . GLN A 1 61  ? -9.977  1.317   3.269   1.00 17.78 ? 98  GLN A C   1 
ATOM 274  O O   . GLN A 1 61  ? -9.832  2.389   3.864   1.00 17.78 ? 98  GLN A O   1 
ATOM 275  C CB  . GLN A 1 61  ? -11.084 -0.045  5.042   1.00 17.78 ? 98  GLN A CB  1 
ATOM 276  C CG  . GLN A 1 61  ? -12.321 -0.782  5.530   1.00 17.78 ? 98  GLN A CG  1 
ATOM 277  C CD  . GLN A 1 61  ? -13.449 0.158   5.905   1.00 17.78 ? 98  GLN A CD  1 
ATOM 278  O OE1 . GLN A 1 61  ? -14.524 0.124   5.308   1.00 17.78 ? 98  GLN A OE1 1 
ATOM 279  N NE2 . GLN A 1 61  ? -13.206 1.009   6.895   1.00 17.78 ? 98  GLN A NE2 1 
ATOM 280  N N   . ASN A 1 62  ? -9.120  0.896   2.342   1.00 16.70 ? 99  ASN A N   1 
ATOM 281  C CA  . ASN A 1 62  ? -7.929  1.647   1.970   1.00 16.70 ? 99  ASN A CA  1 
ATOM 282  C C   . ASN A 1 62  ? -8.206  2.721   0.921   1.00 16.70 ? 99  ASN A C   1 
ATOM 283  O O   . ASN A 1 62  ? -7.270  3.398   0.484   1.00 16.70 ? 99  ASN A O   1 
ATOM 284  C CB  . ASN A 1 62  ? -6.840  0.695   1.465   1.00 16.70 ? 99  ASN A CB  1 
ATOM 285  C CG  . ASN A 1 62  ? -6.394  -0.294  2.524   1.00 16.70 ? 99  ASN A CG  1 
ATOM 286  O OD1 . ASN A 1 62  ? -6.342  0.029   3.709   1.00 16.70 ? 99  ASN A OD1 1 
ATOM 287  N ND2 . ASN A 1 62  ? -6.063  -1.506  2.099   1.00 16.70 ? 99  ASN A ND2 1 
ATOM 288  N N   . ASN A 1 63  ? -9.463  2.888   0.503   1.00 16.28 ? 100 ASN A N   1 
ATOM 289  C CA  . ASN A 1 63  ? -9.841  3.922   -0.448  1.00 16.28 ? 100 ASN A CA  1 
ATOM 290  C C   . ASN A 1 63  ? -11.014 4.699   0.141   1.00 16.28 ? 100 ASN A C   1 
ATOM 291  O O   . ASN A 1 63  ? -11.904 4.092   0.762   1.00 16.28 ? 100 ASN A O   1 
ATOM 292  C CB  . ASN A 1 63  ? -10.215 3.323   -1.807  1.00 16.28 ? 100 ASN A CB  1 
ATOM 293  C CG  . ASN A 1 63  ? -10.671 4.368   -2.803  1.00 16.28 ? 100 ASN A CG  1 
ATOM 294  O OD1 . ASN A 1 63  ? -11.857 4.671   -2.899  1.00 16.28 ? 100 ASN A OD1 1 
ATOM 295  N ND2 . ASN A 1 63  ? -9.726  4.931   -3.543  1.00 16.28 ? 100 ASN A ND2 1 
ATOM 296  N N   . PRO A 1 64  ? -11.042 6.027   -0.014  1.00 16.68 ? 101 PRO A N   1 
ATOM 297  C CA  . PRO A 1 64  ? -12.131 6.813   0.593   1.00 16.68 ? 101 PRO A CA  1 
ATOM 298  C C   . PRO A 1 64  ? -13.516 6.462   0.077   1.00 16.68 ? 101 PRO A C   1 
ATOM 299  O O   . PRO A 1 64  ? -14.480 6.498   0.851   1.00 16.68 ? 101 PRO A O   1 
ATOM 300  C CB  . PRO A 1 64  ? -11.753 8.259   0.239   1.00 16.68 ? 101 PRO A CB  1 
ATOM 301  C CG  . PRO A 1 64  ? -10.292 8.220   -0.016  1.00 16.68 ? 101 PRO A CG  1 
ATOM 302  C CD  . PRO A 1 64  ? -10.029 6.888   -0.644  1.00 16.68 ? 101 PRO A CD  1 
ATOM 303  N N   . PHE A 1 65  ? -13.649 6.122   -1.202  1.00 17.17 ? 102 PHE A N   1 
ATOM 304  C CA  . PHE A 1 65  ? -14.957 5.929   -1.814  1.00 17.17 ? 102 PHE A CA  1 
ATOM 305  C C   . PHE A 1 65  ? -15.451 4.491   -1.741  1.00 17.17 ? 102 PHE A C   1 
ATOM 306  O O   . PHE A 1 65  ? -16.661 4.266   -1.662  1.00 17.17 ? 102 PHE A O   1 
ATOM 307  C CB  . PHE A 1 65  ? -14.926 6.399   -3.272  1.00 17.17 ? 102 PHE A CB  1 
ATOM 308  C CG  . PHE A 1 65  ? -14.758 7.885   -3.419  1.00 17.17 ? 102 PHE A CG  1 
ATOM 309  C CD1 . PHE A 1 65  ? -15.845 8.734   -3.287  1.00 17.17 ? 102 PHE A CD1 1 
ATOM 310  C CD2 . PHE A 1 65  ? -13.514 8.433   -3.675  1.00 17.17 ? 102 PHE A CD2 1 
ATOM 311  C CE1 . PHE A 1 65  ? -15.693 10.099  -3.416  1.00 17.17 ? 102 PHE A CE1 1 
ATOM 312  C CE2 . PHE A 1 65  ? -13.356 9.799   -3.804  1.00 17.17 ? 102 PHE A CE2 1 
ATOM 313  C CZ  . PHE A 1 65  ? -14.448 10.633  -3.674  1.00 17.17 ? 102 PHE A CZ  1 
ATOM 314  N N   . THR A 1 66  ? -14.549 3.509   -1.761  1.00 17.97 ? 103 THR A N   1 
ATOM 315  C CA  . THR A 1 66  ? -14.969 2.130   -1.541  1.00 17.97 ? 103 THR A CA  1 
ATOM 316  C C   . THR A 1 66  ? -15.430 1.901   -0.108  1.00 17.97 ? 103 THR A C   1 
ATOM 317  O O   . THR A 1 66  ? -16.297 1.050   0.123   1.00 17.97 ? 103 THR A O   1 
ATOM 318  C CB  . THR A 1 66  ? -13.837 1.161   -1.888  1.00 17.97 ? 103 THR A CB  1 
ATOM 319  O OG1 . THR A 1 66  ? -12.700 1.432   -1.059  1.00 17.97 ? 103 THR A OG1 1 
ATOM 320  C CG2 . THR A 1 66  ? -13.440 1.307   -3.347  1.00 17.97 ? 103 THR A CG2 1 
ATOM 321  N N   . ALA A 1 67  ? -14.879 2.648   0.852   1.00 18.73 ? 104 ALA A N   1 
ATOM 322  C CA  . ALA A 1 67  ? -15.332 2.537   2.234   1.00 18.73 ? 104 ALA A CA  1 
ATOM 323  C C   . ALA A 1 67  ? -16.788 2.958   2.380   1.00 18.73 ? 104 ALA A C   1 
ATOM 324  O O   . ALA A 1 67  ? -17.528 2.363   3.173   1.00 18.73 ? 104 ALA A O   1 
ATOM 325  C CB  . ALA A 1 67  ? -14.438 3.374   3.148   1.00 18.73 ? 104 ALA A CB  1 
ATOM 326  N N   . VAL A 1 68  ? -17.216 3.979   1.639   1.00 19.43 ? 105 VAL A N   1 
ATOM 327  C CA  . VAL A 1 68  ? -18.613 4.398   1.672   1.00 19.43 ? 105 VAL A CA  1 
ATOM 328  C C   . VAL A 1 68  ? -19.506 3.360   1.002   1.00 19.43 ? 105 VAL A C   1 
ATOM 329  O O   . VAL A 1 68  ? -20.586 3.032   1.505   1.00 19.43 ? 105 VAL A O   1 
ATOM 330  C CB  . VAL A 1 68  ? -18.767 5.784   1.019   1.00 19.43 ? 105 VAL A CB  1 
ATOM 331  C CG1 . VAL A 1 68  ? -20.237 6.152   0.884   1.00 19.43 ? 105 VAL A CG1 1 
ATOM 332  C CG2 . VAL A 1 68  ? -18.024 6.836   1.825   1.00 19.43 ? 105 VAL A CG2 1 
ATOM 333  N N   . LEU A 1 69  ? -19.070 2.825   -0.141  1.00 19.27 ? 106 LEU A N   1 
ATOM 334  C CA  . LEU A 1 69  ? -19.909 1.893   -0.888  1.00 19.27 ? 106 LEU A CA  1 
ATOM 335  C C   . LEU A 1 69  ? -20.018 0.545   -0.185  1.00 19.27 ? 106 LEU A C   1 
ATOM 336  O O   . LEU A 1 69  ? -20.977 -0.202  -0.408  1.00 19.27 ? 106 LEU A O   1 
ATOM 337  C CB  . LEU A 1 69  ? -19.361 1.710   -2.303  1.00 19.27 ? 106 LEU A CB  1 
ATOM 338  C CG  . LEU A 1 69  ? -19.479 2.910   -3.244  1.00 19.27 ? 106 LEU A CG  1 
ATOM 339  C CD1 . LEU A 1 69  ? -18.667 2.680   -4.507  1.00 19.27 ? 106 LEU A CD1 1 
ATOM 340  C CD2 . LEU A 1 69  ? -20.934 3.185   -3.583  1.00 19.27 ? 106 LEU A CD2 1 
ATOM 341  N N   . SER A 1 70  ? -19.047 0.214   0.670   1.00 19.83 ? 107 SER A N   1 
ATOM 342  C CA  . SER A 1 70  ? -19.031 -1.109  1.284   1.00 19.83 ? 107 SER A CA  1 
ATOM 343  C C   . SER A 1 70  ? -20.165 -1.314  2.282   1.00 19.83 ? 107 SER A C   1 
ATOM 344  O O   . SER A 1 70  ? -20.402 -2.450  2.702   1.00 19.83 ? 107 SER A O   1 
ATOM 345  C CB  . SER A 1 70  ? -17.688 -1.355  1.974   1.00 19.83 ? 107 SER A CB  1 
ATOM 346  O OG  . SER A 1 70  ? -17.579 -0.600  3.166   1.00 19.83 ? 107 SER A OG  1 
ATOM 347  N N   . GLN A 1 71  ? -20.874 -0.252  2.670   1.00 22.05 ? 108 GLN A N   1 
ATOM 348  C CA  . GLN A 1 71  ? -21.920 -0.397  3.675   1.00 22.05 ? 108 GLN A CA  1 
ATOM 349  C C   . GLN A 1 71  ? -23.233 -0.916  3.102   1.00 22.05 ? 108 GLN A C   1 
ATOM 350  O O   . GLN A 1 71  ? -24.162 -1.170  3.876   1.00 22.05 ? 108 GLN A O   1 
ATOM 351  C CB  . GLN A 1 71  ? -22.164 0.935   4.389   1.00 22.05 ? 108 GLN A CB  1 
ATOM 352  C CG  . GLN A 1 71  ? -22.807 2.008   3.528   1.00 22.05 ? 108 GLN A CG  1 
ATOM 353  C CD  . GLN A 1 71  ? -22.702 3.391   4.144   1.00 22.05 ? 108 GLN A CD  1 
ATOM 354  O OE1 . GLN A 1 71  ? -23.709 4.063   4.363   1.00 22.05 ? 108 GLN A OE1 1 
ATOM 355  N NE2 . GLN A 1 71  ? -21.479 3.823   4.426   1.00 22.05 ? 108 GLN A NE2 1 
ATOM 356  N N   . MET A 1 72  ? -23.344 -1.078  1.783   1.00 21.38 ? 109 MET A N   1 
ATOM 357  C CA  . MET A 1 72  ? -24.562 -1.598  1.174   1.00 21.38 ? 109 MET A CA  1 
ATOM 358  C C   . MET A 1 72  ? -24.339 -2.893  0.402   1.00 21.38 ? 109 MET A C   1 
ATOM 359  O O   . MET A 1 72  ? -25.239 -3.330  -0.324  1.00 21.38 ? 109 MET A O   1 
ATOM 360  C CB  . MET A 1 72  ? -25.198 -0.549  0.256   1.00 21.38 ? 109 MET A CB  1 
ATOM 361  C CG  . MET A 1 72  ? -24.212 0.320   -0.499  1.00 21.38 ? 109 MET A CG  1 
ATOM 362  S SD  . MET A 1 72  ? -25.032 1.648   -1.404  1.00 21.38 ? 109 MET A SD  1 
ATOM 363  C CE  . MET A 1 72  ? -24.925 1.035   -3.081  1.00 21.38 ? 109 MET A CE  1 
ATOM 364  N N   . TYR A 1 73  ? -23.175 -3.524  0.542   1.00 19.61 ? 110 TYR A N   1 
ATOM 365  C CA  . TYR A 1 73  ? -22.877 -4.769  -0.150  1.00 19.61 ? 110 TYR A CA  1 
ATOM 366  C C   . TYR A 1 73  ? -22.353 -5.799  0.840   1.00 19.61 ? 110 TYR A C   1 
ATOM 367  O O   . TYR A 1 73  ? -21.860 -5.455  1.917   1.00 19.61 ? 110 TYR A O   1 
ATOM 368  C CB  . TYR A 1 73  ? -21.861 -4.557  -1.277  1.00 19.61 ? 110 TYR A CB  1 
ATOM 369  C CG  . TYR A 1 73  ? -22.414 -3.789  -2.454  1.00 19.61 ? 110 TYR A CG  1 
ATOM 370  C CD1 . TYR A 1 73  ? -23.274 -4.394  -3.360  1.00 19.61 ? 110 TYR A CD1 1 
ATOM 371  C CD2 . TYR A 1 73  ? -22.076 -2.460  -2.659  1.00 19.61 ? 110 TYR A CD2 1 
ATOM 372  C CE1 . TYR A 1 73  ? -23.782 -3.697  -4.437  1.00 19.61 ? 110 TYR A CE1 1 
ATOM 373  C CE2 . TYR A 1 73  ? -22.577 -1.755  -3.733  1.00 19.61 ? 110 TYR A CE2 1 
ATOM 374  C CZ  . TYR A 1 73  ? -23.428 -2.377  -4.618  1.00 19.61 ? 110 TYR A CZ  1 
ATOM 375  O OH  . TYR A 1 73  ? -23.929 -1.674  -5.687  1.00 19.61 ? 110 TYR A OH  1 
ATOM 376  N N   . ALA A 1 74  ? -22.469 -7.071  0.465   1.00 19.45 ? 111 ALA A N   1 
ATOM 377  C CA  . ALA A 1 74  ? -22.083 -8.179  1.328   1.00 19.45 ? 111 ALA A CA  1 
ATOM 378  C C   . ALA A 1 74  ? -20.808 -8.884  0.880   1.00 19.45 ? 111 ALA A C   1 
ATOM 379  O O   . ALA A 1 74  ? -20.401 -9.854  1.524   1.00 19.45 ? 111 ALA A O   1 
ATOM 380  C CB  . ALA A 1 74  ? -23.225 -9.194  1.420   1.00 19.45 ? 111 ALA A CB  1 
ATOM 381  N N   . GLY A 1 75  ? -20.171 -8.430  -0.193  1.00 17.86 ? 112 GLY A N   1 
ATOM 382  C CA  . GLY A 1 75  ? -18.962 -9.084  -0.664  1.00 17.86 ? 112 GLY A CA  1 
ATOM 383  C C   . GLY A 1 75  ? -18.236 -8.219  -1.669  1.00 17.86 ? 112 GLY A C   1 
ATOM 384  O O   . GLY A 1 75  ? -18.791 -7.262  -2.215  1.00 17.86 ? 112 GLY A O   1 
ATOM 385  N N   . TRP A 1 76  ? -16.975 -8.574  -1.907  1.00 16.68 ? 113 TRP A N   1 
ATOM 386  C CA  . TRP A 1 76  ? -16.137 -7.821  -2.829  1.00 16.68 ? 113 TRP A CA  1 
ATOM 387  C C   . TRP A 1 76  ? -15.018 -8.712  -3.348  1.00 16.68 ? 113 TRP A C   1 
ATOM 388  O O   . TRP A 1 76  ? -14.664 -9.723  -2.737  1.00 16.68 ? 113 TRP A O   1 
ATOM 389  C CB  . TRP A 1 76  ? -15.546 -6.573  -2.165  1.00 16.68 ? 113 TRP A CB  1 
ATOM 390  C CG  . TRP A 1 76  ? -14.725 -6.868  -0.945  1.00 16.68 ? 113 TRP A CG  1 
ATOM 391  C CD1 . TRP A 1 76  ? -15.168 -6.945  0.341   1.00 16.68 ? 113 TRP A CD1 1 
ATOM 392  C CD2 . TRP A 1 76  ? -13.318 -7.129  -0.899  1.00 16.68 ? 113 TRP A CD2 1 
ATOM 393  N NE1 . TRP A 1 76  ? -14.125 -7.231  1.186   1.00 16.68 ? 113 TRP A NE1 1 
ATOM 394  C CE2 . TRP A 1 76  ? -12.977 -7.352  0.448   1.00 16.68 ? 113 TRP A CE2 1 
ATOM 395  C CE3 . TRP A 1 76  ? -12.311 -7.194  -1.867  1.00 16.68 ? 113 TRP A CE3 1 
ATOM 396  C CZ2 . TRP A 1 76  ? -11.675 -7.635  0.852   1.00 16.68 ? 113 TRP A CZ2 1 
ATOM 397  C CZ3 . TRP A 1 76  ? -11.020 -7.474  -1.465  1.00 16.68 ? 113 TRP A CZ3 1 
ATOM 398  C CH2 . TRP A 1 76  ? -10.712 -7.691  -0.117  1.00 16.68 ? 113 TRP A CH2 1 
ATOM 399  N N   . ALA A 1 77  ? -14.459 -8.312  -4.488  1.00 18.03 ? 114 ALA A N   1 
ATOM 400  C CA  . ALA A 1 77  ? -13.317 -8.994  -5.079  1.00 18.03 ? 114 ALA A CA  1 
ATOM 401  C C   . ALA A 1 77  ? -12.617 -8.033  -6.030  1.00 18.03 ? 114 ALA A C   1 
ATOM 402  O O   . ALA A 1 77  ? -13.228 -7.100  -6.556  1.00 18.03 ? 114 ALA A O   1 
ATOM 403  C CB  . ALA A 1 77  ? -13.738 -10.273 -5.811  1.00 18.03 ? 114 ALA A CB  1 
ATOM 404  N N   . GLY A 1 78  ? -11.331 -8.274  -6.245  1.00 18.35 ? 115 GLY A N   1 
ATOM 405  C CA  . GLY A 1 78  ? -10.534 -7.485  -7.160  1.00 18.35 ? 115 GLY A CA  1 
ATOM 406  C C   . GLY A 1 78  ? -9.360  -6.810  -6.469  1.00 18.35 ? 115 GLY A C   1 
ATOM 407  O O   . GLY A 1 78  ? -9.247  -6.772  -5.244  1.00 18.35 ? 115 GLY A O   1 
ATOM 408  N N   . GLY A 1 79  ? -8.471  -6.263  -7.302  1.00 18.25 ? 116 GLY A N   1 
ATOM 409  C CA  . GLY A 1 79  ? -7.249  -5.647  -6.837  1.00 18.25 ? 116 GLY A CA  1 
ATOM 410  C C   . GLY A 1 79  ? -7.364  -4.140  -6.648  1.00 18.25 ? 116 GLY A C   1 
ATOM 411  O O   . GLY A 1 79  ? -8.405  -3.523  -6.855  1.00 18.25 ? 116 GLY A O   1 
ATOM 412  N N   . MET A 1 80  ? -6.240  -3.549  -6.244  1.00 18.03 ? 117 MET A N   1 
ATOM 413  C CA  . MET A 1 80  ? -6.150  -2.119  -5.991  1.00 18.03 ? 117 MET A CA  1 
ATOM 414  C C   . MET A 1 80  ? -4.760  -1.634  -6.378  1.00 18.03 ? 117 MET A C   1 
ATOM 415  O O   . MET A 1 80  ? -3.778  -2.368  -6.253  1.00 18.03 ? 117 MET A O   1 
ATOM 416  C CB  . MET A 1 80  ? -6.436  -1.792  -4.519  1.00 18.03 ? 117 MET A CB  1 
ATOM 417  C CG  . MET A 1 80  ? -6.631  -0.313  -4.223  1.00 18.03 ? 117 MET A CG  1 
ATOM 418  S SD  . MET A 1 80  ? -7.568  -0.023  -2.712  1.00 18.03 ? 117 MET A SD  1 
ATOM 419  C CE  . MET A 1 80  ? -9.244  -0.248  -3.299  1.00 18.03 ? 117 MET A CE  1 
ATOM 420  N N   . GLN A 1 81  ? -4.686  -0.393  -6.848  1.00 16.56 ? 118 GLN A N   1 
ATOM 421  C CA  . GLN A 1 81  ? -3.424  0.232   -7.220  1.00 16.56 ? 118 GLN A CA  1 
ATOM 422  C C   . GLN A 1 81  ? -2.984  1.213   -6.140  1.00 16.56 ? 118 GLN A C   1 
ATOM 423  O O   . GLN A 1 81  ? -3.802  1.954   -5.590  1.00 16.56 ? 118 GLN A O   1 
ATOM 424  C CB  . GLN A 1 81  ? -3.541  0.962   -8.559  1.00 16.56 ? 118 GLN A CB  1 
ATOM 425  C CG  . GLN A 1 81  ? -3.854  0.064   -9.739  1.00 16.56 ? 118 GLN A CG  1 
ATOM 426  C CD  . GLN A 1 81  ? -3.419  0.671   -11.059 1.00 16.56 ? 118 GLN A CD  1 
ATOM 427  O OE1 . GLN A 1 81  ? -2.451  1.428   -11.120 1.00 16.56 ? 118 GLN A OE1 1 
ATOM 428  N NE2 . GLN A 1 81  ? -4.136  0.342   -12.125 1.00 16.56 ? 118 GLN A NE2 1 
ATOM 429  N N   . PHE A 1 82  ? -1.686  1.216   -5.847  1.00 15.88 ? 119 PHE A N   1 
ATOM 430  C CA  . PHE A 1 82  ? -1.092  2.107   -4.859  1.00 15.88 ? 119 PHE A CA  1 
ATOM 431  C C   . PHE A 1 82  ? -0.082  3.022   -5.537  1.00 15.88 ? 119 PHE A C   1 
ATOM 432  O O   . PHE A 1 82  ? 0.599   2.615   -6.484  1.00 15.88 ? 119 PHE A O   1 
ATOM 433  C CB  . PHE A 1 82  ? -0.407  1.321   -3.736  1.00 15.88 ? 119 PHE A CB  1 
ATOM 434  C CG  . PHE A 1 82  ? -1.358  0.714   -2.745  1.00 15.88 ? 119 PHE A CG  1 
ATOM 435  C CD1 . PHE A 1 82  ? -2.104  -0.406  -3.072  1.00 15.88 ? 119 PHE A CD1 1 
ATOM 436  C CD2 . PHE A 1 82  ? -1.499  1.258   -1.478  1.00 15.88 ? 119 PHE A CD2 1 
ATOM 437  C CE1 . PHE A 1 82  ? -2.977  -0.966  -2.158  1.00 15.88 ? 119 PHE A CE1 1 
ATOM 438  C CE2 . PHE A 1 82  ? -2.368  0.700   -0.559  1.00 15.88 ? 119 PHE A CE2 1 
ATOM 439  C CZ  . PHE A 1 82  ? -3.110  -0.413  -0.901  1.00 15.88 ? 119 PHE A CZ  1 
ATOM 440  N N   . ARG A 1 83  ? 0.017   4.256   -5.046  1.00 16.77 ? 120 ARG A N   1 
ATOM 441  C CA  . ARG A 1 83  ? 0.888   5.269   -5.626  1.00 16.77 ? 120 ARG A CA  1 
ATOM 442  C C   . ARG A 1 83  ? 1.622   5.999   -4.509  1.00 16.77 ? 120 ARG A C   1 
ATOM 443  O O   . ARG A 1 83  ? 1.000   6.436   -3.537  1.00 16.77 ? 120 ARG A O   1 
ATOM 444  C CB  . ARG A 1 83  ? 0.081   6.256   -6.475  1.00 16.77 ? 120 ARG A CB  1 
ATOM 445  C CG  . ARG A 1 83  ? 0.921   7.164   -7.339  1.00 16.77 ? 120 ARG A CG  1 
ATOM 446  C CD  . ARG A 1 83  ? 0.093   7.804   -8.442  1.00 16.77 ? 120 ARG A CD  1 
ATOM 447  N NE  . ARG A 1 83  ? -0.599  9.004   -7.989  1.00 16.77 ? 120 ARG A NE  1 
ATOM 448  C CZ  . ARG A 1 83  ? -1.154  9.897   -8.796  1.00 16.77 ? 120 ARG A CZ  1 
ATOM 449  N NH1 . ARG A 1 83  ? -1.126  9.752   -10.110 1.00 16.77 ? 120 ARG A NH1 1 
ATOM 450  N NH2 . ARG A 1 83  ? -1.753  10.962  -8.271  1.00 16.77 ? 120 ARG A NH2 1 
ATOM 451  N N   . PHE A 1 84  ? 2.937   6.143   -4.656  1.00 16.66 ? 121 PHE A N   1 
ATOM 452  C CA  . PHE A 1 84  ? 3.788   6.727   -3.626  1.00 16.66 ? 121 PHE A CA  1 
ATOM 453  C C   . PHE A 1 84  ? 4.398   8.030   -4.127  1.00 16.66 ? 121 PHE A C   1 
ATOM 454  O O   . PHE A 1 84  ? 4.966   8.075   -5.223  1.00 16.66 ? 121 PHE A O   1 
ATOM 455  C CB  . PHE A 1 84  ? 4.891   5.750   -3.213  1.00 16.66 ? 121 PHE A CB  1 
ATOM 456  C CG  . PHE A 1 84  ? 4.377   4.490   -2.580  1.00 16.66 ? 121 PHE A CG  1 
ATOM 457  C CD1 . PHE A 1 84  ? 4.092   4.446   -1.226  1.00 16.66 ? 121 PHE A CD1 1 
ATOM 458  C CD2 . PHE A 1 84  ? 4.166   3.354   -3.340  1.00 16.66 ? 121 PHE A CD2 1 
ATOM 459  C CE1 . PHE A 1 84  ? 3.614   3.290   -0.643  1.00 16.66 ? 121 PHE A CE1 1 
ATOM 460  C CE2 . PHE A 1 84  ? 3.688   2.196   -2.761  1.00 16.66 ? 121 PHE A CE2 1 
ATOM 461  C CZ  . PHE A 1 84  ? 3.411   2.164   -1.412  1.00 16.66 ? 121 PHE A CZ  1 
ATOM 462  N N   . ILE A 1 85  ? 4.281   9.083   -3.321  1.00 16.45 ? 122 ILE A N   1 
ATOM 463  C CA  . ILE A 1 85  ? 4.811   10.403  -3.643  1.00 16.45 ? 122 ILE A CA  1 
ATOM 464  C C   . ILE A 1 85  ? 5.809   10.782  -2.558  1.00 16.45 ? 122 ILE A C   1 
ATOM 465  O O   . ILE A 1 85  ? 5.428   10.969  -1.396  1.00 16.45 ? 122 ILE A O   1 
ATOM 466  C CB  . ILE A 1 85  ? 3.695   11.454  -3.747  1.00 16.45 ? 122 ILE A CB  1 
ATOM 467  C CG1 . ILE A 1 85  ? 2.571   10.950  -4.656  1.00 16.45 ? 122 ILE A CG1 1 
ATOM 468  C CG2 . ILE A 1 85  ? 4.251   12.769  -4.259  1.00 16.45 ? 122 ILE A CG2 1 
ATOM 469  C CD1 . ILE A 1 85  ? 1.288   11.737  -4.532  1.00 16.45 ? 122 ILE A CD1 1 
ATOM 470  N N   . VAL A 1 86  ? 7.078   10.909  -2.935  1.00 17.47 ? 123 VAL A N   1 
ATOM 471  C CA  . VAL A 1 86  ? 8.166   11.155  -1.994  1.00 17.47 ? 123 VAL A CA  1 
ATOM 472  C C   . VAL A 1 86  ? 8.441   12.651  -1.957  1.00 17.47 ? 123 VAL A C   1 
ATOM 473  O O   . VAL A 1 86  ? 8.688   13.271  -2.999  1.00 17.47 ? 123 VAL A O   1 
ATOM 474  C CB  . VAL A 1 86  ? 9.432   10.373  -2.375  1.00 17.47 ? 123 VAL A CB  1 
ATOM 475  C CG1 . VAL A 1 86  ? 10.561  10.689  -1.408  1.00 17.47 ? 123 VAL A CG1 1 
ATOM 476  C CG2 . VAL A 1 86  ? 9.144   8.881   -2.409  1.00 17.47 ? 123 VAL A CG2 1 
ATOM 477  N N   . ALA A 1 87  ? 8.403   13.231  -0.757  1.00 19.45 ? 124 ALA A N   1 
ATOM 478  C CA  . ALA A 1 87  ? 8.648   14.663  -0.577  1.00 19.45 ? 124 ALA A CA  1 
ATOM 479  C C   . ALA A 1 87  ? 10.116  14.900  -0.214  1.00 19.45 ? 124 ALA A C   1 
ATOM 480  O O   . ALA A 1 87  ? 10.457  15.491  0.810   1.00 19.45 ? 124 ALA A O   1 
ATOM 481  C CB  . ALA A 1 87  ? 7.708   15.232  0.477   1.00 19.45 ? 124 ALA A CB  1 
ATOM 482  N N   . GLY A 1 88  ? 10.995  14.421  -1.095  1.00 21.32 ? 125 GLY A N   1 
ATOM 483  C CA  . GLY A 1 88  ? 12.415  14.586  -0.945  1.00 21.32 ? 125 GLY A CA  1 
ATOM 484  C C   . GLY A 1 88  ? 12.956  15.756  -1.741  1.00 21.32 ? 125 GLY A C   1 
ATOM 485  O O   . GLY A 1 88  ? 12.209  16.608  -2.241  1.00 21.32 ? 125 GLY A O   1 
ATOM 486  N N   . SER A 1 89  ? 14.279  15.795  -1.868  1.00 24.61 ? 126 SER A N   1 
ATOM 487  C CA  . SER A 1 89  ? 14.937  16.847  -2.631  1.00 24.61 ? 126 SER A CA  1 
ATOM 488  C C   . SER A 1 89  ? 16.060  16.225  -3.446  1.00 24.61 ? 126 SER A C   1 
ATOM 489  O O   . SER A 1 89  ? 16.309  15.019  -3.383  1.00 24.61 ? 126 SER A O   1 
ATOM 490  C CB  . SER A 1 89  ? 15.464  17.960  -1.719  1.00 24.61 ? 126 SER A CB  1 
ATOM 491  O OG  . SER A 1 89  ? 16.617  17.542  -1.013  1.00 24.61 ? 126 SER A OG  1 
ATOM 492  N N   . GLY A 1 90  ? 16.743  17.073  -4.214  1.00 26.05 ? 127 GLY A N   1 
ATOM 493  C CA  . GLY A 1 90  ? 17.765  16.607  -5.134  1.00 26.05 ? 127 GLY A CA  1 
ATOM 494  C C   . GLY A 1 90  ? 19.105  16.299  -4.499  1.00 26.05 ? 127 GLY A C   1 
ATOM 495  O O   . GLY A 1 90  ? 20.016  15.865  -5.212  1.00 26.05 ? 127 GLY A O   1 
ATOM 496  N N   . VAL A 1 91  ? 19.250  16.508  -3.188  1.00 26.81 ? 128 VAL A N   1 
ATOM 497  C CA  . VAL A 1 91  ? 20.516  16.257  -2.510  1.00 26.81 ? 128 VAL A CA  1 
ATOM 498  C C   . VAL A 1 91  ? 20.474  15.014  -1.633  1.00 26.81 ? 128 VAL A C   1 
ATOM 499  O O   . VAL A 1 91  ? 21.522  14.593  -1.125  1.00 26.81 ? 128 VAL A O   1 
ATOM 500  C CB  . VAL A 1 91  ? 20.946  17.480  -1.675  1.00 26.81 ? 128 VAL A CB  1 
ATOM 501  C CG1 . VAL A 1 91  ? 21.026  18.720  -2.553  1.00 26.81 ? 128 VAL A CG1 1 
ATOM 502  C CG2 . VAL A 1 91  ? 19.986  17.698  -0.519  1.00 26.81 ? 128 VAL A CG2 1 
ATOM 503  N N   . PHE A 1 92  ? 19.305  14.410  -1.443  1.00 25.31 ? 129 PHE A N   1 
ATOM 504  C CA  . PHE A 1 92  ? 19.184  13.216  -0.621  1.00 25.31 ? 129 PHE A CA  1 
ATOM 505  C C   . PHE A 1 92  ? 19.570  11.974  -1.413  1.00 25.31 ? 129 PHE A C   1 
ATOM 506  O O   . PHE A 1 92  ? 19.553  11.967  -2.647  1.00 25.31 ? 129 PHE A O   1 
ATOM 507  C CB  . PHE A 1 92  ? 17.757  13.062  -0.088  1.00 25.31 ? 129 PHE A CB  1 
ATOM 508  C CG  . PHE A 1 92  ? 17.441  13.956  1.078   1.00 25.31 ? 129 PHE A CG  1 
ATOM 509  C CD1 . PHE A 1 92  ? 17.837  13.613  2.358   1.00 25.31 ? 129 PHE A CD1 1 
ATOM 510  C CD2 . PHE A 1 92  ? 16.736  15.132  0.895   1.00 25.31 ? 129 PHE A CD2 1 
ATOM 511  C CE1 . PHE A 1 92  ? 17.544  14.429  3.431   1.00 25.31 ? 129 PHE A CE1 1 
ATOM 512  C CE2 . PHE A 1 92  ? 16.439  15.953  1.964   1.00 25.31 ? 129 PHE A CE2 1 
ATOM 513  C CZ  . PHE A 1 92  ? 16.843  15.602  3.233   1.00 25.31 ? 129 PHE A CZ  1 
ATOM 514  N N   . GLY A 1 93  ? 19.931  10.918  -0.685  1.00 23.22 ? 130 GLY A N   1 
ATOM 515  C CA  . GLY A 1 93  ? 20.209  9.638   -1.291  1.00 23.22 ? 130 GLY A CA  1 
ATOM 516  C C   . GLY A 1 93  ? 19.583  8.519   -0.481  1.00 23.22 ? 130 GLY A C   1 
ATOM 517  O O   . GLY A 1 93  ? 19.312  8.660   0.710   1.00 23.22 ? 130 GLY A O   1 
ATOM 518  N N   . GLY A 1 94  ? 19.355  7.395   -1.155  1.00 21.29 ? 131 GLY A N   1 
ATOM 519  C CA  . GLY A 1 94  ? 18.736  6.249   -0.517  1.00 21.29 ? 131 GLY A CA  1 
ATOM 520  C C   . GLY A 1 94  ? 17.551  5.719   -1.296  1.00 21.29 ? 131 GLY A C   1 
ATOM 521  O O   . GLY A 1 94  ? 16.944  6.454   -2.079  1.00 21.29 ? 131 GLY A O   1 
ATOM 522  N N   . ARG A 1 95  ? 17.206  4.448   -1.093  1.00 19.99 ? 132 ARG A N   1 
ATOM 523  C CA  . ARG A 1 95  ? 16.152  3.820   -1.875  1.00 19.99 ? 132 ARG A CA  1 
ATOM 524  C C   . ARG A 1 95  ? 15.304  2.926   -0.981  1.00 19.99 ? 132 ARG A C   1 
ATOM 525  O O   . ARG A 1 95  ? 15.770  2.423   0.043   1.00 19.99 ? 132 ARG A O   1 
ATOM 526  C CB  . ARG A 1 95  ? 16.731  3.009   -3.042  1.00 19.99 ? 132 ARG A CB  1 
ATOM 527  C CG  . ARG A 1 95  ? 17.413  3.861   -4.101  1.00 19.99 ? 132 ARG A CG  1 
ATOM 528  C CD  . ARG A 1 95  ? 18.096  3.023   -5.158  1.00 19.99 ? 132 ARG A CD  1 
ATOM 529  N NE  . ARG A 1 95  ? 18.846  3.851   -6.095  1.00 19.99 ? 132 ARG A NE  1 
ATOM 530  C CZ  . ARG A 1 95  ? 18.361  4.328   -7.233  1.00 19.99 ? 132 ARG A CZ  1 
ATOM 531  N NH1 . ARG A 1 95  ? 17.125  4.063   -7.624  1.00 19.99 ? 132 ARG A NH1 1 
ATOM 532  N NH2 . ARG A 1 95  ? 19.138  5.084   -8.001  1.00 19.99 ? 132 ARG A NH2 1 
ATOM 533  N N   . LEU A 1 96  ? 14.051  2.739   -1.387  1.00 18.71 ? 133 LEU A N   1 
ATOM 534  C CA  . LEU A 1 96  ? 13.102  1.860   -0.721  1.00 18.71 ? 133 LEU A CA  1 
ATOM 535  C C   . LEU A 1 96  ? 12.651  0.762   -1.676  1.00 18.71 ? 133 LEU A C   1 
ATOM 536  O O   . LEU A 1 96  ? 12.748  0.894   -2.899  1.00 18.71 ? 133 LEU A O   1 
ATOM 537  C CB  . LEU A 1 96  ? 11.881  2.640   -0.218  1.00 18.71 ? 133 LEU A CB  1 
ATOM 538  C CG  . LEU A 1 96  ? 12.092  3.752   0.808   1.00 18.71 ? 133 LEU A CG  1 
ATOM 539  C CD1 . LEU A 1 96  ? 10.792  4.496   1.046   1.00 18.71 ? 133 LEU A CD1 1 
ATOM 540  C CD2 . LEU A 1 96  ? 12.626  3.186   2.112   1.00 18.71 ? 133 LEU A CD2 1 
ATOM 541  N N   . VAL A 1 97  ? 12.155  -0.331  -1.103  1.00 17.49 ? 134 VAL A N   1 
ATOM 542  C CA  . VAL A 1 97  ? 11.680  -1.478  -1.867  1.00 17.49 ? 134 VAL A CA  1 
ATOM 543  C C   . VAL A 1 97  ? 10.295  -1.868  -1.365  1.00 17.49 ? 134 VAL A C   1 
ATOM 544  O O   . VAL A 1 97  ? 10.057  -1.938  -0.154  1.00 17.49 ? 134 VAL A O   1 
ATOM 545  C CB  . VAL A 1 97  ? 12.670  -2.662  -1.782  1.00 17.49 ? 134 VAL A CB  1 
ATOM 546  C CG1 . VAL A 1 97  ? 12.939  -3.051  -0.336  1.00 17.49 ? 134 VAL A CG1 1 
ATOM 547  C CG2 . VAL A 1 97  ? 12.157  -3.849  -2.575  1.00 17.49 ? 134 VAL A CG2 1 
ATOM 548  N N   . ALA A 1 98  ? 9.374   -2.096  -2.300  1.00 16.35 ? 135 ALA A N   1 
ATOM 549  C CA  . ALA A 1 98  ? 7.992   -2.441  -1.992  1.00 16.35 ? 135 ALA A CA  1 
ATOM 550  C C   . ALA A 1 98  ? 7.603   -3.723  -2.713  1.00 16.35 ? 135 ALA A C   1 
ATOM 551  O O   . ALA A 1 98  ? 7.952   -3.915  -3.882  1.00 16.35 ? 135 ALA A O   1 
ATOM 552  C CB  . ALA A 1 98  ? 7.043   -1.309  -2.393  1.00 16.35 ? 135 ALA A CB  1 
ATOM 553  N N   . ALA A 1 99  ? 6.867   -4.593  -2.024  1.00 16.00 ? 136 ALA A N   1 
ATOM 554  C CA  . ALA A 1 99  ? 6.500   -5.886  -2.585  1.00 16.00 ? 136 ALA A CA  1 
ATOM 555  C C   . ALA A 1 99  ? 5.176   -6.357  -2.000  1.00 16.00 ? 136 ALA A C   1 
ATOM 556  O O   . ALA A 1 99  ? 4.760   -5.916  -0.926  1.00 16.00 ? 136 ALA A O   1 
ATOM 557  C CB  . ALA A 1 99  ? 7.587   -6.934  -2.329  1.00 16.00 ? 136 ALA A CB  1 
ATOM 558  N N   . VAL A 1 100 ? 4.527   -7.272  -2.716  1.00 16.18 ? 137 VAL A N   1 
ATOM 559  C CA  . VAL A 1 100 ? 3.254   -7.857  -2.305  1.00 16.18 ? 137 VAL A CA  1 
ATOM 560  C C   . VAL A 1 100 ? 3.523   -9.254  -1.763  1.00 16.18 ? 137 VAL A C   1 
ATOM 561  O O   . VAL A 1 100 ? 4.175   -10.070 -2.425  1.00 16.18 ? 137 VAL A O   1 
ATOM 562  C CB  . VAL A 1 100 ? 2.253   -7.900  -3.470  1.00 16.18 ? 137 VAL A CB  1 
ATOM 563  C CG1 . VAL A 1 100 ? 0.986   -8.633  -3.057  1.00 16.18 ? 137 VAL A CG1 1 
ATOM 564  C CG2 . VAL A 1 100 ? 1.926   -6.495  -3.943  1.00 16.18 ? 137 VAL A CG2 1 
ATOM 565  N N   . ILE A 1 101 ? 3.025   -9.531  -0.568  1.00 17.19 ? 138 ILE A N   1 
ATOM 566  C CA  . ILE A 1 101 ? 3.269   -10.795 0.123   1.00 17.19 ? 138 ILE A CA  1 
ATOM 567  C C   . ILE A 1 101 ? 2.031   -11.675 -0.013  1.00 17.19 ? 138 ILE A C   1 
ATOM 568  O O   . ILE A 1 101 ? 0.935   -11.237 0.361   1.00 17.19 ? 138 ILE A O   1 
ATOM 569  C CB  . ILE A 1 101 ? 3.619   -10.569 1.605   1.00 17.19 ? 138 ILE A CB  1 
ATOM 570  C CG1 . ILE A 1 101 ? 4.743   -9.540  1.731   1.00 17.19 ? 138 ILE A CG1 1 
ATOM 571  C CG2 . ILE A 1 101 ? 4.010   -11.879 2.264   1.00 17.19 ? 138 ILE A CG2 1 
ATOM 572  C CD1 . ILE A 1 101 ? 6.002   -9.914  0.987   1.00 17.19 ? 138 ILE A CD1 1 
ATOM 573  N N   . PRO A 1 102 ? 2.158   -12.893 -0.534  1.00 18.97 ? 139 PRO A N   1 
ATOM 574  C CA  . PRO A 1 102 ? 0.988   -13.766 -0.709  1.00 18.97 ? 139 PRO A CA  1 
ATOM 575  C C   . PRO A 1 102 ? 0.409   -14.189 0.628   1.00 18.97 ? 139 PRO A C   1 
ATOM 576  O O   . PRO A 1 102 ? 1.121   -14.216 1.644   1.00 18.97 ? 139 PRO A O   1 
ATOM 577  C CB  . PRO A 1 102 ? 1.559   -14.972 -1.473  1.00 18.97 ? 139 PRO A CB  1 
ATOM 578  C CG  . PRO A 1 102 ? 2.839   -14.484 -2.072  1.00 18.97 ? 139 PRO A CG  1 
ATOM 579  C CD  . PRO A 1 102 ? 3.379   -13.489 -1.096  1.00 18.97 ? 139 PRO A CD  1 
ATOM 580  N N   . PRO A 1 103 ? -0.881  -14.517 0.673   1.00 19.62 ? 140 PRO A N   1 
ATOM 581  C CA  . PRO A 1 103 ? -1.485  -14.964 1.933   1.00 19.62 ? 140 PRO A CA  1 
ATOM 582  C C   . PRO A 1 103 ? -0.853  -16.252 2.435   1.00 19.62 ? 140 PRO A C   1 
ATOM 583  O O   . PRO A 1 103 ? -0.467  -17.130 1.660   1.00 19.62 ? 140 PRO A O   1 
ATOM 584  C CB  . PRO A 1 103 ? -2.960  -15.178 1.569   1.00 19.62 ? 140 PRO A CB  1 
ATOM 585  C CG  . PRO A 1 103 ? -3.155  -14.473 0.267   1.00 19.62 ? 140 PRO A CG  1 
ATOM 586  C CD  . PRO A 1 103 ? -1.846  -14.538 -0.437  1.00 19.62 ? 140 PRO A CD  1 
ATOM 587  N N   . GLY A 1 104 ? -0.753  -16.358 3.758   1.00 23.87 ? 141 GLY A N   1 
ATOM 588  C CA  . GLY A 1 104 ? -0.198  -17.535 4.390   1.00 23.87 ? 141 GLY A CA  1 
ATOM 589  C C   . GLY A 1 104 ? 1.282   -17.476 4.693   1.00 23.87 ? 141 GLY A C   1 
ATOM 590  O O   . GLY A 1 104 ? 1.866   -18.513 5.034   1.00 23.87 ? 141 GLY A O   1 
ATOM 591  N N   . ILE A 1 105 ? 1.909   -16.307 4.585   1.00 25.57 ? 142 ILE A N   1 
ATOM 592  C CA  . ILE A 1 105 ? 3.329   -16.134 4.872   1.00 25.57 ? 142 ILE A CA  1 
ATOM 593  C C   . ILE A 1 105 ? 3.473   -15.163 6.035   1.00 25.57 ? 142 ILE A C   1 
ATOM 594  O O   . ILE A 1 105 ? 2.859   -14.089 6.041   1.00 25.57 ? 142 ILE A O   1 
ATOM 595  C CB  . ILE A 1 105 ? 4.101   -15.637 3.634   1.00 25.57 ? 142 ILE A CB  1 
ATOM 596  C CG1 . ILE A 1 105 ? 4.141   -16.729 2.563   1.00 25.57 ? 142 ILE A CG1 1 
ATOM 597  C CG2 . ILE A 1 105 ? 5.510   -15.205 4.014   1.00 25.57 ? 142 ILE A CG2 1 
ATOM 598  C CD1 . ILE A 1 105 ? 4.572   -16.234 1.205   1.00 25.57 ? 142 ILE A CD1 1 
ATOM 599  N N   . GLU A 1 106 ? 4.280   -15.545 7.022   1.00 31.26 ? 143 GLU A N   1 
ATOM 600  C CA  . GLU A 1 106 ? 4.442   -14.736 8.222   1.00 31.26 ? 143 GLU A CA  1 
ATOM 601  C C   . GLU A 1 106 ? 5.187   -13.442 7.912   1.00 31.26 ? 143 GLU A C   1 
ATOM 602  O O   . GLU A 1 106 ? 6.182   -13.437 7.182   1.00 31.26 ? 143 GLU A O   1 
ATOM 603  C CB  . GLU A 1 106 ? 5.185   -15.530 9.296   1.00 31.26 ? 143 GLU A CB  1 
ATOM 604  C CG  . GLU A 1 106 ? 5.288   -14.825 10.638  1.00 31.26 ? 143 GLU A CG  1 
ATOM 605  C CD  . GLU A 1 106 ? 5.899   -15.703 11.712  1.00 31.26 ? 143 GLU A CD  1 
ATOM 606  O OE1 . GLU A 1 106 ? 6.205   -16.878 11.417  1.00 31.26 ? 143 GLU A OE1 1 
ATOM 607  O OE2 . GLU A 1 106 ? 6.074   -15.220 12.850  1.00 31.26 ? 143 GLU A OE2 1 
ATOM 608  N N   . ILE A 1 107 ? 4.699   -12.341 8.478   1.00 30.69 ? 144 ILE A N   1 
ATOM 609  C CA  . ILE A 1 107 ? 5.276   -11.017 8.274   1.00 30.69 ? 144 ILE A CA  1 
ATOM 610  C C   . ILE A 1 107 ? 5.993   -10.598 9.549   1.00 30.69 ? 144 ILE A C   1 
ATOM 611  O O   . ILE A 1 107 ? 5.385   -10.552 10.626  1.00 30.69 ? 144 ILE A O   1 
ATOM 612  C CB  . ILE A 1 107 ? 4.196   -9.992  7.892   1.00 30.69 ? 144 ILE A CB  1 
ATOM 613  C CG1 . ILE A 1 107 ? 3.430   -10.457 6.650   1.00 30.69 ? 144 ILE A CG1 1 
ATOM 614  C CG2 . ILE A 1 107 ? 4.813   -8.614  7.689   1.00 30.69 ? 144 ILE A CG2 1 
ATOM 615  C CD1 . ILE A 1 107 ? 3.960   -9.896  5.350   1.00 30.69 ? 144 ILE A CD1 1 
ATOM 616  N N   . GLY A 1 108 ? 7.280   -10.288 9.430   1.00 33.41 ? 145 GLY A N   1 
ATOM 617  C CA  . GLY A 1 108 ? 8.076   -9.909  10.573  1.00 33.41 ? 145 GLY A CA  1 
ATOM 618  C C   . GLY A 1 108 ? 9.456   -9.418  10.189  1.00 33.41 ? 145 GLY A C   1 
ATOM 619  O O   . GLY A 1 108 ? 9.747   -9.158  9.017   1.00 33.41 ? 145 GLY A O   1 
ATOM 620  N N   . PRO A 1 109 ? 10.334  -9.270  11.184  1.00 35.82 ? 146 PRO A N   1 
ATOM 621  C CA  . PRO A 1 109 ? 11.691  -8.776  10.898  1.00 35.82 ? 146 PRO A CA  1 
ATOM 622  C C   . PRO A 1 109 ? 12.477  -9.653  9.939   1.00 35.82 ? 146 PRO A C   1 
ATOM 623  O O   . PRO A 1 109 ? 13.286  -9.132  9.162   1.00 35.82 ? 146 PRO A O   1 
ATOM 624  C CB  . PRO A 1 109 ? 12.343  -8.735  12.288  1.00 35.82 ? 146 PRO A CB  1 
ATOM 625  C CG  . PRO A 1 109 ? 11.195  -8.617  13.239  1.00 35.82 ? 146 PRO A CG  1 
ATOM 626  C CD  . PRO A 1 109 ? 10.091  -9.424  12.627  1.00 35.82 ? 146 PRO A CD  1 
ATOM 627  N N   . GLY A 1 110 ? 12.268  -10.967 9.967   1.00 34.06 ? 147 GLY A N   1 
ATOM 628  C CA  . GLY A 1 110 ? 13.021  -11.864 9.112   1.00 34.06 ? 147 GLY A CA  1 
ATOM 629  C C   . GLY A 1 110 ? 12.365  -12.145 7.775   1.00 34.06 ? 147 GLY A C   1 
ATOM 630  O O   . GLY A 1 110 ? 12.319  -13.296 7.330   1.00 34.06 ? 147 GLY A O   1 
ATOM 631  N N   . LEU A 1 111 ? 11.861  -11.102 7.120   1.00 28.73 ? 148 LEU A N   1 
ATOM 632  C CA  . LEU A 1 111 ? 11.214  -11.218 5.818   1.00 28.73 ? 148 LEU A CA  1 
ATOM 633  C C   . LEU A 1 111 ? 12.144  -10.613 4.772   1.00 28.73 ? 148 LEU A C   1 
ATOM 634  O O   . LEU A 1 111 ? 12.578  -9.465  4.908   1.00 28.73 ? 148 LEU A O   1 
ATOM 635  C CB  . LEU A 1 111 ? 9.854   -10.523 5.822   1.00 28.73 ? 148 LEU A CB  1 
ATOM 636  C CG  . LEU A 1 111 ? 9.040   -10.567 4.529   1.00 28.73 ? 148 LEU A CG  1 
ATOM 637  C CD1 . LEU A 1 111 ? 8.564   -11.982 4.242   1.00 28.73 ? 148 LEU A CD1 1 
ATOM 638  C CD2 . LEU A 1 111 ? 7.866   -9.606  4.603   1.00 28.73 ? 148 LEU A CD2 1 
ATOM 639  N N   . GLU A 1 112 ? 12.449  -11.389 3.731   1.00 25.91 ? 149 GLU A N   1 
ATOM 640  C CA  . GLU A 1 112 ? 13.357  -10.953 2.670   1.00 25.91 ? 149 GLU A CA  1 
ATOM 641  C C   . GLU A 1 112 ? 12.533  -10.328 1.549   1.00 25.91 ? 149 GLU A C   1 
ATOM 642  O O   . GLU A 1 112 ? 12.200  -10.959 0.543   1.00 25.91 ? 149 GLU A O   1 
ATOM 643  C CB  . GLU A 1 112 ? 14.194  -12.123 2.167   1.00 25.91 ? 149 GLU A CB  1 
ATOM 644  C CG  . GLU A 1 112 ? 15.283  -12.569 3.125   1.00 25.91 ? 149 GLU A CG  1 
ATOM 645  C CD  . GLU A 1 112 ? 16.474  -11.632 3.133   1.00 25.91 ? 149 GLU A CD  1 
ATOM 646  O OE1 . GLU A 1 112 ? 16.695  -10.942 2.116   1.00 25.91 ? 149 GLU A OE1 1 
ATOM 647  O OE2 . GLU A 1 112 ? 17.190  -11.587 4.155   1.00 25.91 ? 149 GLU A OE2 1 
ATOM 648  N N   . VAL A 1 113 ? 12.204  -9.048  1.734   1.00 22.41 ? 150 VAL A N   1 
ATOM 649  C CA  . VAL A 1 113 ? 11.380  -8.336  0.759   1.00 22.41 ? 150 VAL A CA  1 
ATOM 650  C C   . VAL A 1 113 ? 12.115  -8.211  -0.570  1.00 22.41 ? 150 VAL A C   1 
ATOM 651  O O   . VAL A 1 113 ? 11.504  -8.275  -1.644  1.00 22.41 ? 150 VAL A O   1 
ATOM 652  C CB  . VAL A 1 113 ? 10.970  -6.960  1.319   1.00 22.41 ? 150 VAL A CB  1 
ATOM 653  C CG1 . VAL A 1 113 ? 10.221  -6.150  0.275   1.00 22.41 ? 150 VAL A CG1 1 
ATOM 654  C CG2 . VAL A 1 113 ? 10.126  -7.131  2.570   1.00 22.41 ? 150 VAL A CG2 1 
ATOM 655  N N   . ARG A 1 114 ? 13.439  -8.050  -0.521  1.00 21.97 ? 151 ARG A N   1 
ATOM 656  C CA  . ARG A 1 114 ? 14.237  -7.863  -1.726  1.00 21.97 ? 151 ARG A CA  1 
ATOM 657  C C   . ARG A 1 114 ? 14.263  -9.089  -2.630  1.00 21.97 ? 151 ARG A C   1 
ATOM 658  O O   . ARG A 1 114 ? 14.696  -8.974  -3.781  1.00 21.97 ? 151 ARG A O   1 
ATOM 659  C CB  . ARG A 1 114 ? 15.666  -7.468  -1.348  1.00 21.97 ? 151 ARG A CB  1 
ATOM 660  C CG  . ARG A 1 114 ? 16.367  -8.466  -0.442  1.00 21.97 ? 151 ARG A CG  1 
ATOM 661  C CD  . ARG A 1 114 ? 17.643  -7.882  0.145   1.00 21.97 ? 151 ARG A CD  1 
ATOM 662  N NE  . ARG A 1 114 ? 18.360  -8.856  0.959   1.00 21.97 ? 151 ARG A NE  1 
ATOM 663  C CZ  . ARG A 1 114 ? 19.500  -8.613  1.590   1.00 21.97 ? 151 ARG A CZ  1 
ATOM 664  N NH1 . ARG A 1 114 ? 20.088  -7.429  1.527   1.00 21.97 ? 151 ARG A NH1 1 
ATOM 665  N NH2 . ARG A 1 114 ? 20.067  -9.581  2.303   1.00 21.97 ? 151 ARG A NH2 1 
ATOM 666  N N   . GLN A 1 115 ? 13.827  -10.253 -2.151  1.00 21.51 ? 152 GLN A N   1 
ATOM 667  C CA  . GLN A 1 115 ? 13.803  -11.460 -2.965  1.00 21.51 ? 152 GLN A CA  1 
ATOM 668  C C   . GLN A 1 115 ? 12.391  -11.886 -3.355  1.00 21.51 ? 152 GLN A C   1 
ATOM 669  O O   . GLN A 1 115 ? 12.197  -13.022 -3.797  1.00 21.51 ? 152 GLN A O   1 
ATOM 670  C CB  . GLN A 1 115 ? 14.530  -12.597 -2.248  1.00 21.51 ? 152 GLN A CB  1 
ATOM 671  C CG  . GLN A 1 115 ? 15.936  -12.826 -2.784  1.00 21.51 ? 152 GLN A CG  1 
ATOM 672  C CD  . GLN A 1 115 ? 16.812  -13.621 -1.838  1.00 21.51 ? 152 GLN A CD  1 
ATOM 673  O OE1 . GLN A 1 115 ? 16.342  -14.524 -1.147  1.00 21.51 ? 152 GLN A OE1 1 
ATOM 674  N NE2 . GLN A 1 115 ? 18.097  -13.291 -1.808  1.00 21.51 ? 152 GLN A NE2 1 
ATOM 675  N N   . PHE A 1 116 ? 11.411  -11.013 -3.191  1.00 19.20 ? 153 PHE A N   1 
ATOM 676  C CA  . PHE A 1 116 ? 10.099  -11.113 -3.805  1.00 19.20 ? 153 PHE A CA  1 
ATOM 677  C C   . PHE A 1 116 ? 10.065  -10.257 -5.064  1.00 19.20 ? 153 PHE A C   1 
ATOM 678  O O   . PHE A 1 116 ? 10.941  -9.413  -5.278  1.00 19.20 ? 153 PHE A O   1 
ATOM 679  C CB  . PHE A 1 116 ? 9.010   -10.641 -2.831  1.00 19.20 ? 153 PHE A CB  1 
ATOM 680  C CG  . PHE A 1 116 ? 8.654   -11.643 -1.769  1.00 19.20 ? 153 PHE A CG  1 
ATOM 681  C CD1 . PHE A 1 116 ? 9.399   -11.739 -0.607  1.00 19.20 ? 153 PHE A CD1 1 
ATOM 682  C CD2 . PHE A 1 116 ? 7.562   -12.478 -1.927  1.00 19.20 ? 153 PHE A CD2 1 
ATOM 683  C CE1 . PHE A 1 116 ? 9.065   -12.655 0.373   1.00 19.20 ? 153 PHE A CE1 1 
ATOM 684  C CE2 . PHE A 1 116 ? 7.223   -13.395 -0.953  1.00 19.20 ? 153 PHE A CE2 1 
ATOM 685  C CZ  . PHE A 1 116 ? 7.976   -13.484 0.199   1.00 19.20 ? 153 PHE A CZ  1 
ATOM 686  N N   . PRO A 1 117 ? 9.076   -10.458 -5.936  1.00 17.66 ? 154 PRO A N   1 
ATOM 687  C CA  . PRO A 1 117 ? 8.840   -9.470  -6.997  1.00 17.66 ? 154 PRO A CA  1 
ATOM 688  C C   . PRO A 1 117 ? 8.530   -8.112  -6.384  1.00 17.66 ? 154 PRO A C   1 
ATOM 689  O O   . PRO A 1 117 ? 7.669   -7.991  -5.512  1.00 17.66 ? 154 PRO A O   1 
ATOM 690  C CB  . PRO A 1 117 ? 7.636   -10.041 -7.755  1.00 17.66 ? 154 PRO A CB  1 
ATOM 691  C CG  . PRO A 1 117 ? 7.671   -11.501 -7.474  1.00 17.66 ? 154 PRO A CG  1 
ATOM 692  C CD  . PRO A 1 117 ? 8.216   -11.645 -6.084  1.00 17.66 ? 154 PRO A CD  1 
ATOM 693  N N   . HIS A 1 118 ? 9.232   -7.083  -6.852  1.00 17.54 ? 155 HIS A N   1 
ATOM 694  C CA  . HIS A 1 118 ? 9.216   -5.811  -6.144  1.00 17.54 ? 155 HIS A CA  1 
ATOM 695  C C   . HIS A 1 118 ? 9.465   -4.663  -7.112  1.00 17.54 ? 155 HIS A C   1 
ATOM 696  O O   . HIS A 1 118 ? 9.793   -4.865  -8.283  1.00 17.54 ? 155 HIS A O   1 
ATOM 697  C CB  . HIS A 1 118 ? 10.256  -5.798  -5.020  1.00 17.54 ? 155 HIS A CB  1 
ATOM 698  C CG  . HIS A 1 118 ? 11.668  -5.923  -5.502  1.00 17.54 ? 155 HIS A CG  1 
ATOM 699  N ND1 . HIS A 1 118 ? 12.361  -7.114  -5.477  1.00 17.54 ? 155 HIS A ND1 1 
ATOM 700  C CD2 . HIS A 1 118 ? 12.515  -5.008  -6.028  1.00 17.54 ? 155 HIS A CD2 1 
ATOM 701  C CE1 . HIS A 1 118 ? 13.576  -6.925  -5.961  1.00 17.54 ? 155 HIS A CE1 1 
ATOM 702  N NE2 . HIS A 1 118 ? 13.694  -5.655  -6.305  1.00 17.54 ? 155 HIS A NE2 1 
ATOM 703  N N   . VAL A 1 119 ? 9.297   -3.446  -6.595  1.00 17.37 ? 156 VAL A N   1 
ATOM 704  C CA  . VAL A 1 119 ? 9.644   -2.216  -7.292  1.00 17.37 ? 156 VAL A CA  1 
ATOM 705  C C   . VAL A 1 119 ? 10.579  -1.410  -6.398  1.00 17.37 ? 156 VAL A C   1 
ATOM 706  O O   . VAL A 1 119 ? 10.625  -1.594  -5.180  1.00 17.37 ? 156 VAL A O   1 
ATOM 707  C CB  . VAL A 1 119 ? 8.404   -1.380  -7.675  1.00 17.37 ? 156 VAL A CB  1 
ATOM 708  C CG1 . VAL A 1 119 ? 7.462   -2.190  -8.549  1.00 17.37 ? 156 VAL A CG1 1 
ATOM 709  C CG2 . VAL A 1 119 ? 7.686   -0.886  -6.431  1.00 17.37 ? 156 VAL A CG2 1 
ATOM 710  N N   . VAL A 1 120 ? 11.330  -0.504  -7.021  1.00 18.08 ? 157 VAL A N   1 
ATOM 711  C CA  . VAL A 1 120 ? 12.349  0.290   -6.344  1.00 18.08 ? 157 VAL A CA  1 
ATOM 712  C C   . VAL A 1 120 ? 11.921  1.751   -6.361  1.00 18.08 ? 157 VAL A C   1 
ATOM 713  O O   . VAL A 1 120 ? 11.537  2.277   -7.413  1.00 18.08 ? 157 VAL A O   1 
ATOM 714  C CB  . VAL A 1 120 ? 13.732  0.112   -6.999  1.00 18.08 ? 157 VAL A CB  1 
ATOM 715  C CG1 . VAL A 1 120 ? 14.755  1.028   -6.353  1.00 18.08 ? 157 VAL A CG1 1 
ATOM 716  C CG2 . VAL A 1 120 ? 14.182  -1.336  -6.899  1.00 18.08 ? 157 VAL A CG2 1 
ATOM 717  N N   . ILE A 1 121 ? 11.985  2.399   -5.201  1.00 19.28 ? 158 ILE A N   1 
ATOM 718  C CA  . ILE A 1 121 ? 11.561  3.787   -5.032  1.00 19.28 ? 158 ILE A CA  1 
ATOM 719  C C   . ILE A 1 121 ? 12.765  4.600   -4.578  1.00 19.28 ? 158 ILE A C   1 
ATOM 720  O O   . ILE A 1 121 ? 13.462  4.215   -3.632  1.00 19.28 ? 158 ILE A O   1 
ATOM 721  C CB  . ILE A 1 121 ? 10.407  3.905   -4.026  1.00 19.28 ? 158 ILE A CB  1 
ATOM 722  C CG1 . ILE A 1 121 ? 9.201   3.092   -4.501  1.00 19.28 ? 158 ILE A CG1 1 
ATOM 723  C CG2 . ILE A 1 121 ? 10.025  5.363   -3.815  1.00 19.28 ? 158 ILE A CG2 1 
ATOM 724  C CD1 . ILE A 1 121 ? 8.179   2.841   -3.424  1.00 19.28 ? 158 ILE A CD1 1 
ATOM 725  N N   . ASP A 1 122 ? 13.002  5.728   -5.242  1.00 21.90 ? 159 ASP A N   1 
ATOM 726  C CA  . ASP A 1 122 ? 14.154  6.573   -4.956  1.00 21.90 ? 159 ASP A CA  1 
ATOM 727  C C   . ASP A 1 122 ? 13.767  7.747   -4.067  1.00 21.90 ? 159 ASP A C   1 
ATOM 728  O O   . ASP A 1 122 ? 12.611  8.179   -4.050  1.00 21.90 ? 159 ASP A O   1 
ATOM 729  C CB  . ASP A 1 122 ? 14.774  7.089   -6.253  1.00 21.90 ? 159 ASP A CB  1 
ATOM 730  C CG  . ASP A 1 122 ? 16.285  7.097   -6.211  1.00 21.90 ? 159 ASP A CG  1 
ATOM 731  O OD1 . ASP A 1 122 ? 16.849  6.930   -5.111  1.00 21.90 ? 159 ASP A OD1 1 
ATOM 732  O OD2 . ASP A 1 122 ? 16.909  7.275   -7.276  1.00 21.90 ? 159 ASP A OD2 1 
ATOM 733  N N   . ALA A 1 123 ? 14.754  8.263   -3.329  1.00 21.87 ? 160 ALA A N   1 
ATOM 734  C CA  . ALA A 1 123 ? 14.513  9.401   -2.448  1.00 21.87 ? 160 ALA A CA  1 
ATOM 735  C C   . ALA A 1 123 ? 14.301  10.692  -3.229  1.00 21.87 ? 160 ALA A C   1 
ATOM 736  O O   . ALA A 1 123 ? 13.542  11.563  -2.792  1.00 21.87 ? 160 ALA A O   1 
ATOM 737  C CB  . ALA A 1 123 ? 15.672  9.561   -1.467  1.00 21.87 ? 160 ALA A CB  1 
ATOM 738  N N   . ARG A 1 124 ? 14.967  10.844  -4.374  1.00 22.67 ? 161 ARG A N   1 
ATOM 739  C CA  . ARG A 1 124 ? 14.831  12.037  -5.201  1.00 22.67 ? 161 ARG A CA  1 
ATOM 740  C C   . ARG A 1 124 ? 13.943  11.789  -6.417  1.00 22.67 ? 161 ARG A C   1 
ATOM 741  O O   . ARG A 1 124 ? 14.129  12.409  -7.466  1.00 22.67 ? 161 ARG A O   1 
ATOM 742  C CB  . ARG A 1 124 ? 16.202  12.554  -5.633  1.00 22.67 ? 161 ARG A CB  1 
ATOM 743  C CG  . ARG A 1 124 ? 17.224  11.471  -5.912  1.00 22.67 ? 161 ARG A CG  1 
ATOM 744  C CD  . ARG A 1 124 ? 18.641  12.022  -5.821  1.00 22.67 ? 161 ARG A CD  1 
ATOM 745  N NE  . ARG A 1 124 ? 19.638  11.078  -6.311  1.00 22.67 ? 161 ARG A NE  1 
ATOM 746  C CZ  . ARG A 1 124 ? 19.810  10.755  -7.586  1.00 22.67 ? 161 ARG A CZ  1 
ATOM 747  N NH1 . ARG A 1 124 ? 19.085  11.309  -8.545  1.00 22.67 ? 161 ARG A NH1 1 
ATOM 748  N NH2 . ARG A 1 124 ? 20.737  9.859   -7.909  1.00 22.67 ? 161 ARG A NH2 1 
ATOM 749  N N   . SER A 1 125 ? 12.972  10.889  -6.287  1.00 22.98 ? 162 SER A N   1 
ATOM 750  C CA  . SER A 1 125 ? 12.045  10.616  -7.377  1.00 22.98 ? 162 SER A CA  1 
ATOM 751  C C   . SER A 1 125 ? 11.107  11.800  -7.579  1.00 22.98 ? 162 SER A C   1 
ATOM 752  O O   . SER A 1 125 ? 10.511  12.303  -6.623  1.00 22.98 ? 162 SER A O   1 
ATOM 753  C CB  . SER A 1 125 ? 11.240  9.351   -7.085  1.00 22.98 ? 162 SER A CB  1 
ATOM 754  O OG  . SER A 1 125 ? 11.936  8.192   -7.507  1.00 22.98 ? 162 SER A OG  1 
ATOM 755  N N   . LEU A 1 126 ? 10.978  12.243  -8.827  1.00 24.52 ? 163 LEU A N   1 
ATOM 756  C CA  . LEU A 1 126 ? 10.088  13.351  -9.148  1.00 24.52 ? 163 LEU A CA  1 
ATOM 757  C C   . LEU A 1 126 ? 8.702   12.884  -9.563  1.00 24.52 ? 163 LEU A C   1 
ATOM 758  O O   . LEU A 1 126 ? 7.712   13.563  -9.267  1.00 24.52 ? 163 LEU A O   1 
ATOM 759  C CB  . LEU A 1 126 ? 10.697  14.208  -10.260 1.00 24.52 ? 163 LEU A CB  1 
ATOM 760  C CG  . LEU A 1 126 ? 11.294  15.544  -9.814  1.00 24.52 ? 163 LEU A CG  1 
ATOM 761  C CD1 . LEU A 1 126 ? 11.822  16.324  -11.008 1.00 24.52 ? 163 LEU A CD1 1 
ATOM 762  C CD2 . LEU A 1 126 ? 10.264  16.358  -9.050  1.00 24.52 ? 163 LEU A CD2 1 
ATOM 763  N N   . GLU A 1 127 ? 8.608   11.747  -10.227 1.00 25.94 ? 164 GLU A N   1 
ATOM 764  C CA  . GLU A 1 127 ? 7.366   11.141  -10.671 1.00 25.94 ? 164 GLU A CA  1 
ATOM 765  C C   . GLU A 1 127 ? 6.906   10.082  -9.676  1.00 25.94 ? 164 GLU A C   1 
ATOM 766  O O   . GLU A 1 127 ? 7.730   9.397   -9.064  1.00 25.94 ? 164 GLU A O   1 
ATOM 767  C CB  . GLU A 1 127 ? 7.547   10.500  -12.050 1.00 25.94 ? 164 GLU A CB  1 
ATOM 768  C CG  . GLU A 1 127 ? 6.410   10.762  -13.021 1.00 25.94 ? 164 GLU A CG  1 
ATOM 769  C CD  . GLU A 1 127 ? 6.414   12.183  -13.551 1.00 25.94 ? 164 GLU A CD  1 
ATOM 770  O OE1 . GLU A 1 127 ? 5.456   12.930  -13.262 1.00 25.94 ? 164 GLU A OE1 1 
ATOM 771  O OE2 . GLU A 1 127 ? 7.378   12.553  -14.252 1.00 25.94 ? 164 GLU A OE2 1 
ATOM 772  N N   . PRO A 1 128 ? 5.598   9.931   -9.482  1.00 21.77 ? 165 PRO A N   1 
ATOM 773  C CA  . PRO A 1 128 ? 5.105   8.893   -8.570  1.00 21.77 ? 165 PRO A CA  1 
ATOM 774  C C   . PRO A 1 128 ? 5.395   7.494   -9.090  1.00 21.77 ? 165 PRO A C   1 
ATOM 775  O O   . PRO A 1 128 ? 5.474   7.255   -10.298 1.00 21.77 ? 165 PRO A O   1 
ATOM 776  C CB  . PRO A 1 128 ? 3.595   9.160   -8.510  1.00 21.77 ? 165 PRO A CB  1 
ATOM 777  C CG  . PRO A 1 128 ? 3.427   10.569  -8.989  1.00 21.77 ? 165 PRO A CG  1 
ATOM 778  C CD  . PRO A 1 128 ? 4.511   10.779  -9.994  1.00 21.77 ? 165 PRO A CD  1 
ATOM 779  N N   . VAL A 1 129 ? 5.554   6.562   -8.153  1.00 18.84 ? 166 VAL A N   1 
ATOM 780  C CA  . VAL A 1 129 ? 5.825   5.159   -8.452  1.00 18.84 ? 166 VAL A CA  1 
ATOM 781  C C   . VAL A 1 129 ? 4.592   4.348   -8.081  1.00 18.84 ? 166 VAL A C   1 
ATOM 782  O O   . VAL A 1 129 ? 4.058   4.492   -6.975  1.00 18.84 ? 166 VAL A O   1 
ATOM 783  C CB  . VAL A 1 129 ? 7.067   4.651   -7.701  1.00 18.84 ? 166 VAL A CB  1 
ATOM 784  C CG1 . VAL A 1 129 ? 7.313   3.184   -8.010  1.00 18.84 ? 166 VAL A CG1 1 
ATOM 785  C CG2 . VAL A 1 129 ? 8.284   5.486   -8.061  1.00 18.84 ? 166 VAL A CG2 1 
ATOM 786  N N   . THR A 1 130 ? 4.146   3.495   -8.999  1.00 18.10 ? 167 THR A N   1 
ATOM 787  C CA  . THR A 1 130 ? 2.885   2.777   -8.870  1.00 18.10 ? 167 THR A CA  1 
ATOM 788  C C   . THR A 1 130 ? 3.137   1.276   -8.798  1.00 18.10 ? 167 THR A C   1 
ATOM 789  O O   . THR A 1 130 ? 3.909   0.734   -9.595  1.00 18.10 ? 167 THR A O   1 
ATOM 790  C CB  . THR A 1 130 ? 1.958   3.102   -10.046 1.00 18.10 ? 167 THR A CB  1 
ATOM 791  O OG1 . THR A 1 130 ? 1.503   4.455   -9.937  1.00 18.10 ? 167 THR A OG1 1 
ATOM 792  C CG2 . THR A 1 130 ? 0.753   2.175   -10.062 1.00 18.10 ? 167 THR A CG2 1 
ATOM 793  N N   . ILE A 1 131 ? 2.490   0.614   -7.840  1.00 17.33 ? 168 ILE A N   1 
ATOM 794  C CA  . ILE A 1 131 ? 2.501   -0.840  -7.728  1.00 17.33 ? 168 ILE A CA  1 
ATOM 795  C C   . ILE A 1 131 ? 1.065   -1.321  -7.563  1.00 17.33 ? 168 ILE A C   1 
ATOM 796  O O   . ILE A 1 131 ? 0.270   -0.707  -6.844  1.00 17.33 ? 168 ILE A O   1 
ATOM 797  C CB  . ILE A 1 131 ? 3.388   -1.323  -6.557  1.00 17.33 ? 168 ILE A CB  1 
ATOM 798  C CG1 . ILE A 1 131 ? 3.399   -2.852  -6.481  1.00 17.33 ? 168 ILE A CG1 1 
ATOM 799  C CG2 . ILE A 1 131 ? 2.938   -0.714  -5.237  1.00 17.33 ? 168 ILE A CG2 1 
ATOM 800  C CD1 . ILE A 1 131 ? 4.501   -3.414  -5.612  1.00 17.33 ? 168 ILE A CD1 1 
ATOM 801  N N   . THR A 1 132 ? 0.726   -2.410  -8.249  1.00 17.30 ? 169 THR A N   1 
ATOM 802  C CA  . THR A 1 132 ? -0.608  -2.991  -8.193  1.00 17.30 ? 169 THR A CA  1 
ATOM 803  C C   . THR A 1 132 ? -0.598  -4.212  -7.284  1.00 17.30 ? 169 THR A C   1 
ATOM 804  O O   . THR A 1 132 ? 0.263   -5.086  -7.422  1.00 17.30 ? 169 THR A O   1 
ATOM 805  C CB  . THR A 1 132 ? -1.094  -3.383  -9.590  1.00 17.30 ? 169 THR A CB  1 
ATOM 806  O OG1 . THR A 1 132 ? -1.093  -2.231  -10.441 1.00 17.30 ? 169 THR A OG1 1 
ATOM 807  C CG2 . THR A 1 132 ? -2.504  -3.953  -9.527  1.00 17.30 ? 169 THR A CG2 1 
ATOM 808  N N   . MET A 1 133 ? -1.553  -4.271  -6.357  1.00 17.63 ? 170 MET A N   1 
ATOM 809  C CA  . MET A 1 133 ? -1.725  -5.443  -5.504  1.00 17.63 ? 170 MET A CA  1 
ATOM 810  C C   . MET A 1 133 ? -2.914  -6.253  -6.004  1.00 17.63 ? 170 MET A C   1 
ATOM 811  O O   . MET A 1 133 ? -4.068  -5.832  -5.833  1.00 17.63 ? 170 MET A O   1 
ATOM 812  C CB  . MET A 1 133 ? -1.930  -5.041  -4.040  1.00 17.63 ? 170 MET A CB  1 
ATOM 813  C CG  . MET A 1 133 ? -2.233  -6.226  -3.127  1.00 17.63 ? 170 MET A CG  1 
ATOM 814  S SD  . MET A 1 133 ? -1.865  -5.961  -1.381  1.00 17.63 ? 170 MET A SD  1 
ATOM 815  C CE  . MET A 1 133 ? -2.690  -4.401  -1.090  1.00 17.63 ? 170 MET A CE  1 
ATOM 816  N N   . PRO A 1 134 ? -2.695  -7.410  -6.622  1.00 18.67 ? 171 PRO A N   1 
ATOM 817  C CA  . PRO A 1 134 ? -3.821  -8.216  -7.102  1.00 18.67 ? 171 PRO A CA  1 
ATOM 818  C C   . PRO A 1 134 ? -4.524  -8.930  -5.959  1.00 18.67 ? 171 PRO A C   1 
ATOM 819  O O   . PRO A 1 134 ? -4.013  -9.041  -4.843  1.00 18.67 ? 171 PRO A O   1 
ATOM 820  C CB  . PRO A 1 134 ? -3.157  -9.211  -8.056  1.00 18.67 ? 171 PRO A CB  1 
ATOM 821  C CG  . PRO A 1 134 ? -1.782  -9.367  -7.507  1.00 18.67 ? 171 PRO A CG  1 
ATOM 822  C CD  . PRO A 1 134 ? -1.397  -8.017  -6.964  1.00 18.67 ? 171 PRO A CD  1 
ATOM 823  N N   . ASP A 1 135 ? -5.727  -9.417  -6.257  1.00 19.86 ? 172 ASP A N   1 
ATOM 824  C CA  . ASP A 1 135 ? -6.530  -10.160 -5.288  1.00 19.86 ? 172 ASP A CA  1 
ATOM 825  C C   . ASP A 1 135 ? -6.114  -11.624 -5.341  1.00 19.86 ? 172 ASP A C   1 
ATOM 826  O O   . ASP A 1 135 ? -6.701  -12.436 -6.056  1.00 19.86 ? 172 ASP A O   1 
ATOM 827  C CB  . ASP A 1 135 ? -8.016  -9.985  -5.572  1.00 19.86 ? 172 ASP A CB  1 
ATOM 828  C CG  . ASP A 1 135 ? -8.874  -10.154 -4.332  1.00 19.86 ? 172 ASP A CG  1 
ATOM 829  O OD1 . ASP A 1 135 ? -8.314  -10.411 -3.246  1.00 19.86 ? 172 ASP A OD1 1 
ATOM 830  O OD2 . ASP A 1 135 ? -10.110 -10.031 -4.444  1.00 19.86 ? 172 ASP A OD2 1 
ATOM 831  N N   . LEU A 1 136 ? -5.085  -11.967 -4.571  1.00 20.03 ? 173 LEU A N   1 
ATOM 832  C CA  . LEU A 1 136 ? -4.627  -13.346 -4.445  1.00 20.03 ? 173 LEU A CA  1 
ATOM 833  C C   . LEU A 1 136 ? -5.416  -14.001 -3.318  1.00 20.03 ? 173 LEU A C   1 
ATOM 834  O O   . LEU A 1 136 ? -5.186  -13.711 -2.140  1.00 20.03 ? 173 LEU A O   1 
ATOM 835  C CB  . LEU A 1 136 ? -3.126  -13.394 -4.171  1.00 20.03 ? 173 LEU A CB  1 
ATOM 836  C CG  . LEU A 1 136 ? -2.235  -12.542 -5.075  1.00 20.03 ? 173 LEU A CG  1 
ATOM 837  C CD1 . LEU A 1 136 ? -0.845  -12.412 -4.481  1.00 20.03 ? 173 LEU A CD1 1 
ATOM 838  C CD2 . LEU A 1 136 ? -2.166  -13.131 -6.473  1.00 20.03 ? 173 LEU A CD2 1 
ATOM 839  N N   . ARG A 1 137 ? -6.349  -14.886 -3.677  1.00 20.19 ? 174 ARG A N   1 
ATOM 840  C CA  . ARG A 1 137 ? -7.256  -15.447 -2.688  1.00 20.19 ? 174 ARG A CA  1 
ATOM 841  C C   . ARG A 1 137 ? -7.567  -16.891 -3.034  1.00 20.19 ? 174 ARG A C   1 
ATOM 842  O O   . ARG A 1 137 ? -7.609  -17.231 -4.225  1.00 20.19 ? 174 ARG A O   1 
ATOM 843  C CB  . ARG A 1 137 ? -8.552  -14.631 -2.618  1.00 20.19 ? 174 ARG A CB  1 
ATOM 844  C CG  . ARG A 1 137 ? -9.161  -14.354 -3.978  1.00 20.19 ? 174 ARG A CG  1 
ATOM 845  C CD  . ARG A 1 137 ? -10.653 -14.107 -3.899  1.00 20.19 ? 174 ARG A CD  1 
ATOM 846  N NE  . ARG A 1 137 ? -11.297 -14.336 -5.187  1.00 20.19 ? 174 ARG A NE  1 
ATOM 847  C CZ  . ARG A 1 137 ? -11.390 -13.430 -6.150  1.00 20.19 ? 174 ARG A CZ  1 
ATOM 848  N NH1 . ARG A 1 137 ? -10.892 -12.214 -6.005  1.00 20.19 ? 174 ARG A NH1 1 
ATOM 849  N NH2 . ARG A 1 137 ? -11.994 -13.756 -7.289  1.00 20.19 ? 174 ARG A NH2 1 
ATOM 850  N N   . PRO A 1 138 ? -7.778  -17.761 -2.043  1.00 20.92 ? 175 PRO A N   1 
ATOM 851  C CA  . PRO A 1 138 ? -8.196  -19.137 -2.341  1.00 20.92 ? 175 PRO A CA  1 
ATOM 852  C C   . PRO A 1 138 ? -9.698  -19.310 -2.495  1.00 20.92 ? 175 PRO A C   1 
ATOM 853  O O   . PRO A 1 138 ? -10.141 -20.415 -2.835  1.00 20.92 ? 175 PRO A O   1 
ATOM 854  C CB  . PRO A 1 138 ? -7.679  -19.923 -1.131  1.00 20.92 ? 175 PRO A CB  1 
ATOM 855  C CG  . PRO A 1 138 ? -7.688  -18.934 -0.017  1.00 20.92 ? 175 PRO A CG  1 
ATOM 856  C CD  . PRO A 1 138 ? -7.457  -17.570 -0.618  1.00 20.92 ? 175 PRO A CD  1 
ATOM 857  N N   . ASN A 1 139 ? -10.491 -18.268 -2.258  1.00 21.95 ? 176 ASN A N   1 
ATOM 858  C CA  . ASN A 1 139 ? -11.940 -18.338 -2.346  1.00 21.95 ? 176 ASN A CA  1 
ATOM 859  C C   . ASN A 1 139 ? -12.430 -17.626 -3.605  1.00 21.95 ? 176 ASN A C   1 
ATOM 860  O O   . ASN A 1 139 ? -11.648 -17.174 -4.444  1.00 21.95 ? 176 ASN A O   1 
ATOM 861  C CB  . ASN A 1 139 ? -12.583 -17.735 -1.096  1.00 21.95 ? 176 ASN A CB  1 
ATOM 862  C CG  . ASN A 1 139 ? -12.397 -18.603 0.131   1.00 21.95 ? 176 ASN A CG  1 
ATOM 863  O OD1 . ASN A 1 139 ? -12.404 -19.830 0.043   1.00 21.95 ? 176 ASN A OD1 1 
ATOM 864  N ND2 . ASN A 1 139 ? -12.228 -17.968 1.284   1.00 21.95 ? 176 ASN A ND2 1 
ATOM 865  N N   . MET A 1 140 ? -13.754 -17.529 -3.734  1.00 22.14 ? 177 MET A N   1 
ATOM 866  C CA  . MET A 1 140 ? -14.344 -16.847 -4.880  1.00 22.14 ? 177 MET A CA  1 
ATOM 867  C C   . MET A 1 140 ? -14.577 -15.364 -4.613  1.00 22.14 ? 177 MET A C   1 
ATOM 868  O O   . MET A 1 140 ? -14.482 -14.553 -5.540  1.00 22.14 ? 177 MET A O   1 
ATOM 869  C CB  . MET A 1 140 ? -15.655 -17.525 -5.277  1.00 22.14 ? 177 MET A CB  1 
ATOM 870  C CG  . MET A 1 140 ? -15.482 -18.943 -5.803  1.00 22.14 ? 177 MET A CG  1 
ATOM 871  S SD  . MET A 1 140 ? -14.440 -19.017 -7.274  1.00 22.14 ? 177 MET A SD  1 
ATOM 872  C CE  . MET A 1 140 ? -15.466 -18.162 -8.469  1.00 22.14 ? 177 MET A CE  1 
ATOM 873  N N   . TYR A 1 141 ? -14.881 -14.991 -3.372  1.00 19.01 ? 178 TYR A N   1 
ATOM 874  C CA  . TYR A 1 141 ? -15.042 -13.589 -3.010  1.00 19.01 ? 178 TYR A CA  1 
ATOM 875  C C   . TYR A 1 141 ? -14.818 -13.444 -1.513  1.00 19.01 ? 178 TYR A C   1 
ATOM 876  O O   . TYR A 1 141 ? -14.825 -14.426 -0.768  1.00 19.01 ? 178 TYR A O   1 
ATOM 877  C CB  . TYR A 1 141 ? -16.422 -13.050 -3.413  1.00 19.01 ? 178 TYR A CB  1 
ATOM 878  C CG  . TYR A 1 141 ? -17.565 -13.571 -2.569  1.00 19.01 ? 178 TYR A CG  1 
ATOM 879  C CD1 . TYR A 1 141 ? -18.232 -14.738 -2.916  1.00 19.01 ? 178 TYR A CD1 1 
ATOM 880  C CD2 . TYR A 1 141 ? -17.975 -12.896 -1.426  1.00 19.01 ? 178 TYR A CD2 1 
ATOM 881  C CE1 . TYR A 1 141 ? -19.273 -15.219 -2.148  1.00 19.01 ? 178 TYR A CE1 1 
ATOM 882  C CE2 . TYR A 1 141 ? -19.013 -13.371 -0.652  1.00 19.01 ? 178 TYR A CE2 1 
ATOM 883  C CZ  . TYR A 1 141 ? -19.658 -14.532 -1.018  1.00 19.01 ? 178 TYR A CZ  1 
ATOM 884  O OH  . TYR A 1 141 ? -20.693 -15.009 -0.251  1.00 19.01 ? 178 TYR A OH  1 
ATOM 885  N N   . HIS A 1 142 ? -14.619 -12.197 -1.083  1.00 18.46 ? 179 HIS A N   1 
ATOM 886  C CA  . HIS A 1 142 ? -14.384 -11.895 0.322   1.00 18.46 ? 179 HIS A CA  1 
ATOM 887  C C   . HIS A 1 142 ? -15.677 -11.425 0.966   1.00 18.46 ? 179 HIS A C   1 
ATOM 888  O O   . HIS A 1 142 ? -16.206 -10.376 0.568   1.00 18.46 ? 179 HIS A O   1 
ATOM 889  C CB  . HIS A 1 142 ? -13.310 -10.824 0.472   1.00 18.46 ? 179 HIS A CB  1 
ATOM 890  C CG  . HIS A 1 142 ? -11.970 -11.227 -0.057  1.00 18.46 ? 179 HIS A CG  1 
ATOM 891  N ND1 . HIS A 1 142 ? -11.133 -12.089 0.617   1.00 18.46 ? 179 HIS A ND1 1 
ATOM 892  C CD2 . HIS A 1 142 ? -11.319 -10.883 -1.193  1.00 18.46 ? 179 HIS A CD2 1 
ATOM 893  C CE1 . HIS A 1 142 ? -10.025 -12.260 -0.080  1.00 18.46 ? 179 HIS A CE1 1 
ATOM 894  N NE2 . HIS A 1 142 ? -10.112 -11.539 -1.183  1.00 18.46 ? 179 HIS A NE2 1 
ATOM 895  N N   . PRO A 1 143 ? -16.224 -12.150 1.941   1.00 20.14 ? 180 PRO A N   1 
ATOM 896  C CA  . PRO A 1 143 ? -17.382 -11.630 2.682   1.00 20.14 ? 180 PRO A CA  1 
ATOM 897  C C   . PRO A 1 143 ? -17.011 -10.358 3.431   1.00 20.14 ? 180 PRO A C   1 
ATOM 898  O O   . PRO A 1 143 ? -15.909 -10.240 3.971   1.00 20.14 ? 180 PRO A O   1 
ATOM 899  C CB  . PRO A 1 143 ? -17.735 -12.772 3.644   1.00 20.14 ? 180 PRO A CB  1 
ATOM 900  C CG  . PRO A 1 143 ? -17.055 -13.983 3.082   1.00 20.14 ? 180 PRO A CG  1 
ATOM 901  C CD  . PRO A 1 143 ? -15.814 -13.478 2.422   1.00 20.14 ? 180 PRO A CD  1 
ATOM 902  N N   . THR A 1 144 ? -17.938 -9.405  3.460   1.00 21.45 ? 181 THR A N   1 
ATOM 903  C CA  . THR A 1 144 ? -17.684 -8.143  4.139   1.00 21.45 ? 181 THR A CA  1 
ATOM 904  C C   . THR A 1 144 ? -17.761 -8.338  5.649   1.00 21.45 ? 181 THR A C   1 
ATOM 905  O O   . THR A 1 144 ? -18.763 -8.833  6.172   1.00 21.45 ? 181 THR A O   1 
ATOM 906  C CB  . THR A 1 144 ? -18.686 -7.082  3.688   1.00 21.45 ? 181 THR A CB  1 
ATOM 907  O OG1 . THR A 1 144 ? -18.597 -6.912  2.267   1.00 21.45 ? 181 THR A OG1 1 
ATOM 908  C CG2 . THR A 1 144 ? -18.399 -5.754  4.364   1.00 21.45 ? 181 THR A CG2 1 
ATOM 909  N N   . GLY A 1 145 ? -16.695 -7.949  6.348   1.00 23.57 ? 182 GLY A N   1 
ATOM 910  C CA  . GLY A 1 145 ? -16.562 -8.154  7.768   1.00 23.57 ? 182 GLY A CA  1 
ATOM 911  C C   . GLY A 1 145 ? -15.729 -9.366  8.139   1.00 23.57 ? 182 GLY A C   1 
ATOM 912  O O   . GLY A 1 145 ? -15.267 -9.464  9.281   1.00 23.57 ? 182 GLY A O   1 
ATOM 913  N N   . ASN A 1 146 ? -15.532 -10.290 7.201   1.00 23.63 ? 183 ASN A N   1 
ATOM 914  C CA  . ASN A 1 146 ? -14.689 -11.467 7.423   1.00 23.63 ? 183 ASN A CA  1 
ATOM 915  C C   . ASN A 1 146 ? -14.099 -11.897 6.091   1.00 23.63 ? 183 ASN A C   1 
ATOM 916  O O   . ASN A 1 146 ? -14.461 -12.941 5.536   1.00 23.63 ? 183 ASN A O   1 
ATOM 917  C CB  . ASN A 1 146 ? -15.485 -12.605 8.063   1.00 23.63 ? 183 ASN A CB  1 
ATOM 918  C CG  . ASN A 1 146 ? -15.185 -12.766 9.538   1.00 23.63 ? 183 ASN A CG  1 
ATOM 919  O OD1 . ASN A 1 146 ? -14.388 -13.617 9.930   1.00 23.63 ? 183 ASN A OD1 1 
ATOM 920  N ND2 . ASN A 1 146 ? -15.823 -11.947 10.365  1.00 23.63 ? 183 ASN A ND2 1 
ATOM 921  N N   . PRO A 1 147 ? -13.173 -11.105 5.541   1.00 22.02 ? 184 PRO A N   1 
ATOM 922  C CA  . PRO A 1 147 ? -12.662 -11.402 4.193   1.00 22.02 ? 184 PRO A CA  1 
ATOM 923  C C   . PRO A 1 147 ? -11.880 -12.701 4.098   1.00 22.02 ? 184 PRO A C   1 
ATOM 924  O O   . PRO A 1 147 ? -11.768 -13.250 2.996   1.00 22.02 ? 184 PRO A O   1 
ATOM 925  C CB  . PRO A 1 147 ? -11.771 -10.193 3.885   1.00 22.02 ? 184 PRO A CB  1 
ATOM 926  C CG  . PRO A 1 147 ? -11.326 -9.718  5.226   1.00 22.02 ? 184 PRO A CG  1 
ATOM 927  C CD  . PRO A 1 147 ? -12.478 -9.962  6.158   1.00 22.02 ? 184 PRO A CD  1 
ATOM 928  N N   . GLY A 1 148 ? -11.343 -13.211 5.202   1.00 22.54 ? 185 GLY A N   1 
ATOM 929  C CA  . GLY A 1 148 ? -10.517 -14.401 5.154   1.00 22.54 ? 185 GLY A CA  1 
ATOM 930  C C   . GLY A 1 148 ? -9.057  -14.094 4.887   1.00 22.54 ? 185 GLY A C   1 
ATOM 931  O O   . GLY A 1 148 ? -8.523  -13.106 5.396   1.00 22.54 ? 185 GLY A O   1 
ATOM 932  N N   . LEU A 1 149 ? -8.401  -14.934 4.089   1.00 21.23 ? 186 LEU A N   1 
ATOM 933  C CA  . LEU A 1 149 ? -6.995  -14.736 3.762   1.00 21.23 ? 186 LEU A CA  1 
ATOM 934  C C   . LEU A 1 149 ? -6.848  -13.669 2.684   1.00 21.23 ? 186 LEU A C   1 
ATOM 935  O O   . LEU A 1 149 ? -7.533  -13.712 1.658   1.00 21.23 ? 186 LEU A O   1 
ATOM 936  C CB  . LEU A 1 149 ? -6.367  -16.050 3.299   1.00 21.23 ? 186 LEU A CB  1 
ATOM 937  C CG  . LEU A 1 149 ? -6.362  -17.194 4.313   1.00 21.23 ? 186 LEU A CG  1 
ATOM 938  C CD1 . LEU A 1 149 ? -5.874  -18.480 3.668   1.00 21.23 ? 186 LEU A CD1 1 
ATOM 939  C CD2 . LEU A 1 149 ? -5.504  -16.839 5.516   1.00 21.23 ? 186 LEU A CD2 1 
ATOM 940  N N   . VAL A 1 150 ? -5.950  -12.714 2.919   1.00 18.72 ? 187 VAL A N   1 
ATOM 941  C CA  . VAL A 1 150 ? -5.733  -11.604 1.988   1.00 18.72 ? 187 VAL A CA  1 
ATOM 942  C C   . VAL A 1 150 ? -4.245  -11.339 1.860   1.00 18.72 ? 187 VAL A C   1 
ATOM 943  O O   . VAL A 1 150 ? -3.453  -11.641 2.764   1.00 18.72 ? 187 VAL A O   1 
ATOM 944  C CB  . VAL A 1 150 ? -6.449  -10.316 2.452   1.00 18.72 ? 187 VAL A CB  1 
ATOM 945  C CG1 . VAL A 1 150 ? -7.957  -10.478 2.372   1.00 18.72 ? 187 VAL A CG1 1 
ATOM 946  C CG2 . VAL A 1 150 ? -6.022  -9.950  3.863   1.00 18.72 ? 187 VAL A CG2 1 
ATOM 947  N N   . PRO A 1 151 ? -3.831  -10.769 0.729   1.00 17.82 ? 188 PRO A N   1 
ATOM 948  C CA  . PRO A 1 151 ? -2.426  -10.377 0.573   1.00 17.82 ? 188 PRO A CA  1 
ATOM 949  C C   . PRO A 1 151 ? -2.099  -9.115  1.360   1.00 17.82 ? 188 PRO A C   1 
ATOM 950  O O   . PRO A 1 151 ? -2.976  -8.423  1.880   1.00 17.82 ? 188 PRO A O   1 
ATOM 951  C CB  . PRO A 1 151 ? -2.290  -10.144 -0.934  1.00 17.82 ? 188 PRO A CB  1 
ATOM 952  C CG  . PRO A 1 151 ? -3.662  -9.763  -1.370  1.00 17.82 ? 188 PRO A CG  1 
ATOM 953  C CD  . PRO A 1 151 ? -4.597  -10.573 -0.515  1.00 17.82 ? 188 PRO A CD  1 
ATOM 954  N N   . THR A 1 152 ? -0.802  -8.821  1.442   1.00 17.42 ? 189 THR A N   1 
ATOM 955  C CA  . THR A 1 152 ? -0.292  -7.688  2.203   1.00 17.42 ? 189 THR A CA  1 
ATOM 956  C C   . THR A 1 152 ? 0.799   -6.978  1.412   1.00 17.42 ? 189 THR A C   1 
ATOM 957  O O   . THR A 1 152 ? 1.615   -7.625  0.750   1.00 17.42 ? 189 THR A O   1 
ATOM 958  C CB  . THR A 1 152 ? 0.266   -8.141  3.562   1.00 17.42 ? 189 THR A CB  1 
ATOM 959  O OG1 . THR A 1 152 ? -0.720  -8.916  4.252   1.00 17.42 ? 189 THR A OG1 1 
ATOM 960  C CG2 . THR A 1 152 ? 0.644   -6.944  4.422   1.00 17.42 ? 189 THR A CG2 1 
ATOM 961  N N   . LEU A 1 153 ? 0.811   -5.650  1.486   1.00 16.36 ? 190 LEU A N   1 
ATOM 962  C CA  . LEU A 1 153 ? 1.834   -4.832  0.848   1.00 16.36 ? 190 LEU A CA  1 
ATOM 963  C C   . LEU A 1 153 ? 2.807   -4.333  1.909   1.00 16.36 ? 190 LEU A C   1 
ATOM 964  O O   . LEU A 1 153 ? 2.386   -3.818  2.948   1.00 16.36 ? 190 LEU A O   1 
ATOM 965  C CB  . LEU A 1 153 ? 1.204   -3.656  0.100   1.00 16.36 ? 190 LEU A CB  1 
ATOM 966  C CG  . LEU A 1 153 ? 2.147   -2.579  -0.441  1.00 16.36 ? 190 LEU A CG  1 
ATOM 967  C CD1 . LEU A 1 153 ? 3.077   -3.155  -1.495  1.00 16.36 ? 190 LEU A CD1 1 
ATOM 968  C CD2 . LEU A 1 153 ? 1.357   -1.412  -1.008  1.00 16.36 ? 190 LEU A CD2 1 
ATOM 969  N N   . VAL A 1 154 ? 4.103   -4.494  1.648   1.00 16.93 ? 191 VAL A N   1 
ATOM 970  C CA  . VAL A 1 154 ? 5.149   -4.215  2.624   1.00 16.93 ? 191 VAL A CA  1 
ATOM 971  C C   . VAL A 1 154 ? 6.162   -3.257  2.009   1.00 16.93 ? 191 VAL A C   1 
ATOM 972  O O   . VAL A 1 154 ? 6.643   -3.486  0.894   1.00 16.93 ? 191 VAL A O   1 
ATOM 973  C CB  . VAL A 1 154 ? 5.841   -5.507  3.098   1.00 16.93 ? 191 VAL A CB  1 
ATOM 974  C CG1 . VAL A 1 154 ? 6.976   -5.183  4.054   1.00 16.93 ? 191 VAL A CG1 1 
ATOM 975  C CG2 . VAL A 1 154 ? 4.836   -6.435  3.760   1.00 16.93 ? 191 VAL A CG2 1 
ATOM 976  N N   . LEU A 1 155 ? 6.485   -2.196  2.744   1.00 17.20 ? 192 LEU A N   1 
ATOM 977  C CA  . LEU A 1 155 ? 7.513   -1.233  2.370   1.00 17.20 ? 192 LEU A CA  1 
ATOM 978  C C   . LEU A 1 155 ? 8.681   -1.365  3.337   1.00 17.20 ? 192 LEU A C   1 
ATOM 979  O O   . LEU A 1 155 ? 8.479   -1.385  4.556   1.00 17.20 ? 192 LEU A O   1 
ATOM 980  C CB  . LEU A 1 155 ? 6.969   0.199   2.407   1.00 17.20 ? 192 LEU A CB  1 
ATOM 981  C CG  . LEU A 1 155 ? 6.296   0.822   1.180   1.00 17.20 ? 192 LEU A CG  1 
ATOM 982  C CD1 . LEU A 1 155 ? 7.336   1.302   0.179   1.00 17.20 ? 192 LEU A CD1 1 
ATOM 983  C CD2 . LEU A 1 155 ? 5.303   -0.133  0.532   1.00 17.20 ? 192 LEU A CD2 1 
ATOM 984  N N   . SER A 1 156 ? 9.898   -1.449  2.803   1.00 18.61 ? 193 SER A N   1 
ATOM 985  C CA  . SER A 1 156 ? 11.082  -1.587  3.638   1.00 18.61 ? 193 SER A CA  1 
ATOM 986  C C   . SER A 1 156 ? 12.253  -0.844  3.011   1.00 18.61 ? 193 SER A C   1 
ATOM 987  O O   . SER A 1 156 ? 12.234  -0.490  1.830   1.00 18.61 ? 193 SER A O   1 
ATOM 988  C CB  . SER A 1 156 ? 11.446  -3.062  3.866   1.00 18.61 ? 193 SER A CB  1 
ATOM 989  O OG  . SER A 1 156 ? 11.863  -3.679  2.664   1.00 18.61 ? 193 SER A OG  1 
ATOM 990  N N   . VAL A 1 157 ? 13.279  -0.613  3.825   1.00 19.08 ? 194 VAL A N   1 
ATOM 991  C CA  . VAL A 1 157 ? 14.448  0.150   3.402   1.00 19.08 ? 194 VAL A CA  1 
ATOM 992  C C   . VAL A 1 157 ? 15.377  -0.747  2.597   1.00 19.08 ? 194 VAL A C   1 
ATOM 993  O O   . VAL A 1 157 ? 15.734  -1.847  3.033   1.00 19.08 ? 194 VAL A O   1 
ATOM 994  C CB  . VAL A 1 157 ? 15.175  0.748   4.619   1.00 19.08 ? 194 VAL A CB  1 
ATOM 995  C CG1 . VAL A 1 157 ? 16.499  1.367   4.200   1.00 19.08 ? 194 VAL A CG1 1 
ATOM 996  C CG2 . VAL A 1 157 ? 14.296  1.779   5.308   1.00 19.08 ? 194 VAL A CG2 1 
ATOM 997  N N   . TYR A 1 158 ? 15.767  -0.280  1.412   1.00 19.37 ? 195 TYR A N   1 
ATOM 998  C CA  . TYR A 1 158 ? 16.716  -0.980  0.558   1.00 19.37 ? 195 TYR A CA  1 
ATOM 999  C C   . TYR A 1 158 ? 18.131  -0.429  0.693   1.00 19.37 ? 195 TYR A C   1 
ATOM 1000 O O   . TYR A 1 158 ? 19.083  -1.203  0.812   1.00 19.37 ? 195 TYR A O   1 
ATOM 1001 C CB  . TYR A 1 158 ? 16.256  -0.899  -0.903  1.00 19.37 ? 195 TYR A CB  1 
ATOM 1002 C CG  . TYR A 1 158 ? 16.709  -2.050  -1.773  1.00 19.37 ? 195 TYR A CG  1 
ATOM 1003 C CD1 . TYR A 1 158 ? 17.038  -3.279  -1.217  1.00 19.37 ? 195 TYR A CD1 1 
ATOM 1004 C CD2 . TYR A 1 158 ? 16.793  -1.912  -3.151  1.00 19.37 ? 195 TYR A CD2 1 
ATOM 1005 C CE1 . TYR A 1 158 ? 17.445  -4.335  -2.008  1.00 19.37 ? 195 TYR A CE1 1 
ATOM 1006 C CE2 . TYR A 1 158 ? 17.196  -2.964  -3.951  1.00 19.37 ? 195 TYR A CE2 1 
ATOM 1007 C CZ  . TYR A 1 158 ? 17.522  -4.171  -3.374  1.00 19.37 ? 195 TYR A CZ  1 
ATOM 1008 O OH  . TYR A 1 158 ? 17.926  -5.220  -4.164  1.00 19.37 ? 195 TYR A OH  1 
ATOM 1009 N N   . ASN A 1 159 ? 18.282  0.894   0.679   1.00 20.29 ? 196 ASN A N   1 
ATOM 1010 C CA  . ASN A 1 159 ? 19.535  1.566   1.002   1.00 20.29 ? 196 ASN A CA  1 
ATOM 1011 C C   . ASN A 1 159 ? 19.214  2.735   1.921   1.00 20.29 ? 196 ASN A C   1 
ATOM 1012 O O   . ASN A 1 159 ? 18.252  3.468   1.673   1.00 20.29 ? 196 ASN A O   1 
ATOM 1013 C CB  . ASN A 1 159 ? 20.253  2.056   -0.260  1.00 20.29 ? 196 ASN A CB  1 
ATOM 1014 C CG  . ASN A 1 159 ? 20.991  0.944   -0.976  1.00 20.29 ? 196 ASN A CG  1 
ATOM 1015 O OD1 . ASN A 1 159 ? 20.779  0.708   -2.164  1.00 20.29 ? 196 ASN A OD1 1 
ATOM 1016 N ND2 . ASN A 1 159 ? 21.864  0.252   -0.256  1.00 20.29 ? 196 ASN A ND2 1 
ATOM 1017 N N   . ASN A 1 160 ? 20.007  2.908   2.976   1.00 21.95 ? 197 ASN A N   1 
ATOM 1018 C CA  . ASN A 1 160 ? 19.654  3.872   4.012   1.00 21.95 ? 197 ASN A CA  1 
ATOM 1019 C C   . ASN A 1 160 ? 19.745  5.303   3.493   1.00 21.95 ? 197 ASN A C   1 
ATOM 1020 O O   . ASN A 1 160 ? 20.576  5.632   2.643   1.00 21.95 ? 197 ASN A O   1 
ATOM 1021 C CB  . ASN A 1 160 ? 20.552  3.701   5.239   1.00 21.95 ? 197 ASN A CB  1 
ATOM 1022 C CG  . ASN A 1 160 ? 22.017  3.593   4.881   1.00 21.95 ? 197 ASN A CG  1 
ATOM 1023 O OD1 . ASN A 1 160 ? 22.509  2.516   4.552   1.00 21.95 ? 197 ASN A OD1 1 
ATOM 1024 N ND2 . ASN A 1 160 ? 22.724  4.713   4.947   1.00 21.95 ? 197 ASN A ND2 1 
ATOM 1025 N N   . LEU A 1 161 ? 18.864  6.154   4.016   1.00 22.43 ? 198 LEU A N   1 
ATOM 1026 C CA  . LEU A 1 161 ? 18.840  7.560   3.639   1.00 22.43 ? 198 LEU A CA  1 
ATOM 1027 C C   . LEU A 1 161 ? 20.120  8.257   4.088   1.00 22.43 ? 198 LEU A C   1 
ATOM 1028 O O   . LEU A 1 161 ? 20.620  8.010   5.189   1.00 22.43 ? 198 LEU A O   1 
ATOM 1029 C CB  . LEU A 1 161 ? 17.619  8.243   4.255   1.00 22.43 ? 198 LEU A CB  1 
ATOM 1030 C CG  . LEU A 1 161 ? 17.308  9.685   3.852   1.00 22.43 ? 198 LEU A CG  1 
ATOM 1031 C CD1 . LEU A 1 161 ? 16.773  9.751   2.433   1.00 22.43 ? 198 LEU A CD1 1 
ATOM 1032 C CD2 . LEU A 1 161 ? 16.322  10.307  4.829   1.00 22.43 ? 198 LEU A CD2 1 
ATOM 1033 N N   . ILE A 1 162 ? 20.652  9.129   3.231   1.00 25.12 ? 199 ILE A N   1 
ATOM 1034 C CA  . ILE A 1 162 ? 21.870  9.874   3.521   1.00 25.12 ? 199 ILE A CA  1 
ATOM 1035 C C   . ILE A 1 162 ? 21.648  11.348  3.208   1.00 25.12 ? 199 ILE A C   1 
ATOM 1036 O O   . ILE A 1 162 ? 21.005  11.705  2.216   1.00 25.12 ? 199 ILE A O   1 
ATOM 1037 C CB  . ILE A 1 162 ? 23.089  9.333   2.737   1.00 25.12 ? 199 ILE A CB  1 
ATOM 1038 C CG1 . ILE A 1 162 ? 22.829  9.383   1.230   1.00 25.12 ? 199 ILE A CG1 1 
ATOM 1039 C CG2 . ILE A 1 162 ? 23.431  7.919   3.180   1.00 25.12 ? 199 ILE A CG2 1 
ATOM 1040 C CD1 . ILE A 1 162 ? 24.066  9.189   0.388   1.00 25.12 ? 199 ILE A CD1 1 
ATOM 1041 N N   . ASN A 1 163 ? 22.181  12.206  4.073   1.00 30.90 ? 200 ASN A N   1 
ATOM 1042 C CA  . ASN A 1 163 ? 22.137  13.657  3.889   1.00 30.90 ? 200 ASN A CA  1 
ATOM 1043 C C   . ASN A 1 163 ? 23.569  14.180  3.890   1.00 30.90 ? 200 ASN A C   1 
ATOM 1044 O O   . ASN A 1 163 ? 24.174  14.332  4.966   1.00 30.90 ? 200 ASN A O   1 
ATOM 1045 C CB  . ASN A 1 163 ? 21.308  14.327  4.977   1.00 30.90 ? 200 ASN A CB  1 
ATOM 1046 C CG  . ASN A 1 163 ? 21.075  15.806  4.715   1.00 30.90 ? 200 ASN A CG  1 
ATOM 1047 O OD1 . ASN A 1 163 ? 21.650  16.390  3.798   1.00 30.90 ? 200 ASN A OD1 1 
ATOM 1048 N ND2 . ASN A 1 163 ? 20.225  16.420  5.529   1.00 30.90 ? 200 ASN A ND2 1 
ATOM 1049 N N   . PRO A 1 164 ? 24.143  14.458  2.718   1.00 33.00 ? 201 PRO A N   1 
ATOM 1050 C CA  . PRO A 1 164 ? 25.536  14.935  2.675   1.00 33.00 ? 201 PRO A CA  1 
ATOM 1051 C C   . PRO A 1 164 ? 25.765  16.245  3.409   1.00 33.00 ? 201 PRO A C   1 
ATOM 1052 O O   . PRO A 1 164 ? 26.876  16.471  3.902   1.00 33.00 ? 201 PRO A O   1 
ATOM 1053 C CB  . PRO A 1 164 ? 25.810  15.083  1.171   1.00 33.00 ? 201 PRO A CB  1 
ATOM 1054 C CG  . PRO A 1 164 ? 24.807  14.190  0.514   1.00 33.00 ? 201 PRO A CG  1 
ATOM 1055 C CD  . PRO A 1 164 ? 23.582  14.284  1.370   1.00 33.00 ? 201 PRO A CD  1 
ATOM 1056 N N   . PHE A 1 165 ? 24.761  17.116  3.496   1.00 36.71 ? 202 PHE A N   1 
ATOM 1057 C CA  . PHE A 1 165 ? 24.923  18.388  4.189   1.00 36.71 ? 202 PHE A CA  1 
ATOM 1058 C C   . PHE A 1 165 ? 25.019  18.225  5.700   1.00 36.71 ? 202 PHE A C   1 
ATOM 1059 O O   . PHE A 1 165 ? 25.720  19.005  6.354   1.00 36.71 ? 202 PHE A O   1 
ATOM 1060 C CB  . PHE A 1 165 ? 23.764  19.328  3.849   1.00 36.71 ? 202 PHE A CB  1 
ATOM 1061 C CG  . PHE A 1 165 ? 23.856  19.935  2.478   1.00 36.71 ? 202 PHE A CG  1 
ATOM 1062 C CD1 . PHE A 1 165 ? 24.999  19.778  1.711   1.00 36.71 ? 202 PHE A CD1 1 
ATOM 1063 C CD2 . PHE A 1 165 ? 22.801  20.663  1.954   1.00 36.71 ? 202 PHE A CD2 1 
ATOM 1064 C CE1 . PHE A 1 165 ? 25.087  20.335  0.447   1.00 36.71 ? 202 PHE A CE1 1 
ATOM 1065 C CE2 . PHE A 1 165 ? 22.882  21.223  0.693   1.00 36.71 ? 202 PHE A CE2 1 
ATOM 1066 C CZ  . PHE A 1 165 ? 24.028  21.058  -0.062  1.00 36.71 ? 202 PHE A CZ  1 
ATOM 1067 N N   . GLY A 1 166 ? 24.340  17.232  6.263   1.00 38.30 ? 203 GLY A N   1 
ATOM 1068 C CA  . GLY A 1 166 ? 24.401  16.981  7.693   1.00 38.30 ? 203 GLY A CA  1 
ATOM 1069 C C   . GLY A 1 166 ? 23.859  18.098  8.557   1.00 38.30 ? 203 GLY A C   1 
ATOM 1070 O O   . GLY A 1 166 ? 24.469  18.435  9.580   1.00 38.30 ? 203 GLY A O   1 
ATOM 1071 N N   . GLY A 1 167 ? 22.723  18.679  8.178   1.00 38.10 ? 204 GLY A N   1 
ATOM 1072 C CA  . GLY A 1 167 ? 22.149  19.772  8.936   1.00 38.10 ? 204 GLY A CA  1 
ATOM 1073 C C   . GLY A 1 167 ? 21.110  19.331  9.947   1.00 38.10 ? 204 GLY A C   1 
ATOM 1074 O O   . GLY A 1 167 ? 21.333  18.378  10.701  1.00 38.10 ? 204 GLY A O   1 
ATOM 1075 N N   . SER A 1 168 ? 19.970  20.021  9.977   1.00 36.76 ? 205 SER A N   1 
ATOM 1076 C CA  . SER A 1 168 ? 18.909  19.684  10.918  1.00 36.76 ? 205 SER A CA  1 
ATOM 1077 C C   . SER A 1 168 ? 17.845  18.776  10.315  1.00 36.76 ? 205 SER A C   1 
ATOM 1078 O O   . SER A 1 168 ? 16.971  18.299  11.048  1.00 36.76 ? 205 SER A O   1 
ATOM 1079 C CB  . SER A 1 168 ? 18.250  20.960  11.447  1.00 36.76 ? 205 SER A CB  1 
ATOM 1080 O OG  . SER A 1 168 ? 17.651  21.699  10.398  1.00 36.76 ? 205 SER A OG  1 
ATOM 1081 N N   . THR A 1 169 ? 17.891  18.527  9.008   1.00 32.97 ? 206 THR A N   1 
ATOM 1082 C CA  . THR A 1 169 ? 16.887  17.702  8.337   1.00 32.97 ? 206 THR A CA  1 
ATOM 1083 C C   . THR A 1 169 ? 17.373  16.259  8.308   1.00 32.97 ? 206 THR A C   1 
ATOM 1084 O O   . THR A 1 169 ? 18.369  15.938  7.659   1.00 32.97 ? 206 THR A O   1 
ATOM 1085 C CB  . THR A 1 169 ? 16.619  18.220  6.929   1.00 32.97 ? 206 THR A CB  1 
ATOM 1086 O OG1 . THR A 1 169 ? 16.166  19.578  6.996   1.00 32.97 ? 206 THR A OG1 1 
ATOM 1087 C CG2 . THR A 1 169 ? 15.559  17.372  6.244   1.00 32.97 ? 206 THR A CG2 1 
ATOM 1088 N N   . SER A 1 170 ? 16.662  15.379  9.012   1.00 27.74 ? 207 SER A N   1 
ATOM 1089 C CA  . SER A 1 170 ? 17.032  13.973  9.101   1.00 27.74 ? 207 SER A CA  1 
ATOM 1090 C C   . SER A 1 170 ? 15.895  13.031  8.717   1.00 27.74 ? 207 SER A C   1 
ATOM 1091 O O   . SER A 1 170 ? 16.024  11.818  8.908   1.00 27.74 ? 207 SER A O   1 
ATOM 1092 C CB  . SER A 1 170 ? 17.523  13.648  10.514  1.00 27.74 ? 207 SER A CB  1 
ATOM 1093 O OG  . SER A 1 170 ? 16.488  13.812  11.467  1.00 27.74 ? 207 SER A OG  1 
ATOM 1094 N N   . ALA A 1 171 ? 14.792  13.551  8.182   1.00 23.95 ? 208 ALA A N   1 
ATOM 1095 C CA  . ALA A 1 171 ? 13.660  12.702  7.835   1.00 23.95 ? 208 ALA A CA  1 
ATOM 1096 C C   . ALA A 1 171 ? 12.844  13.358  6.730   1.00 23.95 ? 208 ALA A C   1 
ATOM 1097 O O   . ALA A 1 171 ? 12.842  14.582  6.582   1.00 23.95 ? 208 ALA A O   1 
ATOM 1098 C CB  . ALA A 1 171 ? 12.775  12.425  9.056   1.00 23.95 ? 208 ALA A CB  1 
ATOM 1099 N N   . ILE A 1 172 ? 12.154  12.519  5.952   1.00 20.56 ? 209 ILE A N   1 
ATOM 1100 C CA  . ILE A 1 172 ? 11.283  12.964  4.872   1.00 20.56 ? 209 ILE A CA  1 
ATOM 1101 C C   . ILE A 1 172 ? 9.976   12.184  4.939   1.00 20.56 ? 209 ILE A C   1 
ATOM 1102 O O   . ILE A 1 172 ? 9.885   11.128  5.569   1.00 20.56 ? 209 ILE A O   1 
ATOM 1103 C CB  . ILE A 1 172 ? 11.937  12.802  3.482   1.00 20.56 ? 209 ILE A CB  1 
ATOM 1104 C CG1 . ILE A 1 172 ? 12.283  11.337  3.217   1.00 20.56 ? 209 ILE A CG1 1 
ATOM 1105 C CG2 . ILE A 1 172 ? 13.172  13.680  3.359   1.00 20.56 ? 209 ILE A CG2 1 
ATOM 1106 C CD1 . ILE A 1 172 ? 12.790  11.079  1.822   1.00 20.56 ? 209 ILE A CD1 1 
ATOM 1107 N N   . GLN A 1 173 ? 8.955   12.721  4.277   1.00 19.41 ? 210 GLN A N   1 
ATOM 1108 C CA  . GLN A 1 173 ? 7.617   12.147  4.287   1.00 19.41 ? 210 GLN A CA  1 
ATOM 1109 C C   . GLN A 1 173 ? 7.287   11.504  2.945   1.00 19.41 ? 210 GLN A C   1 
ATOM 1110 O O   . GLN A 1 173 ? 7.746   11.951  1.891   1.00 19.41 ? 210 GLN A O   1 
ATOM 1111 C CB  . GLN A 1 173 ? 6.571   13.215  4.614   1.00 19.41 ? 210 GLN A CB  1 
ATOM 1112 C CG  . GLN A 1 173 ? 6.943   14.112  5.776   1.00 19.41 ? 210 GLN A CG  1 
ATOM 1113 C CD  . GLN A 1 173 ? 6.451   13.575  7.102   1.00 19.41 ? 210 GLN A CD  1 
ATOM 1114 O OE1 . GLN A 1 173 ? 7.186   12.899  7.822   1.00 19.41 ? 210 GLN A OE1 1 
ATOM 1115 N NE2 . GLN A 1 173 ? 5.202   13.874  7.434   1.00 19.41 ? 210 GLN A NE2 1 
ATOM 1116 N N   . VAL A 1 174 ? 6.485   10.442  2.997   1.00 17.56 ? 211 VAL A N   1 
ATOM 1117 C CA  . VAL A 1 174 ? 6.013   9.736   1.811   1.00 17.56 ? 211 VAL A CA  1 
ATOM 1118 C C   . VAL A 1 174 ? 4.494   9.640   1.880   1.00 17.56 ? 211 VAL A C   1 
ATOM 1119 O O   . VAL A 1 174 ? 3.947   9.126   2.862   1.00 17.56 ? 211 VAL A O   1 
ATOM 1120 C CB  . VAL A 1 174 ? 6.635   8.331   1.691   1.00 17.56 ? 211 VAL A CB  1 
ATOM 1121 C CG1 . VAL A 1 174 ? 6.134   7.632   0.437   1.00 17.56 ? 211 VAL A CG1 1 
ATOM 1122 C CG2 . VAL A 1 174 ? 8.154   8.412   1.694   1.00 17.56 ? 211 VAL A CG2 1 
ATOM 1123 N N   . THR A 1 175 ? 3.820   10.109  0.835   1.00 17.21 ? 212 THR A N   1 
ATOM 1124 C CA  . THR A 1 175 ? 2.365   10.100  0.761   1.00 17.21 ? 212 THR A CA  1 
ATOM 1125 C C   . THR A 1 175 ? 1.888   8.903   -0.055  1.00 17.21 ? 212 THR A C   1 
ATOM 1126 O O   . THR A 1 175 ? 2.492   8.550   -1.070  1.00 17.21 ? 212 THR A O   1 
ATOM 1127 C CB  . THR A 1 175 ? 1.847   11.404  0.144   1.00 17.21 ? 212 THR A CB  1 
ATOM 1128 O OG1 . THR A 1 175 ? 2.299   12.516  0.926   1.00 17.21 ? 212 THR A OG1 1 
ATOM 1129 C CG2 . THR A 1 175 ? 0.326   11.421  0.096   1.00 17.21 ? 212 THR A CG2 1 
ATOM 1130 N N   . VAL A 1 176 ? 0.800   8.281   0.399   1.00 16.46 ? 213 VAL A N   1 
ATOM 1131 C CA  . VAL A 1 176 ? 0.248   7.078   -0.215  1.00 16.46 ? 213 VAL A CA  1 
ATOM 1132 C C   . VAL A 1 176 ? -1.122  7.411   -0.791  1.00 16.46 ? 213 VAL A C   1 
ATOM 1133 O O   . VAL A 1 176 ? -1.939  8.057   -0.126  1.00 16.46 ? 213 VAL A O   1 
ATOM 1134 C CB  . VAL A 1 176 ? 0.146   5.923   0.798   1.00 16.46 ? 213 VAL A CB  1 
ATOM 1135 C CG1 . VAL A 1 176 ? -0.359  4.659   0.120   1.00 16.46 ? 213 VAL A CG1 1 
ATOM 1136 C CG2 . VAL A 1 176 ? 1.489   5.675   1.459   1.00 16.46 ? 213 VAL A CG2 1 
ATOM 1137 N N   . GLU A 1 177 ? -1.367  6.977   -2.026  1.00 16.97 ? 214 GLU A N   1 
ATOM 1138 C CA  . GLU A 1 177 ? -2.649  7.159   -2.690  1.00 16.97 ? 214 GLU A CA  1 
ATOM 1139 C C   . GLU A 1 177 ? -3.093  5.847   -3.323  1.00 16.97 ? 214 GLU A C   1 
ATOM 1140 O O   . GLU A 1 177 ? -2.264  5.004   -3.679  1.00 16.97 ? 214 GLU A O   1 
ATOM 1141 C CB  . GLU A 1 177 ? -2.574  8.258   -3.757  1.00 16.97 ? 214 GLU A CB  1 
ATOM 1142 C CG  . GLU A 1 177 ? -2.650  9.669   -3.199  1.00 16.97 ? 214 GLU A CG  1 
ATOM 1143 C CD  . GLU A 1 177 ? -2.419  10.729  -4.257  1.00 16.97 ? 214 GLU A CD  1 
ATOM 1144 O OE1 . GLU A 1 177 ? -1.895  10.392  -5.338  1.00 16.97 ? 214 GLU A OE1 1 
ATOM 1145 O OE2 . GLU A 1 177 ? -2.764  11.902  -4.009  1.00 16.97 ? 214 GLU A OE2 1 
ATOM 1146 N N   . THR A 1 178 ? -4.408  5.673   -3.460  1.00 16.38 ? 215 THR A N   1 
ATOM 1147 C CA  . THR A 1 178 ? -4.980  4.434   -3.967  1.00 16.38 ? 215 THR A CA  1 
ATOM 1148 C C   . THR A 1 178 ? -6.063  4.719   -4.998  1.00 16.38 ? 215 THR A C   1 
ATOM 1149 O O   . THR A 1 178 ? -6.676  5.789   -5.007  1.00 16.38 ? 215 THR A O   1 
ATOM 1150 C CB  . THR A 1 178 ? -5.582  3.567   -2.846  1.00 16.38 ? 215 THR A CB  1 
ATOM 1151 O OG1 . THR A 1 178 ? -6.638  4.283   -2.195  1.00 16.38 ? 215 THR A OG1 1 
ATOM 1152 C CG2 . THR A 1 178 ? -4.522  3.183   -1.826  1.00 16.38 ? 215 THR A CG2 1 
ATOM 1153 N N   . ARG A 1 179 ? -6.295  3.727   -5.863  1.00 17.92 ? 216 ARG A N   1 
ATOM 1154 C CA  . ARG A 1 179 ? -7.323  3.751   -6.889  1.00 17.92 ? 216 ARG A CA  1 
ATOM 1155 C C   . ARG A 1 179 ? -7.704  2.305   -7.181  1.00 17.92 ? 216 ARG A C   1 
ATOM 1156 O O   . ARG A 1 179 ? -6.804  1.467   -7.345  1.00 17.92 ? 216 ARG A O   1 
ATOM 1157 C CB  . ARG A 1 179 ? -6.850  4.443   -8.167  1.00 17.92 ? 216 ARG A CB  1 
ATOM 1158 C CG  . ARG A 1 179 ? -7.870  4.463   -9.285  1.00 17.92 ? 216 ARG A CG  1 
ATOM 1159 C CD  . ARG A 1 179 ? -7.359  5.239   -10.489 1.00 17.92 ? 216 ARG A CD  1 
ATOM 1160 N NE  . ARG A 1 179 ? -6.499  4.429   -11.342 1.00 17.92 ? 216 ARG A NE  1 
ATOM 1161 C CZ  . ARG A 1 179 ? -5.773  4.908   -12.343 1.00 17.92 ? 216 ARG A CZ  1 
ATOM 1162 N NH1 . ARG A 1 179 ? -5.781  6.195   -12.649 1.00 17.92 ? 216 ARG A NH1 1 
ATOM 1163 N NH2 . ARG A 1 179 ? -5.021  4.075   -13.057 1.00 17.92 ? 216 ARG A NH2 1 
ATOM 1164 N N   . PRO A 1 180 ? -8.995  1.981   -7.245  1.00 18.14 ? 217 PRO A N   1 
ATOM 1165 C CA  . PRO A 1 180 ? -9.391  0.591   -7.504  1.00 18.14 ? 217 PRO A CA  1 
ATOM 1166 C C   . PRO A 1 180 ? -8.947  0.123   -8.881  1.00 18.14 ? 217 PRO A C   1 
ATOM 1167 O O   . PRO A 1 180 ? -8.887  0.896   -9.839  1.00 18.14 ? 217 PRO A O   1 
ATOM 1168 C CB  . PRO A 1 180 ? -10.921 0.628   -7.394  1.00 18.14 ? 217 PRO A CB  1 
ATOM 1169 C CG  . PRO A 1 180 ? -11.234 1.891   -6.662  1.00 18.14 ? 217 PRO A CG  1 
ATOM 1170 C CD  . PRO A 1 180 ? -10.158 2.855   -7.035  1.00 18.14 ? 217 PRO A CD  1 
ATOM 1171 N N   . SER A 1 181 ? -8.638  -1.166  -8.971  1.00 19.64 ? 218 SER A N   1 
ATOM 1172 C CA  . SER A 1 181 ? -8.217  -1.751  -10.231 1.00 19.64 ? 218 SER A CA  1 
ATOM 1173 C C   . SER A 1 181 ? -9.420  -1.969  -11.147 1.00 19.64 ? 218 SER A C   1 
ATOM 1174 O O   . SER A 1 181 ? -10.574 -1.744  -10.775 1.00 19.64 ? 218 SER A O   1 
ATOM 1175 C CB  . SER A 1 181 ? -7.476  -3.065  -9.991  1.00 19.64 ? 218 SER A CB  1 
ATOM 1176 O OG  . SER A 1 181 ? -6.678  -3.409  -11.108 1.00 19.64 ? 218 SER A OG  1 
ATOM 1177 N N   . GLU A 1 182 ? -9.133  -2.413  -12.372 1.00 22.10 ? 219 GLU A N   1 
ATOM 1178 C CA  . GLU A 1 182 ? -10.185 -2.587  -13.369 1.00 22.10 ? 219 GLU A CA  1 
ATOM 1179 C C   . GLU A 1 182 ? -11.156 -3.698  -12.986 1.00 22.10 ? 219 GLU A C   1 
ATOM 1180 O O   . GLU A 1 182 ? -12.354 -3.599  -13.275 1.00 22.10 ? 219 GLU A O   1 
ATOM 1181 C CB  . GLU A 1 182 ? -9.563  -2.868  -14.737 1.00 22.10 ? 219 GLU A CB  1 
ATOM 1182 C CG  . GLU A 1 182 ? -10.572 -3.037  -15.859 1.00 22.10 ? 219 GLU A CG  1 
ATOM 1183 C CD  . GLU A 1 182 ? -10.616 -4.454  -16.402 1.00 22.10 ? 219 GLU A CD  1 
ATOM 1184 O OE1 . GLU A 1 182 ? -9.619  -4.886  -17.016 1.00 22.10 ? 219 GLU A OE1 1 
ATOM 1185 O OE2 . GLU A 1 182 ? -11.647 -5.133  -16.213 1.00 22.10 ? 219 GLU A OE2 1 
ATOM 1186 N N   . ASP A 1 183 ? -10.670 -4.750  -12.334 1.00 21.11 ? 220 ASP A N   1 
ATOM 1187 C CA  . ASP A 1 183 ? -11.481 -5.921  -12.031 1.00 21.11 ? 220 ASP A CA  1 
ATOM 1188 C C   . ASP A 1 183 ? -12.135 -5.868  -10.652 1.00 21.11 ? 220 ASP A C   1 
ATOM 1189 O O   . ASP A 1 183 ? -12.773 -6.846  -10.252 1.00 21.11 ? 220 ASP A O   1 
ATOM 1190 C CB  . ASP A 1 183 ? -10.634 -7.190  -12.159 1.00 21.11 ? 220 ASP A CB  1 
ATOM 1191 C CG  . ASP A 1 183 ? -9.592  -7.310  -11.065 1.00 21.11 ? 220 ASP A CG  1 
ATOM 1192 O OD1 . ASP A 1 183 ? -8.964  -6.286  -10.724 1.00 21.11 ? 220 ASP A OD1 1 
ATOM 1193 O OD2 . ASP A 1 183 ? -9.402  -8.429  -10.548 1.00 21.11 ? 220 ASP A OD2 1 
ATOM 1194 N N   . PHE A 1 184 ? -11.992 -4.767  -9.919  1.00 18.93 ? 221 PHE A N   1 
ATOM 1195 C CA  . PHE A 1 184 ? -12.646 -4.632  -8.624  1.00 18.93 ? 221 PHE A CA  1 
ATOM 1196 C C   . PHE A 1 184 ? -14.154 -4.494  -8.799  1.00 18.93 ? 221 PHE A C   1 
ATOM 1197 O O   . PHE A 1 184 ? -14.626 -3.795  -9.700  1.00 18.93 ? 221 PHE A O   1 
ATOM 1198 C CB  . PHE A 1 184 ? -12.096 -3.423  -7.864  1.00 18.93 ? 221 PHE A CB  1 
ATOM 1199 C CG  . PHE A 1 184 ? -12.618 -3.306  -6.460  1.00 18.93 ? 221 PHE A CG  1 
ATOM 1200 C CD1 . PHE A 1 184 ? -12.005 -3.983  -5.422  1.00 18.93 ? 221 PHE A CD1 1 
ATOM 1201 C CD2 . PHE A 1 184 ? -13.726 -2.523  -6.180  1.00 18.93 ? 221 PHE A CD2 1 
ATOM 1202 C CE1 . PHE A 1 184 ? -12.484 -3.885  -4.133  1.00 18.93 ? 221 PHE A CE1 1 
ATOM 1203 C CE2 . PHE A 1 184 ? -14.209 -2.421  -4.893  1.00 18.93 ? 221 PHE A CE2 1 
ATOM 1204 C CZ  . PHE A 1 184 ? -13.587 -3.101  -3.867  1.00 18.93 ? 221 PHE A CZ  1 
ATOM 1205 N N   . GLU A 1 185 ? -14.911 -5.160  -7.927  1.00 19.22 ? 222 GLU A N   1 
ATOM 1206 C CA  . GLU A 1 185 ? -16.366 -5.116  -8.001  1.00 19.22 ? 222 GLU A CA  1 
ATOM 1207 C C   . GLU A 1 185 ? -16.966 -5.503  -6.656  1.00 19.22 ? 222 GLU A C   1 
ATOM 1208 O O   . GLU A 1 185 ? -16.312 -6.125  -5.815  1.00 19.22 ? 222 GLU A O   1 
ATOM 1209 C CB  . GLU A 1 185 ? -16.897 -6.041  -9.102  1.00 19.22 ? 222 GLU A CB  1 
ATOM 1210 C CG  . GLU A 1 185 ? -16.854 -7.517  -8.739  1.00 19.22 ? 222 GLU A CG  1 
ATOM 1211 C CD  . GLU A 1 185 ? -17.528 -8.398  -9.773  1.00 19.22 ? 222 GLU A CD  1 
ATOM 1212 O OE1 . GLU A 1 185 ? -17.614 -9.623  -9.545  1.00 19.22 ? 222 GLU A OE1 1 
ATOM 1213 O OE2 . GLU A 1 185 ? -17.976 -7.868  -10.812 1.00 19.22 ? 222 GLU A OE2 1 
ATOM 1214 N N   . PHE A 1 186 ? -18.230 -5.130  -6.474  1.00 17.93 ? 223 PHE A N   1 
ATOM 1215 C CA  . PHE A 1 186 ? -19.037 -5.527  -5.328  1.00 17.93 ? 223 PHE A CA  1 
ATOM 1216 C C   . PHE A 1 186 ? -20.115 -6.517  -5.760  1.00 17.93 ? 223 PHE A C   1 
ATOM 1217 O O   . PHE A 1 186 ? -20.529 -6.550  -6.920  1.00 17.93 ? 223 PHE A O   1 
ATOM 1218 C CB  . PHE A 1 186 ? -19.696 -4.312  -4.669  1.00 17.93 ? 223 PHE A CB  1 
ATOM 1219 C CG  . PHE A 1 186 ? -18.748 -3.436  -3.901  1.00 17.93 ? 223 PHE A CG  1 
ATOM 1220 C CD1 . PHE A 1 186 ? -18.342 -3.786  -2.625  1.00 17.93 ? 223 PHE A CD1 1 
ATOM 1221 C CD2 . PHE A 1 186 ? -18.288 -2.247  -4.442  1.00 17.93 ? 223 PHE A CD2 1 
ATOM 1222 C CE1 . PHE A 1 186 ? -17.482 -2.977  -1.910  1.00 17.93 ? 223 PHE A CE1 1 
ATOM 1223 C CE2 . PHE A 1 186 ? -17.427 -1.434  -3.732  1.00 17.93 ? 223 PHE A CE2 1 
ATOM 1224 C CZ  . PHE A 1 186 ? -17.023 -1.800  -2.464  1.00 17.93 ? 223 PHE A CZ  1 
ATOM 1225 N N   . VAL A 1 187 ? -20.575 -7.324  -4.803  1.00 18.79 ? 224 VAL A N   1 
ATOM 1226 C CA  . VAL A 1 187 ? -21.627 -8.304  -5.047  1.00 18.79 ? 224 VAL A CA  1 
ATOM 1227 C C   . VAL A 1 187 ? -22.616 -8.292  -3.887  1.00 18.79 ? 224 VAL A C   1 
ATOM 1228 O O   . VAL A 1 187 ? -22.324 -7.784  -2.801  1.00 18.79 ? 224 VAL A O   1 
ATOM 1229 C CB  . VAL A 1 187 ? -21.062 -9.731  -5.248  1.00 18.79 ? 224 VAL A CB  1 
ATOM 1230 C CG1 . VAL A 1 187 ? -20.381 -9.855  -6.603  1.00 18.79 ? 224 VAL A CG1 1 
ATOM 1231 C CG2 . VAL A 1 187 ? -20.105 -10.094 -4.124  1.00 18.79 ? 224 VAL A CG2 1 
ATOM 1232 N N   . MET A 1 188 ? -23.798 -8.865  -4.135  1.00 21.27 ? 225 MET A N   1 
ATOM 1233 C CA  . MET A 1 188 ? -24.786 -9.149  -3.097  1.00 21.27 ? 225 MET A CA  1 
ATOM 1234 C C   . MET A 1 188 ? -25.257 -7.909  -2.343  1.00 21.27 ? 225 MET A C   1 
ATOM 1235 O O   . MET A 1 188 ? -24.947 -7.745  -1.158  1.00 21.27 ? 225 MET A O   1 
ATOM 1236 C CB  . MET A 1 188 ? -24.227 -10.181 -2.114  1.00 21.27 ? 225 MET A CB  1 
ATOM 1237 C CG  . MET A 1 188 ? -24.295 -11.609 -2.631  1.00 21.27 ? 225 MET A CG  1 
ATOM 1238 S SD  . MET A 1 188 ? -22.868 -12.609 -2.178  1.00 21.27 ? 225 MET A SD  1 
ATOM 1239 C CE  . MET A 1 188 ? -23.262 -12.995 -0.476  1.00 21.27 ? 225 MET A CE  1 
ATOM 1240 N N   . ILE A 1 189 ? -25.985 -7.024  -3.031  1.00 21.57 ? 226 ILE A N   1 
ATOM 1241 C CA  . ILE A 1 189 ? -26.530 -5.830  -2.393  1.00 21.57 ? 226 ILE A CA  1 
ATOM 1242 C C   . ILE A 1 189 ? -27.343 -6.211  -1.160  1.00 21.57 ? 226 ILE A C   1 
ATOM 1243 O O   . ILE A 1 189 ? -27.991 -7.264  -1.112  1.00 21.57 ? 226 ILE A O   1 
ATOM 1244 C CB  . ILE A 1 189 ? -27.373 -5.028  -3.400  1.00 21.57 ? 226 ILE A CB  1 
ATOM 1245 C CG1 . ILE A 1 189 ? -27.681 -3.631  -2.856  1.00 21.57 ? 226 ILE A CG1 1 
ATOM 1246 C CG2 . ILE A 1 189 ? -28.655 -5.771  -3.756  1.00 21.57 ? 226 ILE A CG2 1 
ATOM 1247 C CD1 . ILE A 1 189 ? -28.735 -2.886  -3.636  1.00 21.57 ? 226 ILE A CD1 1 
ATOM 1248 N N   . ARG A 1 190 ? -27.289 -5.358  -0.139  1.00 24.98 ? 227 ARG A N   1 
ATOM 1249 C CA  . ARG A 1 190 ? -27.921 -5.614  1.147   1.00 24.98 ? 227 ARG A CA  1 
ATOM 1250 C C   . ARG A 1 190 ? -28.477 -4.315  1.715   1.00 24.98 ? 227 ARG A C   1 
ATOM 1251 O O   . ARG A 1 190 ? -28.146 -3.218  1.260   1.00 24.98 ? 227 ARG A O   1 
ATOM 1252 C CB  . ARG A 1 190 ? -26.933 -6.240  2.138   1.00 24.98 ? 227 ARG A CB  1 
ATOM 1253 C CG  . ARG A 1 190 ? -26.008 -5.229  2.792   1.00 24.98 ? 227 ARG A CG  1 
ATOM 1254 C CD  . ARG A 1 190 ? -24.912 -5.904  3.589   1.00 24.98 ? 227 ARG A CD  1 
ATOM 1255 N NE  . ARG A 1 190 ? -24.820 -5.357  4.936   1.00 24.98 ? 227 ARG A NE  1 
ATOM 1256 C CZ  . ARG A 1 190 ? -23.784 -4.672  5.398   1.00 24.98 ? 227 ARG A CZ  1 
ATOM 1257 N NH1 . ARG A 1 190 ? -22.720 -4.438  4.648   1.00 24.98 ? 227 ARG A NH1 1 
ATOM 1258 N NH2 . ARG A 1 190 ? -23.817 -4.208  6.644   1.00 24.98 ? 227 ARG A NH2 1 
ATOM 1259 N N   . ALA A 1 191 ? -29.334 -4.454  2.720   1.00 28.05 ? 228 ALA A N   1 
ATOM 1260 C CA  . ALA A 1 191 ? -29.910 -3.286  3.378   1.00 28.05 ? 228 ALA A CA  1 
ATOM 1261 C C   . ALA A 1 191 ? -28.821 -2.514  4.116   1.00 28.05 ? 228 ALA A C   1 
ATOM 1262 O O   . ALA A 1 191 ? -27.974 -3.126  4.776   1.00 28.05 ? 228 ALA A O   1 
ATOM 1263 C CB  . ALA A 1 191 ? -31.009 -3.706  4.348   1.00 28.05 ? 228 ALA A CB  1 
ATOM 1264 N N   . PRO A 1 192 ? -28.805 -1.181  4.027   1.00 28.94 ? 229 PRO A N   1 
ATOM 1265 C CA  . PRO A 1 192 ? -27.743 -0.409  4.695   1.00 28.94 ? 229 PRO A CA  1 
ATOM 1266 C C   . PRO A 1 192 ? -27.708 -0.576  6.206   1.00 28.94 ? 229 PRO A C   1 
ATOM 1267 O O   . PRO A 1 192 ? -26.632 -0.437  6.801   1.00 28.94 ? 229 PRO A O   1 
ATOM 1268 C CB  . PRO A 1 192 ? -28.064 1.040   4.302   1.00 28.94 ? 229 PRO A CB  1 
ATOM 1269 C CG  . PRO A 1 192 ? -28.888 0.927   3.059   1.00 28.94 ? 229 PRO A CG  1 
ATOM 1270 C CD  . PRO A 1 192 ? -29.694 -0.325  3.226   1.00 28.94 ? 229 PRO A CD  1 
ATOM 1271 N N   . SER A 1 193 ? -28.839 -0.868  6.846   1.00 32.67 ? 230 SER A N   1 
ATOM 1272 C CA  . SER A 1 193 ? -28.910 -0.959  8.299   1.00 32.67 ? 230 SER A CA  1 
ATOM 1273 C C   . SER A 1 193 ? -28.643 -2.362  8.830   1.00 32.67 ? 230 SER A C   1 
ATOM 1274 O O   . SER A 1 193 ? -28.721 -2.574  10.043  1.00 32.67 ? 230 SER A O   1 
ATOM 1275 C CB  . SER A 1 193 ? -30.279 -0.476  8.791   1.00 32.67 ? 230 SER A CB  1 
ATOM 1276 O OG  . SER A 1 193 ? -31.305 -1.378  8.412   1.00 32.67 ? 230 SER A OG  1 
ATOM 1277 N N   . SER A 1 194 ? -28.335 -3.321  7.961   1.00 32.64 ? 231 SER A N   1 
ATOM 1278 C CA  . SER A 1 194 ? -28.046 -4.672  8.411   1.00 32.64 ? 231 SER A CA  1 
ATOM 1279 C C   . SER A 1 194 ? -26.666 -4.740  9.060   1.00 32.64 ? 231 SER A C   1 
ATOM 1280 O O   . SER A 1 194 ? -25.840 -3.833  8.926   1.00 32.64 ? 231 SER A O   1 
ATOM 1281 C CB  . SER A 1 194 ? -28.128 -5.660  7.245   1.00 32.64 ? 231 SER A CB  1 
ATOM 1282 O OG  . SER A 1 194 ? -27.133 -5.389  6.274   1.00 32.64 ? 231 SER A OG  1 
ATOM 1283 N N   . LYS A 1 195 ? -26.424 -5.834  9.775   1.00 36.24 ? 232 LYS A N   1 
ATOM 1284 C CA  . LYS A 1 195 ? -25.165 -6.065  10.468  1.00 36.24 ? 232 LYS A CA  1 
ATOM 1285 C C   . LYS A 1 195 ? -24.489 -7.305  9.897   1.00 36.24 ? 232 LYS A C   1 
ATOM 1286 O O   . LYS A 1 195 ? -25.132 -8.341  9.705   1.00 36.24 ? 232 LYS A O   1 
ATOM 1287 C CB  . LYS A 1 195 ? -25.385 -6.238  11.975  1.00 36.24 ? 232 LYS A CB  1 
ATOM 1288 C CG  . LYS A 1 195 ? -26.109 -5.078  12.641  1.00 36.24 ? 232 LYS A CG  1 
ATOM 1289 C CD  . LYS A 1 195 ? -25.250 -3.826  12.680  1.00 36.24 ? 232 LYS A CD  1 
ATOM 1290 C CE  . LYS A 1 195 ? -25.952 -2.703  13.427  1.00 36.24 ? 232 LYS A CE  1 
ATOM 1291 N NZ  . LYS A 1 195 ? -25.145 -1.452  13.456  1.00 36.24 ? 232 LYS A NZ  1 
ATOM 1292 N N   . THR A 1 196 ? -23.192 -7.193  9.628   1.00 33.88 ? 233 THR A N   1 
ATOM 1293 C CA  . THR A 1 196 ? -22.433 -8.302  9.055   1.00 33.88 ? 233 THR A CA  1 
ATOM 1294 C C   . THR A 1 196 ? -22.232 -9.423  10.070  1.00 33.88 ? 233 THR A C   1 
ATOM 1295 O O   . THR A 1 196 ? -22.260 -9.192  11.278  1.00 33.88 ? 233 THR A O   1 
ATOM 1296 C CB  . THR A 1 196 ? -21.055 -7.843  8.542   1.00 33.88 ? 233 THR A CB  1 
ATOM 1297 O OG1 . THR A 1 196 ? -20.324 -7.225  9.609   1.00 33.88 ? 233 THR A OG1 1 
ATOM 1298 C CG2 . THR A 1 196 ? -21.215 -6.850  7.401   1.00 33.88 ? 233 THR A CG2 1 
# 
